data_1SKN
# 
_entry.id   1SKN 
# 
_audit_conform.dict_name       mmcif_pdbx.dic 
_audit_conform.dict_version    5.386 
_audit_conform.dict_location   http://mmcif.pdb.org/dictionaries/ascii/mmcif_pdbx.dic 
# 
loop_
_database_2.database_id 
_database_2.database_code 
_database_2.pdbx_database_accession 
_database_2.pdbx_DOI 
PDB   1SKN         pdb_00001skn 10.2210/pdb1skn/pdb 
RCSB  PDT064       ?            ?                   
WWPDB D_1000176400 ?            ?                   
# 
loop_
_pdbx_audit_revision_history.ordinal 
_pdbx_audit_revision_history.data_content_type 
_pdbx_audit_revision_history.major_revision 
_pdbx_audit_revision_history.minor_revision 
_pdbx_audit_revision_history.revision_date 
1 'Structure model' 1 0 1998-06-24 
2 'Structure model' 1 1 2008-05-22 
3 'Structure model' 1 2 2011-07-13 
4 'Structure model' 1 3 2019-07-17 
5 'Structure model' 1 4 2024-02-14 
# 
_pdbx_audit_revision_details.ordinal             1 
_pdbx_audit_revision_details.revision_ordinal    1 
_pdbx_audit_revision_details.data_content_type   'Structure model' 
_pdbx_audit_revision_details.provider            repository 
_pdbx_audit_revision_details.type                'Initial release' 
_pdbx_audit_revision_details.description         ? 
_pdbx_audit_revision_details.details             ? 
# 
loop_
_pdbx_audit_revision_group.ordinal 
_pdbx_audit_revision_group.revision_ordinal 
_pdbx_audit_revision_group.data_content_type 
_pdbx_audit_revision_group.group 
1 2 'Structure model' 'Version format compliance' 
2 3 'Structure model' 'Version format compliance' 
3 4 'Structure model' 'Data collection'           
4 4 'Structure model' 'Derived calculations'      
5 4 'Structure model' 'Refinement description'    
6 5 'Structure model' 'Data collection'           
7 5 'Structure model' 'Database references'       
8 5 'Structure model' 'Derived calculations'      
# 
loop_
_pdbx_audit_revision_category.ordinal 
_pdbx_audit_revision_category.revision_ordinal 
_pdbx_audit_revision_category.data_content_type 
_pdbx_audit_revision_category.category 
1 4 'Structure model' pdbx_struct_special_symmetry 
2 4 'Structure model' software                     
3 5 'Structure model' chem_comp_atom               
4 5 'Structure model' chem_comp_bond               
5 5 'Structure model' database_2                   
6 5 'Structure model' struct_site                  
# 
loop_
_pdbx_audit_revision_item.ordinal 
_pdbx_audit_revision_item.revision_ordinal 
_pdbx_audit_revision_item.data_content_type 
_pdbx_audit_revision_item.item 
1 4 'Structure model' '_software.name'                      
2 5 'Structure model' '_database_2.pdbx_DOI'                
3 5 'Structure model' '_database_2.pdbx_database_accession' 
4 5 'Structure model' '_struct_site.pdbx_auth_asym_id'      
5 5 'Structure model' '_struct_site.pdbx_auth_comp_id'      
6 5 'Structure model' '_struct_site.pdbx_auth_seq_id'       
# 
_pdbx_database_status.status_code                     REL 
_pdbx_database_status.entry_id                        1SKN 
_pdbx_database_status.recvd_initial_deposition_date   1998-03-30 
_pdbx_database_status.deposit_site                    BNL 
_pdbx_database_status.process_site                    NDB 
_pdbx_database_status.SG_entry                        ? 
_pdbx_database_status.status_code_sf                  REL 
_pdbx_database_status.status_code_mr                  ? 
_pdbx_database_status.pdb_format_compatible           Y 
_pdbx_database_status.status_code_cs                  ? 
_pdbx_database_status.methods_development_category    ? 
_pdbx_database_status.status_code_nmr_data            ? 
# 
loop_
_audit_author.name 
_audit_author.pdbx_ordinal 
'Rupert, P.B.'     1 
'Daughdrill, G.W.' 2 
'Bowerman, B.'     3 
'Matthews, B.W.'   4 
# 
_citation.id                        primary 
_citation.title                     'A new DNA-binding motif in the Skn-1 binding domain-DNA complex.' 
_citation.journal_abbrev            Nat.Struct.Biol. 
_citation.journal_volume            5 
_citation.page_first                484 
_citation.page_last                 491 
_citation.year                      1998 
_citation.journal_id_ASTM           NSBIEW 
_citation.country                   US 
_citation.journal_id_ISSN           1072-8368 
_citation.journal_id_CSD            2024 
_citation.book_publisher            ? 
_citation.pdbx_database_id_PubMed   9628487 
_citation.pdbx_database_id_DOI      10.1038/nsb0698-484 
# 
loop_
_citation_author.citation_id 
_citation_author.name 
_citation_author.ordinal 
_citation_author.identifier_ORCID 
primary 'Rupert, P.B.'     1 ? 
primary 'Daughdrill, G.W.' 2 ? 
primary 'Bowerman, B.'     3 ? 
primary 'Matthews, B.W.'   4 ? 
# 
loop_
_entity.id 
_entity.type 
_entity.src_method 
_entity.pdbx_description 
_entity.formula_weight 
_entity.pdbx_number_of_molecules 
_entity.pdbx_ec 
_entity.pdbx_mutation 
_entity.pdbx_fragment 
_entity.details 
1 polymer     syn 
;DNA (5'-D(*TP*GP*AP*CP*AP*AP*TP*GP*TP*CP*AP*TP*CP*CP*C)-3')
;
4528.961  1  ? ? ?                ? 
2 polymer     syn 
;DNA (5'-D(*CP*AP*GP*GP*GP*AP*TP*GP*AP*CP*AP*TP*TP*GP*T)-3')
;
4649.033  1  ? ? ?                ? 
3 polymer     man 'DNA-BINDING DOMAIN OF SKN-1'                                 10996.467 1  ? ? 'BINDING DOMAIN' ? 
4 non-polymer syn 'LAURYL DIMETHYLAMINE-N-OXIDE'                                229.402   1  ? ? ?                ? 
5 water       nat water                                                         18.015    28 ? ? ?                ? 
# 
loop_
_entity_name_com.entity_id 
_entity_name_com.name 
3 'DNA-BINDING DOMAIN OF TRANSCRIPTION FACTOR SKN-1' 
4 'LAURYL DIMETHYLAMINE-OXIDE'                       
5 WATER                                              
# 
loop_
_entity_poly.entity_id 
_entity_poly.type 
_entity_poly.nstd_linkage 
_entity_poly.nstd_monomer 
_entity_poly.pdbx_seq_one_letter_code 
_entity_poly.pdbx_seq_one_letter_code_can 
_entity_poly.pdbx_strand_id 
_entity_poly.pdbx_target_identifier 
1 polydeoxyribonucleotide no no '(DT)(DG)(DA)(DC)(DA)(DA)(DT)(DG)(DT)(DC)(DA)(DT)(DC)(DC)(DC)'                                  
TGACAATGTCATCCC                                                                                 A ? 
2 polydeoxyribonucleotide no no '(DC)(DA)(DG)(DG)(DG)(DA)(DT)(DG)(DA)(DC)(DA)(DT)(DT)(DG)(DT)'                                  
CAGGGATGACATTGT                                                                                 B ? 
3 'polypeptide(L)'        no no 
;MGHHHHHHSGQRKRGRQSKDEQLASDNELPVSAFQISEMSLSELQQVLKNESLSEYQRQLIRKIRRRGKNKVAARTCRQR
RTDRHDKMSHYI
;
;MGHHHHHHSGQRKRGRQSKDEQLASDNELPVSAFQISEMSLSELQQVLKNESLSEYQRQLIRKIRRRGKNKVAARTCRQR
RTDRHDKMSHYI
;
P ? 
# 
loop_
_pdbx_entity_nonpoly.entity_id 
_pdbx_entity_nonpoly.name 
_pdbx_entity_nonpoly.comp_id 
4 'LAURYL DIMETHYLAMINE-N-OXIDE' LDA 
5 water                          HOH 
# 
loop_
_entity_poly_seq.entity_id 
_entity_poly_seq.num 
_entity_poly_seq.mon_id 
_entity_poly_seq.hetero 
1 1  DT  n 
1 2  DG  n 
1 3  DA  n 
1 4  DC  n 
1 5  DA  n 
1 6  DA  n 
1 7  DT  n 
1 8  DG  n 
1 9  DT  n 
1 10 DC  n 
1 11 DA  n 
1 12 DT  n 
1 13 DC  n 
1 14 DC  n 
1 15 DC  n 
2 1  DC  n 
2 2  DA  n 
2 3  DG  n 
2 4  DG  n 
2 5  DG  n 
2 6  DA  n 
2 7  DT  n 
2 8  DG  n 
2 9  DA  n 
2 10 DC  n 
2 11 DA  n 
2 12 DT  n 
2 13 DT  n 
2 14 DG  n 
2 15 DT  n 
3 1  MET n 
3 2  GLY n 
3 3  HIS n 
3 4  HIS n 
3 5  HIS n 
3 6  HIS n 
3 7  HIS n 
3 8  HIS n 
3 9  SER n 
3 10 GLY n 
3 11 GLN n 
3 12 ARG n 
3 13 LYS n 
3 14 ARG n 
3 15 GLY n 
3 16 ARG n 
3 17 GLN n 
3 18 SER n 
3 19 LYS n 
3 20 ASP n 
3 21 GLU n 
3 22 GLN n 
3 23 LEU n 
3 24 ALA n 
3 25 SER n 
3 26 ASP n 
3 27 ASN n 
3 28 GLU n 
3 29 LEU n 
3 30 PRO n 
3 31 VAL n 
3 32 SER n 
3 33 ALA n 
3 34 PHE n 
3 35 GLN n 
3 36 ILE n 
3 37 SER n 
3 38 GLU n 
3 39 MET n 
3 40 SER n 
3 41 LEU n 
3 42 SER n 
3 43 GLU n 
3 44 LEU n 
3 45 GLN n 
3 46 GLN n 
3 47 VAL n 
3 48 LEU n 
3 49 LYS n 
3 50 ASN n 
3 51 GLU n 
3 52 SER n 
3 53 LEU n 
3 54 SER n 
3 55 GLU n 
3 56 TYR n 
3 57 GLN n 
3 58 ARG n 
3 59 GLN n 
3 60 LEU n 
3 61 ILE n 
3 62 ARG n 
3 63 LYS n 
3 64 ILE n 
3 65 ARG n 
3 66 ARG n 
3 67 ARG n 
3 68 GLY n 
3 69 LYS n 
3 70 ASN n 
3 71 LYS n 
3 72 VAL n 
3 73 ALA n 
3 74 ALA n 
3 75 ARG n 
3 76 THR n 
3 77 CYS n 
3 78 ARG n 
3 79 GLN n 
3 80 ARG n 
3 81 ARG n 
3 82 THR n 
3 83 ASP n 
3 84 ARG n 
3 85 HIS n 
3 86 ASP n 
3 87 LYS n 
3 88 MET n 
3 89 SER n 
3 90 HIS n 
3 91 TYR n 
3 92 ILE n 
# 
_entity_src_gen.entity_id                          3 
_entity_src_gen.pdbx_src_id                        1 
_entity_src_gen.pdbx_alt_source_flag               sample 
_entity_src_gen.pdbx_seq_type                      ? 
_entity_src_gen.pdbx_beg_seq_num                   ? 
_entity_src_gen.pdbx_end_seq_num                   ? 
_entity_src_gen.gene_src_common_name               ? 
_entity_src_gen.gene_src_genus                     Caenorhabditis 
_entity_src_gen.pdbx_gene_src_gene                 SKN-1 
_entity_src_gen.gene_src_species                   ? 
_entity_src_gen.gene_src_strain                    ? 
_entity_src_gen.gene_src_tissue                    ? 
_entity_src_gen.gene_src_tissue_fraction           ? 
_entity_src_gen.gene_src_details                   ? 
_entity_src_gen.pdbx_gene_src_fragment             ? 
_entity_src_gen.pdbx_gene_src_scientific_name      'Caenorhabditis elegans' 
_entity_src_gen.pdbx_gene_src_ncbi_taxonomy_id     6239 
_entity_src_gen.pdbx_gene_src_variant              ? 
_entity_src_gen.pdbx_gene_src_cell_line            ? 
_entity_src_gen.pdbx_gene_src_atcc                 ? 
_entity_src_gen.pdbx_gene_src_organ                ? 
_entity_src_gen.pdbx_gene_src_organelle            ? 
_entity_src_gen.pdbx_gene_src_cell                 ? 
_entity_src_gen.pdbx_gene_src_cellular_location    NUCLEUS 
_entity_src_gen.host_org_common_name               ? 
_entity_src_gen.pdbx_host_org_scientific_name      'Escherichia coli BL21(DE3)' 
_entity_src_gen.pdbx_host_org_ncbi_taxonomy_id     469008 
_entity_src_gen.host_org_genus                     Escherichia 
_entity_src_gen.pdbx_host_org_gene                 ? 
_entity_src_gen.pdbx_host_org_organ                ? 
_entity_src_gen.host_org_species                   'Escherichia coli' 
_entity_src_gen.pdbx_host_org_tissue               ? 
_entity_src_gen.pdbx_host_org_tissue_fraction      ? 
_entity_src_gen.pdbx_host_org_strain               'BL21 (DE3)' 
_entity_src_gen.pdbx_host_org_variant              ? 
_entity_src_gen.pdbx_host_org_cell_line            ? 
_entity_src_gen.pdbx_host_org_atcc                 ? 
_entity_src_gen.pdbx_host_org_culture_collection   ? 
_entity_src_gen.pdbx_host_org_cell                 ? 
_entity_src_gen.pdbx_host_org_organelle            ? 
_entity_src_gen.pdbx_host_org_cellular_location    ? 
_entity_src_gen.pdbx_host_org_vector_type          ? 
_entity_src_gen.pdbx_host_org_vector               ? 
_entity_src_gen.host_org_details                   ? 
_entity_src_gen.expression_system_id               ? 
_entity_src_gen.plasmid_name                       PET28B 
_entity_src_gen.plasmid_details                    ? 
_entity_src_gen.pdbx_description                   ? 
# 
loop_
_chem_comp.id 
_chem_comp.type 
_chem_comp.mon_nstd_flag 
_chem_comp.name 
_chem_comp.pdbx_synonyms 
_chem_comp.formula 
_chem_comp.formula_weight 
ALA 'L-peptide linking' y ALANINE                              ? 'C3 H7 N O2'      89.093  
ARG 'L-peptide linking' y ARGININE                             ? 'C6 H15 N4 O2 1'  175.209 
ASN 'L-peptide linking' y ASPARAGINE                           ? 'C4 H8 N2 O3'     132.118 
ASP 'L-peptide linking' y 'ASPARTIC ACID'                      ? 'C4 H7 N O4'      133.103 
CYS 'L-peptide linking' y CYSTEINE                             ? 'C3 H7 N O2 S'    121.158 
DA  'DNA linking'       y "2'-DEOXYADENOSINE-5'-MONOPHOSPHATE" ? 'C10 H14 N5 O6 P' 331.222 
DC  'DNA linking'       y "2'-DEOXYCYTIDINE-5'-MONOPHOSPHATE"  ? 'C9 H14 N3 O7 P'  307.197 
DG  'DNA linking'       y "2'-DEOXYGUANOSINE-5'-MONOPHOSPHATE" ? 'C10 H14 N5 O7 P' 347.221 
DT  'DNA linking'       y "THYMIDINE-5'-MONOPHOSPHATE"         ? 'C10 H15 N2 O8 P' 322.208 
GLN 'L-peptide linking' y GLUTAMINE                            ? 'C5 H10 N2 O3'    146.144 
GLU 'L-peptide linking' y 'GLUTAMIC ACID'                      ? 'C5 H9 N O4'      147.129 
GLY 'peptide linking'   y GLYCINE                              ? 'C2 H5 N O2'      75.067  
HIS 'L-peptide linking' y HISTIDINE                            ? 'C6 H10 N3 O2 1'  156.162 
HOH non-polymer         . WATER                                ? 'H2 O'            18.015  
ILE 'L-peptide linking' y ISOLEUCINE                           ? 'C6 H13 N O2'     131.173 
LDA non-polymer         . 'LAURYL DIMETHYLAMINE-N-OXIDE'       ? 'C14 H31 N O'     229.402 
LEU 'L-peptide linking' y LEUCINE                              ? 'C6 H13 N O2'     131.173 
LYS 'L-peptide linking' y LYSINE                               ? 'C6 H15 N2 O2 1'  147.195 
MET 'L-peptide linking' y METHIONINE                           ? 'C5 H11 N O2 S'   149.211 
PHE 'L-peptide linking' y PHENYLALANINE                        ? 'C9 H11 N O2'     165.189 
PRO 'L-peptide linking' y PROLINE                              ? 'C5 H9 N O2'      115.130 
SER 'L-peptide linking' y SERINE                               ? 'C3 H7 N O3'      105.093 
THR 'L-peptide linking' y THREONINE                            ? 'C4 H9 N O3'      119.119 
TYR 'L-peptide linking' y TYROSINE                             ? 'C9 H11 N O3'     181.189 
VAL 'L-peptide linking' y VALINE                               ? 'C5 H11 N O2'     117.146 
# 
loop_
_pdbx_poly_seq_scheme.asym_id 
_pdbx_poly_seq_scheme.entity_id 
_pdbx_poly_seq_scheme.seq_id 
_pdbx_poly_seq_scheme.mon_id 
_pdbx_poly_seq_scheme.ndb_seq_num 
_pdbx_poly_seq_scheme.pdb_seq_num 
_pdbx_poly_seq_scheme.auth_seq_num 
_pdbx_poly_seq_scheme.pdb_mon_id 
_pdbx_poly_seq_scheme.auth_mon_id 
_pdbx_poly_seq_scheme.pdb_strand_id 
_pdbx_poly_seq_scheme.pdb_ins_code 
_pdbx_poly_seq_scheme.hetero 
A 1 1  DT  1  1   1   DT  T   A . n 
A 1 2  DG  2  2   2   DG  G   A . n 
A 1 3  DA  3  3   3   DA  A   A . n 
A 1 4  DC  4  4   4   DC  C   A . n 
A 1 5  DA  5  5   5   DA  A   A . n 
A 1 6  DA  6  6   6   DA  A   A . n 
A 1 7  DT  7  7   7   DT  T   A . n 
A 1 8  DG  8  8   8   DG  G   A . n 
A 1 9  DT  9  9   9   DT  T   A . n 
A 1 10 DC  10 10  10  DC  C   A . n 
A 1 11 DA  11 11  11  DA  A   A . n 
A 1 12 DT  12 12  12  DT  T   A . n 
A 1 13 DC  13 13  13  DC  C   A . n 
A 1 14 DC  14 14  14  DC  C   A . n 
A 1 15 DC  15 15  15  DC  C   A . n 
B 2 1  DC  1  1   1   DC  C   B . n 
B 2 2  DA  2  2   2   DA  A   B . n 
B 2 3  DG  3  3   3   DG  G   B . n 
B 2 4  DG  4  4   4   DG  G   B . n 
B 2 5  DG  5  5   5   DG  G   B . n 
B 2 6  DA  6  6   6   DA  A   B . n 
B 2 7  DT  7  7   7   DT  T   B . n 
B 2 8  DG  8  8   8   DG  G   B . n 
B 2 9  DA  9  9   9   DA  A   B . n 
B 2 10 DC  10 10  10  DC  C   B . n 
B 2 11 DA  11 11  11  DA  A   B . n 
B 2 12 DT  12 12  12  DT  T   B . n 
B 2 13 DT  13 13  13  DT  T   B . n 
B 2 14 DG  14 14  14  DG  G   B . n 
B 2 15 DT  15 15  15  DT  T   B . n 
C 3 1  MET 1  442 ?   ?   ?   P . n 
C 3 2  GLY 2  443 ?   ?   ?   P . n 
C 3 3  HIS 3  444 ?   ?   ?   P . n 
C 3 4  HIS 4  445 ?   ?   ?   P . n 
C 3 5  HIS 5  446 ?   ?   ?   P . n 
C 3 6  HIS 6  447 ?   ?   ?   P . n 
C 3 7  HIS 7  448 ?   ?   ?   P . n 
C 3 8  HIS 8  449 ?   ?   ?   P . n 
C 3 9  SER 9  450 ?   ?   ?   P . n 
C 3 10 GLY 10 451 ?   ?   ?   P . n 
C 3 11 GLN 11 452 ?   ?   ?   P . n 
C 3 12 ARG 12 453 ?   ?   ?   P . n 
C 3 13 LYS 13 454 ?   ?   ?   P . n 
C 3 14 ARG 14 455 ?   ?   ?   P . n 
C 3 15 GLY 15 456 456 GLY GLY P . n 
C 3 16 ARG 16 457 457 ARG ARG P . n 
C 3 17 GLN 17 458 458 GLN GLN P . n 
C 3 18 SER 18 459 459 SER SER P . n 
C 3 19 LYS 19 460 460 LYS LYS P . n 
C 3 20 ASP 20 461 461 ASP ASP P . n 
C 3 21 GLU 21 462 462 GLU GLU P . n 
C 3 22 GLN 22 463 463 GLN GLN P . n 
C 3 23 LEU 23 464 464 LEU LEU P . n 
C 3 24 ALA 24 465 465 ALA ALA P . n 
C 3 25 SER 25 466 466 SER SER P . n 
C 3 26 ASP 26 467 467 ASP ASP P . n 
C 3 27 ASN 27 468 468 ASN ASN P . n 
C 3 28 GLU 28 469 469 GLU GLU P . n 
C 3 29 LEU 29 470 470 LEU LEU P . n 
C 3 30 PRO 30 471 471 PRO PRO P . n 
C 3 31 VAL 31 472 472 VAL VAL P . n 
C 3 32 SER 32 473 473 SER SER P . n 
C 3 33 ALA 33 474 474 ALA ALA P . n 
C 3 34 PHE 34 475 475 PHE PHE P . n 
C 3 35 GLN 35 476 476 GLN GLN P . n 
C 3 36 ILE 36 477 477 ILE ILE P . n 
C 3 37 SER 37 478 478 SER SER P . n 
C 3 38 GLU 38 479 479 GLU GLU P . n 
C 3 39 MET 39 480 480 MET MET P . n 
C 3 40 SER 40 481 481 SER SER P . n 
C 3 41 LEU 41 482 482 LEU LEU P . n 
C 3 42 SER 42 483 483 SER SER P . n 
C 3 43 GLU 43 484 484 GLU GLU P . n 
C 3 44 LEU 44 485 485 LEU LEU P . n 
C 3 45 GLN 45 486 486 GLN GLN P . n 
C 3 46 GLN 46 487 487 GLN GLN P . n 
C 3 47 VAL 47 488 488 VAL VAL P . n 
C 3 48 LEU 48 489 489 LEU LEU P . n 
C 3 49 LYS 49 490 490 LYS LYS P . n 
C 3 50 ASN 50 491 491 ASN ASN P . n 
C 3 51 GLU 51 492 492 GLU GLU P . n 
C 3 52 SER 52 493 493 SER SER P . n 
C 3 53 LEU 53 494 494 LEU LEU P . n 
C 3 54 SER 54 495 495 SER SER P . n 
C 3 55 GLU 55 496 496 GLU GLU P . n 
C 3 56 TYR 56 497 497 TYR TYR P . n 
C 3 57 GLN 57 498 498 GLN GLN P . n 
C 3 58 ARG 58 499 499 ARG ARG P . n 
C 3 59 GLN 59 500 500 GLN GLN P . n 
C 3 60 LEU 60 501 501 LEU LEU P . n 
C 3 61 ILE 61 502 502 ILE ILE P . n 
C 3 62 ARG 62 503 503 ARG ARG P . n 
C 3 63 LYS 63 504 504 LYS LYS P . n 
C 3 64 ILE 64 505 505 ILE ILE P . n 
C 3 65 ARG 65 506 506 ARG ARG P . n 
C 3 66 ARG 66 507 507 ARG ARG P . n 
C 3 67 ARG 67 508 508 ARG ARG P . n 
C 3 68 GLY 68 509 509 GLY GLY P . n 
C 3 69 LYS 69 510 510 LYS LYS P . n 
C 3 70 ASN 70 511 511 ASN ASN P . n 
C 3 71 LYS 71 512 512 LYS LYS P . n 
C 3 72 VAL 72 513 513 VAL VAL P . n 
C 3 73 ALA 73 514 514 ALA ALA P . n 
C 3 74 ALA 74 515 515 ALA ALA P . n 
C 3 75 ARG 75 516 516 ARG ARG P . n 
C 3 76 THR 76 517 517 THR THR P . n 
C 3 77 CYS 77 518 518 CYS CYS P . n 
C 3 78 ARG 78 519 519 ARG ARG P . n 
C 3 79 GLN 79 520 520 GLN GLN P . n 
C 3 80 ARG 80 521 521 ARG ARG P . n 
C 3 81 ARG 81 522 522 ARG ARG P . n 
C 3 82 THR 82 523 523 THR THR P . n 
C 3 83 ASP 83 524 524 ASP ASP P . n 
C 3 84 ARG 84 525 525 ARG ARG P . n 
C 3 85 HIS 85 526 526 HIS HIS P . n 
C 3 86 ASP 86 527 527 ASP ASP P . n 
C 3 87 LYS 87 528 528 LYS LYS P . n 
C 3 88 MET 88 529 529 MET MET P . n 
C 3 89 SER 89 530 ?   ?   ?   P . n 
C 3 90 HIS 90 531 ?   ?   ?   P . n 
C 3 91 TYR 91 532 ?   ?   ?   P . n 
C 3 92 ILE 92 533 ?   ?   ?   P . n 
# 
loop_
_pdbx_nonpoly_scheme.asym_id 
_pdbx_nonpoly_scheme.entity_id 
_pdbx_nonpoly_scheme.mon_id 
_pdbx_nonpoly_scheme.ndb_seq_num 
_pdbx_nonpoly_scheme.pdb_seq_num 
_pdbx_nonpoly_scheme.auth_seq_num 
_pdbx_nonpoly_scheme.pdb_mon_id 
_pdbx_nonpoly_scheme.auth_mon_id 
_pdbx_nonpoly_scheme.pdb_strand_id 
_pdbx_nonpoly_scheme.pdb_ins_code 
D 4 LDA 1  16  16  LDA LDA P . 
E 5 HOH 1  101 101 HOH HOH A . 
E 5 HOH 2  105 105 HOH HOH A . 
E 5 HOH 3  108 108 HOH HOH A . 
E 5 HOH 4  109 109 HOH HOH A . 
E 5 HOH 5  117 117 HOH HOH A . 
E 5 HOH 6  121 121 HOH HOH A . 
E 5 HOH 7  123 123 HOH HOH A . 
F 5 HOH 1  106 106 HOH HOH B . 
F 5 HOH 2  110 110 HOH HOH B . 
F 5 HOH 3  116 116 HOH HOH B . 
F 5 HOH 4  125 125 HOH HOH B . 
G 5 HOH 1  102 102 HOH HOH P . 
G 5 HOH 2  103 103 HOH HOH P . 
G 5 HOH 3  104 104 HOH HOH P . 
G 5 HOH 4  107 107 HOH HOH P . 
G 5 HOH 5  111 111 HOH HOH P . 
G 5 HOH 6  112 112 HOH HOH P . 
G 5 HOH 7  113 113 HOH HOH P . 
G 5 HOH 8  114 114 HOH HOH P . 
G 5 HOH 9  115 115 HOH HOH P . 
G 5 HOH 10 118 118 HOH HOH P . 
G 5 HOH 11 119 119 HOH HOH P . 
G 5 HOH 12 120 120 HOH HOH P . 
G 5 HOH 13 122 122 HOH HOH P . 
G 5 HOH 14 124 124 HOH HOH P . 
G 5 HOH 15 126 126 HOH HOH P . 
G 5 HOH 16 127 127 HOH HOH P . 
G 5 HOH 17 128 128 HOH HOH P . 
# 
loop_
_software.name 
_software.classification 
_software.version 
_software.citation_id 
_software.pdbx_ordinal 
TNT       refinement       . ? 1 
XTALVIEW  refinement       . ? 2 
DENZO     'data reduction' . ? 3 
SCALEPACK 'data scaling'   . ? 4 
# 
_cell.entry_id           1SKN 
_cell.length_a           82.130 
_cell.length_b           93.390 
_cell.length_c           53.450 
_cell.angle_alpha        90.00 
_cell.angle_beta         90.00 
_cell.angle_gamma        90.00 
_cell.Z_PDB              8 
_cell.pdbx_unique_axis   ? 
_cell.length_a_esd       ? 
_cell.length_b_esd       ? 
_cell.length_c_esd       ? 
_cell.angle_alpha_esd    ? 
_cell.angle_beta_esd     ? 
_cell.angle_gamma_esd    ? 
# 
_symmetry.entry_id                         1SKN 
_symmetry.space_group_name_H-M             'C 2 2 21' 
_symmetry.pdbx_full_space_group_name_H-M   ? 
_symmetry.cell_setting                     orthorhombic 
_symmetry.Int_Tables_number                20 
_symmetry.space_group_name_Hall            ? 
# 
_exptl.entry_id          1SKN 
_exptl.method            'X-RAY DIFFRACTION' 
_exptl.crystals_number   1 
# 
_exptl_crystal.id                    1 
_exptl_crystal.density_meas          ? 
_exptl_crystal.density_Matthews      2.50 
_exptl_crystal.density_percent_sol   45.0000 
_exptl_crystal.description           ? 
_exptl_crystal.F_000                 ? 
_exptl_crystal.preparation           ? 
# 
_exptl_crystal_grow.crystal_id      1 
_exptl_crystal_grow.method          'VAPOR DIFFUSION, HANGING DROP' 
_exptl_crystal_grow.temp            277.00 
_exptl_crystal_grow.temp_details    ? 
_exptl_crystal_grow.pH              6.0 
_exptl_crystal_grow.pdbx_details    
;PROTEIN WAS CRYSTALLIZED FROM 8% PEG 1000 50 MM BIS-TRIS, PH 6.0, 100-150 MM LICL, 2MM LDAO., VAPOR DIFFUSION, HANGING DROP, temperature 277.00K
;
_exptl_crystal_grow.pdbx_pH_range   ? 
# 
loop_
_exptl_crystal_grow_comp.crystal_id 
_exptl_crystal_grow_comp.id 
_exptl_crystal_grow_comp.sol_id 
_exptl_crystal_grow_comp.name 
_exptl_crystal_grow_comp.volume 
_exptl_crystal_grow_comp.conc 
_exptl_crystal_grow_comp.details 
1 1 1 'PEG 1000' ? ? ? 
1 2 1 LICL       ? ? ? 
1 3 1 BIS-TRIS   ? ? ? 
1 4 1 LDAO       ? ? ? 
1 5 2 'PEG 1000' ? ? ? 
1 6 2 LICL       ? ? ? 
1 7 2 BIS-TRIS   ? ? ? 
# 
_diffrn.id                     1 
_diffrn.ambient_temp           100.00 
_diffrn.ambient_temp_details   ? 
_diffrn.crystal_id             1 
# 
_diffrn_detector.diffrn_id              1 
_diffrn_detector.detector               'IMAGE PLATE' 
_diffrn_detector.type                   MARRESEARCH 
_diffrn_detector.pdbx_collection_date   1997-03-15 
_diffrn_detector.details                ? 
# 
_diffrn_radiation.diffrn_id                        1 
_diffrn_radiation.wavelength_id                    1 
_diffrn_radiation.pdbx_monochromatic_or_laue_m_l   M 
_diffrn_radiation.monochromator                    ? 
_diffrn_radiation.pdbx_diffrn_protocol             ? 
_diffrn_radiation.pdbx_scattering_type             x-ray 
# 
_diffrn_radiation_wavelength.id           1 
_diffrn_radiation_wavelength.wavelength   . 
_diffrn_radiation_wavelength.wt           1.0 
# 
_diffrn_source.diffrn_id                   1 
_diffrn_source.source                      SYNCHROTRON 
_diffrn_source.type                        'SSRL BEAMLINE BL7-1' 
_diffrn_source.pdbx_synchrotron_site       SSRL 
_diffrn_source.pdbx_synchrotron_beamline   BL7-1 
_diffrn_source.pdbx_wavelength             ? 
_diffrn_source.pdbx_wavelength_list        ? 
# 
_reflns.entry_id                     1SKN 
_reflns.observed_criterion_sigma_I   ? 
_reflns.observed_criterion_sigma_F   ? 
_reflns.d_resolution_low             20.000 
_reflns.d_resolution_high            2.500 
_reflns.number_obs                   7202 
_reflns.number_all                   ? 
_reflns.percent_possible_obs         94.800 
_reflns.pdbx_Rmerge_I_obs            0.0380000 
_reflns.pdbx_Rsym_value              0.0380000 
_reflns.pdbx_netI_over_sigmaI        ? 
_reflns.B_iso_Wilson_estimate        38.40 
_reflns.pdbx_redundancy              6.900 
_reflns.R_free_details               ? 
_reflns.pdbx_chi_squared             ? 
_reflns.pdbx_scaling_rejects         ? 
_reflns.pdbx_diffrn_id               1 
_reflns.pdbx_ordinal                 1 
# 
_reflns_shell.d_res_high             2.500 
_reflns_shell.d_res_low              2.570 
_reflns_shell.percent_possible_all   100.0 
_reflns_shell.Rmerge_I_obs           0.1160000 
_reflns_shell.pdbx_Rsym_value        ? 
_reflns_shell.meanI_over_sigI_obs    ? 
_reflns_shell.pdbx_redundancy        6.900 
_reflns_shell.percent_possible_obs   ? 
_reflns_shell.number_unique_all      ? 
_reflns_shell.number_measured_all    ? 
_reflns_shell.number_measured_obs    ? 
_reflns_shell.number_unique_obs      ? 
_reflns_shell.pdbx_chi_squared       ? 
_reflns_shell.pdbx_diffrn_id         ? 
_reflns_shell.pdbx_ordinal           1 
# 
_refine.entry_id                                 1SKN 
_refine.ls_number_reflns_obs                     6450 
_refine.ls_number_reflns_all                     7202 
_refine.pdbx_ls_sigma_I                          ? 
_refine.pdbx_ls_sigma_F                          ? 
_refine.pdbx_data_cutoff_high_absF               ? 
_refine.pdbx_data_cutoff_low_absF                ? 
_refine.pdbx_data_cutoff_high_rms_absF           ? 
_refine.ls_d_res_low                             20.000 
_refine.ls_d_res_high                            2.500 
_refine.ls_percent_reflns_obs                    97.500 
_refine.ls_R_factor_obs                          0.2400000 
_refine.ls_R_factor_all                          0.2400000 
_refine.ls_R_factor_R_work                       0.2200000 
_refine.ls_R_factor_R_free                       0.3370000 
_refine.ls_R_factor_R_free_error                 ? 
_refine.ls_R_factor_R_free_error_details         ? 
_refine.ls_percent_reflns_R_free                 10.000 
_refine.ls_number_reflns_R_free                  752 
_refine.ls_number_parameters                     ? 
_refine.ls_number_restraints                     ? 
_refine.occupancy_min                            ? 
_refine.occupancy_max                            ? 
_refine.B_iso_mean                               ? 
_refine.aniso_B[1][1]                            ? 
_refine.aniso_B[2][2]                            ? 
_refine.aniso_B[3][3]                            ? 
_refine.aniso_B[1][2]                            ? 
_refine.aniso_B[1][3]                            ? 
_refine.aniso_B[2][3]                            ? 
_refine.solvent_model_details                    'TNT 5F' 
_refine.solvent_model_param_ksol                 0.800 
_refine.solvent_model_param_bsol                 110.0 
_refine.pdbx_ls_cross_valid_method               THROUGHOUT 
_refine.details                                  
;THE SHORT CONTACTS LISTED IN REMARK 500 ARE THE RESULT OF
THE LAURYLDIMETHYLAMINEOXIDE (LDA) MOLECULE MODELED ON A
TWO-FOLD AXIS AT HALF OCCUPANCY.  THIS LDA MOLECULE WAS
EXCLUDED FROM MAKING BAD CONTACTS WITH A SYMMETRY-RELATED
COPY OF ITSELF IN THE TNT REFINEMENT PROTOCOL.
;
_refine.pdbx_starting_model                      ? 
_refine.pdbx_method_to_determine_struct          MIRAS 
_refine.pdbx_isotropic_thermal_model             ? 
_refine.pdbx_stereochemistry_target_values       ? 
_refine.pdbx_stereochem_target_val_spec_case     ? 
_refine.pdbx_R_Free_selection_details            RANDOM 
_refine.pdbx_overall_ESU_R                       ? 
_refine.pdbx_overall_ESU_R_Free                  ? 
_refine.overall_SU_ML                            ? 
_refine.overall_SU_B                             ? 
_refine.pdbx_refine_id                           'X-RAY DIFFRACTION' 
_refine.ls_redundancy_reflns_obs                 ? 
_refine.pdbx_overall_phase_error                 ? 
_refine.correlation_coeff_Fo_to_Fc               ? 
_refine.correlation_coeff_Fo_to_Fc_free          ? 
_refine.pdbx_solvent_vdw_probe_radii             ? 
_refine.pdbx_solvent_ion_probe_radii             ? 
_refine.pdbx_solvent_shrinkage_radii             ? 
_refine.overall_SU_R_Cruickshank_DPI             ? 
_refine.overall_SU_R_free                        ? 
_refine.ls_wR_factor_R_free                      ? 
_refine.ls_wR_factor_R_work                      ? 
_refine.overall_FOM_free_R_set                   ? 
_refine.overall_FOM_work_R_set                   ? 
_refine.pdbx_diffrn_id                           1 
_refine.pdbx_TLS_residual_ADP_flag               ? 
_refine.pdbx_overall_SU_R_free_Cruickshank_DPI   ? 
_refine.pdbx_overall_SU_R_Blow_DPI               ? 
_refine.pdbx_overall_SU_R_free_Blow_DPI          ? 
# 
_refine_hist.pdbx_refine_id                   'X-RAY DIFFRACTION' 
_refine_hist.cycle_id                         LAST 
_refine_hist.pdbx_number_atoms_protein        610 
_refine_hist.pdbx_number_atoms_nucleic_acid   609 
_refine_hist.pdbx_number_atoms_ligand         16 
_refine_hist.number_atoms_solvent             28 
_refine_hist.number_atoms_total               1263 
_refine_hist.d_res_high                       2.500 
_refine_hist.d_res_low                        20.000 
# 
loop_
_refine_ls_restr.type 
_refine_ls_restr.dev_ideal 
_refine_ls_restr.dev_ideal_target 
_refine_ls_restr.weight 
_refine_ls_restr.number 
_refine_ls_restr.pdbx_refine_id 
_refine_ls_restr.pdbx_restraint_function 
t_bond_d           0.017 ? ? ? 'X-RAY DIFFRACTION' ? 
t_angle_deg        2.700 ? ? ? 'X-RAY DIFFRACTION' ? 
t_dihedral_angle_d 21.10 ? ? ? 'X-RAY DIFFRACTION' ? 
t_incorr_chiral_ct ?     ? ? ? 'X-RAY DIFFRACTION' ? 
t_pseud_angle      ?     ? ? ? 'X-RAY DIFFRACTION' ? 
t_trig_c_planes    0.022 ? ? ? 'X-RAY DIFFRACTION' ? 
t_gen_planes       0.020 ? ? ? 'X-RAY DIFFRACTION' ? 
t_it               ?     ? ? ? 'X-RAY DIFFRACTION' ? 
t_nbd              ?     ? ? ? 'X-RAY DIFFRACTION' ? 
# 
_pdbx_refine.entry_id                                    1SKN 
_pdbx_refine.R_factor_all_no_cutoff                      0.2400000 
_pdbx_refine.R_factor_obs_no_cutoff                      0.2250000 
_pdbx_refine.free_R_factor_no_cutoff                     0.3370000 
_pdbx_refine.free_R_val_test_set_size_perc_no_cutoff     10.000 
_pdbx_refine.free_R_val_test_set_ct_no_cutoff            796.00 
_pdbx_refine.R_factor_all_4sig_cutoff                    ? 
_pdbx_refine.R_factor_obs_4sig_cutoff                    ? 
_pdbx_refine.free_R_factor_4sig_cutoff                   ? 
_pdbx_refine.free_R_val_test_set_size_perc_4sig_cutoff   ? 
_pdbx_refine.free_R_val_test_set_ct_4sig_cutoff          ? 
_pdbx_refine.number_reflns_obs_4sig_cutoff               ? 
_pdbx_refine.pdbx_refine_id                              'X-RAY DIFFRACTION' 
_pdbx_refine.free_R_error_no_cutoff                      ? 
# 
_struct.entry_id                  1SKN 
_struct.title                     'THE BINDING DOMAIN OF SKN-1 IN COMPLEX WITH DNA: A NEW DNA-BINDING MOTIF' 
_struct.pdbx_model_details        ? 
_struct.pdbx_CASP_flag            ? 
_struct.pdbx_model_type_details   ? 
# 
_struct_keywords.entry_id        1SKN 
_struct_keywords.pdbx_keywords   TRANSCRIPTION/DNA 
_struct_keywords.text            'COMPLEX (TRANSCRIPTION FACTOR-DNA), TRANSCRIPTION-DNA COMPLEX' 
# 
loop_
_struct_asym.id 
_struct_asym.pdbx_blank_PDB_chainid_flag 
_struct_asym.pdbx_modified 
_struct_asym.entity_id 
_struct_asym.details 
A N N 1 ? 
B N N 2 ? 
C N N 3 ? 
D N N 4 ? 
E N N 5 ? 
F N N 5 ? 
G N N 5 ? 
# 
loop_
_struct_ref.id 
_struct_ref.db_name 
_struct_ref.db_code 
_struct_ref.entity_id 
_struct_ref.pdbx_seq_one_letter_code 
_struct_ref.pdbx_align_begin 
_struct_ref.pdbx_db_accession 
_struct_ref.pdbx_db_isoform 
1 UNP SKN1_CAEEL 3 ? ? P34707 ? 
2 PDB 1SKN       1 ? ? 1SKN   ? 
3 PDB 1SKN       2 ? ? 1SKN   ? 
# 
loop_
_struct_ref_seq.align_id 
_struct_ref_seq.ref_id 
_struct_ref_seq.pdbx_PDB_id_code 
_struct_ref_seq.pdbx_strand_id 
_struct_ref_seq.seq_align_beg 
_struct_ref_seq.pdbx_seq_align_beg_ins_code 
_struct_ref_seq.seq_align_end 
_struct_ref_seq.pdbx_seq_align_end_ins_code 
_struct_ref_seq.pdbx_db_accession 
_struct_ref_seq.db_align_beg 
_struct_ref_seq.pdbx_db_align_beg_ins_code 
_struct_ref_seq.db_align_end 
_struct_ref_seq.pdbx_db_align_end_ins_code 
_struct_ref_seq.pdbx_auth_seq_align_beg 
_struct_ref_seq.pdbx_auth_seq_align_end 
1 1 1SKN P 9 ? 92 ? P34707 450 ? 533 ? 450 533 
2 2 1SKN A 1 ? 15 ? 1SKN   1   ? 15  ? 1   15  
3 3 1SKN B 1 ? 15 ? 1SKN   1   ? 15  ? 1   15  
# 
_pdbx_struct_assembly.id                   1 
_pdbx_struct_assembly.details              author_defined_assembly 
_pdbx_struct_assembly.method_details       ? 
_pdbx_struct_assembly.oligomeric_details   trimeric 
_pdbx_struct_assembly.oligomeric_count     3 
# 
_pdbx_struct_assembly_gen.assembly_id       1 
_pdbx_struct_assembly_gen.oper_expression   1 
_pdbx_struct_assembly_gen.asym_id_list      A,B,C,D,E,F,G 
# 
_pdbx_struct_oper_list.id                   1 
_pdbx_struct_oper_list.type                 'identity operation' 
_pdbx_struct_oper_list.name                 1_555 
_pdbx_struct_oper_list.symmetry_operation   x,y,z 
_pdbx_struct_oper_list.matrix[1][1]         1.0000000000 
_pdbx_struct_oper_list.matrix[1][2]         0.0000000000 
_pdbx_struct_oper_list.matrix[1][3]         0.0000000000 
_pdbx_struct_oper_list.vector[1]            0.0000000000 
_pdbx_struct_oper_list.matrix[2][1]         0.0000000000 
_pdbx_struct_oper_list.matrix[2][2]         1.0000000000 
_pdbx_struct_oper_list.matrix[2][3]         0.0000000000 
_pdbx_struct_oper_list.vector[2]            0.0000000000 
_pdbx_struct_oper_list.matrix[3][1]         0.0000000000 
_pdbx_struct_oper_list.matrix[3][2]         0.0000000000 
_pdbx_struct_oper_list.matrix[3][3]         1.0000000000 
_pdbx_struct_oper_list.vector[3]            0.0000000000 
# 
_struct_biol.id        1 
_struct_biol.details   ? 
# 
loop_
_struct_conf.conf_type_id 
_struct_conf.id 
_struct_conf.pdbx_PDB_helix_id 
_struct_conf.beg_label_comp_id 
_struct_conf.beg_label_asym_id 
_struct_conf.beg_label_seq_id 
_struct_conf.pdbx_beg_PDB_ins_code 
_struct_conf.end_label_comp_id 
_struct_conf.end_label_asym_id 
_struct_conf.end_label_seq_id 
_struct_conf.pdbx_end_PDB_ins_code 
_struct_conf.beg_auth_comp_id 
_struct_conf.beg_auth_asym_id 
_struct_conf.beg_auth_seq_id 
_struct_conf.end_auth_comp_id 
_struct_conf.end_auth_asym_id 
_struct_conf.end_auth_seq_id 
_struct_conf.pdbx_PDB_helix_class 
_struct_conf.details 
_struct_conf.pdbx_PDB_helix_length 
HELX_P HELX_P1 H1 LYS C 19 ? ASP C 26 ? LYS P 460 ASP P 467 1 ? 8  
HELX_P HELX_P2 H2 ALA C 33 ? GLU C 38 ? ALA P 474 GLU P 479 1 ? 6  
HELX_P HELX_P3 H3 LEU C 41 ? ASN C 50 ? LEU P 482 ASN P 491 1 ? 10 
HELX_P HELX_P4 H4 GLU C 55 ? ARG C 84 ? GLU P 496 ARG P 525 1 ? 30 
# 
_struct_conf_type.id          HELX_P 
_struct_conf_type.criteria    ? 
_struct_conf_type.reference   ? 
# 
loop_
_struct_conn.id 
_struct_conn.conn_type_id 
_struct_conn.pdbx_leaving_atom_flag 
_struct_conn.pdbx_PDB_id 
_struct_conn.ptnr1_label_asym_id 
_struct_conn.ptnr1_label_comp_id 
_struct_conn.ptnr1_label_seq_id 
_struct_conn.ptnr1_label_atom_id 
_struct_conn.pdbx_ptnr1_label_alt_id 
_struct_conn.pdbx_ptnr1_PDB_ins_code 
_struct_conn.pdbx_ptnr1_standard_comp_id 
_struct_conn.ptnr1_symmetry 
_struct_conn.ptnr2_label_asym_id 
_struct_conn.ptnr2_label_comp_id 
_struct_conn.ptnr2_label_seq_id 
_struct_conn.ptnr2_label_atom_id 
_struct_conn.pdbx_ptnr2_label_alt_id 
_struct_conn.pdbx_ptnr2_PDB_ins_code 
_struct_conn.ptnr1_auth_asym_id 
_struct_conn.ptnr1_auth_comp_id 
_struct_conn.ptnr1_auth_seq_id 
_struct_conn.ptnr2_auth_asym_id 
_struct_conn.ptnr2_auth_comp_id 
_struct_conn.ptnr2_auth_seq_id 
_struct_conn.ptnr2_symmetry 
_struct_conn.pdbx_ptnr3_label_atom_id 
_struct_conn.pdbx_ptnr3_label_seq_id 
_struct_conn.pdbx_ptnr3_label_comp_id 
_struct_conn.pdbx_ptnr3_label_asym_id 
_struct_conn.pdbx_ptnr3_label_alt_id 
_struct_conn.pdbx_ptnr3_PDB_ins_code 
_struct_conn.details 
_struct_conn.pdbx_dist_value 
_struct_conn.pdbx_value_order 
_struct_conn.pdbx_role 
hydrog1  hydrog ? ? A DA 3  N1 ? ? ? 1_555 B DT 15 N3 ? ? A DA 3  B DT 15 1_555 ? ? ? ? ? ? WATSON-CRICK ? ? ? 
hydrog2  hydrog ? ? A DA 3  N6 ? ? ? 1_555 B DT 15 O4 ? ? A DA 3  B DT 15 1_555 ? ? ? ? ? ? WATSON-CRICK ? ? ? 
hydrog3  hydrog ? ? A DC 4  N3 ? ? ? 1_555 B DG 14 N1 ? ? A DC 4  B DG 14 1_555 ? ? ? ? ? ? WATSON-CRICK ? ? ? 
hydrog4  hydrog ? ? A DC 4  N4 ? ? ? 1_555 B DG 14 O6 ? ? A DC 4  B DG 14 1_555 ? ? ? ? ? ? WATSON-CRICK ? ? ? 
hydrog5  hydrog ? ? A DC 4  O2 ? ? ? 1_555 B DG 14 N2 ? ? A DC 4  B DG 14 1_555 ? ? ? ? ? ? WATSON-CRICK ? ? ? 
hydrog6  hydrog ? ? A DA 5  N1 ? ? ? 1_555 B DT 13 N3 ? ? A DA 5  B DT 13 1_555 ? ? ? ? ? ? WATSON-CRICK ? ? ? 
hydrog7  hydrog ? ? A DA 5  N6 ? ? ? 1_555 B DT 13 O4 ? ? A DA 5  B DT 13 1_555 ? ? ? ? ? ? WATSON-CRICK ? ? ? 
hydrog8  hydrog ? ? A DA 6  N1 ? ? ? 1_555 B DT 12 N3 ? ? A DA 6  B DT 12 1_555 ? ? ? ? ? ? WATSON-CRICK ? ? ? 
hydrog9  hydrog ? ? A DA 6  N6 ? ? ? 1_555 B DT 12 O4 ? ? A DA 6  B DT 12 1_555 ? ? ? ? ? ? WATSON-CRICK ? ? ? 
hydrog10 hydrog ? ? A DT 7  N3 ? ? ? 1_555 B DA 11 N1 ? ? A DT 7  B DA 11 1_555 ? ? ? ? ? ? WATSON-CRICK ? ? ? 
hydrog11 hydrog ? ? A DT 7  O4 ? ? ? 1_555 B DA 11 N6 ? ? A DT 7  B DA 11 1_555 ? ? ? ? ? ? WATSON-CRICK ? ? ? 
hydrog12 hydrog ? ? A DG 8  N1 ? ? ? 1_555 B DC 10 N3 ? ? A DG 8  B DC 10 1_555 ? ? ? ? ? ? WATSON-CRICK ? ? ? 
hydrog13 hydrog ? ? A DG 8  N2 ? ? ? 1_555 B DC 10 O2 ? ? A DG 8  B DC 10 1_555 ? ? ? ? ? ? WATSON-CRICK ? ? ? 
hydrog14 hydrog ? ? A DG 8  O6 ? ? ? 1_555 B DC 10 N4 ? ? A DG 8  B DC 10 1_555 ? ? ? ? ? ? WATSON-CRICK ? ? ? 
hydrog15 hydrog ? ? A DT 9  N3 ? ? ? 1_555 B DA 9  N1 ? ? A DT 9  B DA 9  1_555 ? ? ? ? ? ? WATSON-CRICK ? ? ? 
hydrog16 hydrog ? ? A DT 9  O4 ? ? ? 1_555 B DA 9  N6 ? ? A DT 9  B DA 9  1_555 ? ? ? ? ? ? WATSON-CRICK ? ? ? 
hydrog17 hydrog ? ? A DC 10 N3 ? ? ? 1_555 B DG 8  N1 ? ? A DC 10 B DG 8  1_555 ? ? ? ? ? ? WATSON-CRICK ? ? ? 
hydrog18 hydrog ? ? A DC 10 N4 ? ? ? 1_555 B DG 8  O6 ? ? A DC 10 B DG 8  1_555 ? ? ? ? ? ? WATSON-CRICK ? ? ? 
hydrog19 hydrog ? ? A DC 10 O2 ? ? ? 1_555 B DG 8  N2 ? ? A DC 10 B DG 8  1_555 ? ? ? ? ? ? WATSON-CRICK ? ? ? 
hydrog20 hydrog ? ? A DA 11 N1 ? ? ? 1_555 B DT 7  N3 ? ? A DA 11 B DT 7  1_555 ? ? ? ? ? ? WATSON-CRICK ? ? ? 
hydrog21 hydrog ? ? A DA 11 N6 ? ? ? 1_555 B DT 7  O4 ? ? A DA 11 B DT 7  1_555 ? ? ? ? ? ? WATSON-CRICK ? ? ? 
hydrog22 hydrog ? ? A DT 12 N3 ? ? ? 1_555 B DA 6  N1 ? ? A DT 12 B DA 6  1_555 ? ? ? ? ? ? WATSON-CRICK ? ? ? 
hydrog23 hydrog ? ? A DT 12 O4 ? ? ? 1_555 B DA 6  N6 ? ? A DT 12 B DA 6  1_555 ? ? ? ? ? ? WATSON-CRICK ? ? ? 
hydrog24 hydrog ? ? A DC 13 N3 ? ? ? 1_555 B DG 5  N1 ? ? A DC 13 B DG 5  1_555 ? ? ? ? ? ? WATSON-CRICK ? ? ? 
hydrog25 hydrog ? ? A DC 13 N4 ? ? ? 1_555 B DG 5  O6 ? ? A DC 13 B DG 5  1_555 ? ? ? ? ? ? WATSON-CRICK ? ? ? 
hydrog26 hydrog ? ? A DC 13 O2 ? ? ? 1_555 B DG 5  N2 ? ? A DC 13 B DG 5  1_555 ? ? ? ? ? ? WATSON-CRICK ? ? ? 
hydrog27 hydrog ? ? A DC 14 N3 ? ? ? 1_555 B DG 4  N1 ? ? A DC 14 B DG 4  1_555 ? ? ? ? ? ? WATSON-CRICK ? ? ? 
hydrog28 hydrog ? ? A DC 14 N4 ? ? ? 1_555 B DG 4  O6 ? ? A DC 14 B DG 4  1_555 ? ? ? ? ? ? WATSON-CRICK ? ? ? 
hydrog29 hydrog ? ? A DC 14 O2 ? ? ? 1_555 B DG 4  N2 ? ? A DC 14 B DG 4  1_555 ? ? ? ? ? ? WATSON-CRICK ? ? ? 
hydrog30 hydrog ? ? A DC 15 N3 ? ? ? 1_555 B DG 3  N1 ? ? A DC 15 B DG 3  1_555 ? ? ? ? ? ? WATSON-CRICK ? ? ? 
hydrog31 hydrog ? ? A DC 15 N4 ? ? ? 1_555 B DG 3  O6 ? ? A DC 15 B DG 3  1_555 ? ? ? ? ? ? WATSON-CRICK ? ? ? 
hydrog32 hydrog ? ? A DC 15 O2 ? ? ? 1_555 B DG 3  N2 ? ? A DC 15 B DG 3  1_555 ? ? ? ? ? ? WATSON-CRICK ? ? ? 
# 
_struct_conn_type.id          hydrog 
_struct_conn_type.criteria    ? 
_struct_conn_type.reference   ? 
# 
_struct_site.id                   AC1 
_struct_site.pdbx_evidence_code   Software 
_struct_site.pdbx_auth_asym_id    P 
_struct_site.pdbx_auth_comp_id    LDA 
_struct_site.pdbx_auth_seq_id     16 
_struct_site.pdbx_auth_ins_code   ? 
_struct_site.pdbx_num_residues    10 
_struct_site.details              'BINDING SITE FOR RESIDUE LDA P 16' 
# 
loop_
_struct_site_gen.id 
_struct_site_gen.site_id 
_struct_site_gen.pdbx_num_res 
_struct_site_gen.label_comp_id 
_struct_site_gen.label_asym_id 
_struct_site_gen.label_seq_id 
_struct_site_gen.pdbx_auth_ins_code 
_struct_site_gen.auth_comp_id 
_struct_site_gen.auth_asym_id 
_struct_site_gen.auth_seq_id 
_struct_site_gen.label_atom_id 
_struct_site_gen.label_alt_id 
_struct_site_gen.symmetry 
_struct_site_gen.details 
1  AC1 10 PRO C 30 ? PRO P 471 . ? 1_555 ? 
2  AC1 10 PRO C 30 ? PRO P 471 . ? 3_655 ? 
3  AC1 10 VAL C 31 ? VAL P 472 . ? 1_555 ? 
4  AC1 10 VAL C 31 ? VAL P 472 . ? 3_655 ? 
5  AC1 10 GLU C 38 ? GLU P 479 . ? 3_655 ? 
6  AC1 10 MET C 39 ? MET P 480 . ? 1_555 ? 
7  AC1 10 MET C 39 ? MET P 480 . ? 3_655 ? 
8  AC1 10 SER C 40 ? SER P 481 . ? 3_655 ? 
9  AC1 10 GLU C 43 ? GLU P 484 . ? 3_655 ? 
10 AC1 10 GLU C 51 ? GLU P 492 . ? 1_555 ? 
# 
loop_
_pdbx_validate_rmsd_bond.id 
_pdbx_validate_rmsd_bond.PDB_model_num 
_pdbx_validate_rmsd_bond.auth_atom_id_1 
_pdbx_validate_rmsd_bond.auth_asym_id_1 
_pdbx_validate_rmsd_bond.auth_comp_id_1 
_pdbx_validate_rmsd_bond.auth_seq_id_1 
_pdbx_validate_rmsd_bond.PDB_ins_code_1 
_pdbx_validate_rmsd_bond.label_alt_id_1 
_pdbx_validate_rmsd_bond.auth_atom_id_2 
_pdbx_validate_rmsd_bond.auth_asym_id_2 
_pdbx_validate_rmsd_bond.auth_comp_id_2 
_pdbx_validate_rmsd_bond.auth_seq_id_2 
_pdbx_validate_rmsd_bond.PDB_ins_code_2 
_pdbx_validate_rmsd_bond.label_alt_id_2 
_pdbx_validate_rmsd_bond.bond_value 
_pdbx_validate_rmsd_bond.bond_target_value 
_pdbx_validate_rmsd_bond.bond_deviation 
_pdbx_validate_rmsd_bond.bond_standard_deviation 
_pdbx_validate_rmsd_bond.linker_flag 
1 1 "O3'" A DG  2   ? ? "C3'" A DG  2   ? ? 1.358 1.419 -0.061 0.006 N 
2 1 N9    A DA  5   ? ? C4    A DA  5   ? ? 1.424 1.374 0.050  0.006 N 
3 1 "O3'" A DA  6   ? ? "C3'" A DA  6   ? ? 1.376 1.419 -0.043 0.006 N 
4 1 "O3'" B DC  1   ? ? "C3'" B DC  1   ? ? 1.377 1.419 -0.042 0.006 N 
5 1 N9    B DA  2   ? ? C4    B DA  2   ? ? 1.306 1.374 -0.068 0.006 N 
6 1 "O3'" B DA  11  ? ? "C3'" B DA  11  ? ? 1.382 1.419 -0.037 0.006 N 
7 1 CD    P GLU 469 ? ? OE2   P GLU 469 ? ? 1.326 1.252 0.074  0.011 N 
8 1 CD    P GLU 484 ? ? OE1   P GLU 484 ? ? 1.326 1.252 0.074  0.011 N 
9 1 CD    P GLU 496 ? ? OE2   P GLU 496 ? ? 1.339 1.252 0.087  0.011 N 
# 
loop_
_pdbx_validate_rmsd_angle.id 
_pdbx_validate_rmsd_angle.PDB_model_num 
_pdbx_validate_rmsd_angle.auth_atom_id_1 
_pdbx_validate_rmsd_angle.auth_asym_id_1 
_pdbx_validate_rmsd_angle.auth_comp_id_1 
_pdbx_validate_rmsd_angle.auth_seq_id_1 
_pdbx_validate_rmsd_angle.PDB_ins_code_1 
_pdbx_validate_rmsd_angle.label_alt_id_1 
_pdbx_validate_rmsd_angle.auth_atom_id_2 
_pdbx_validate_rmsd_angle.auth_asym_id_2 
_pdbx_validate_rmsd_angle.auth_comp_id_2 
_pdbx_validate_rmsd_angle.auth_seq_id_2 
_pdbx_validate_rmsd_angle.PDB_ins_code_2 
_pdbx_validate_rmsd_angle.label_alt_id_2 
_pdbx_validate_rmsd_angle.auth_atom_id_3 
_pdbx_validate_rmsd_angle.auth_asym_id_3 
_pdbx_validate_rmsd_angle.auth_comp_id_3 
_pdbx_validate_rmsd_angle.auth_seq_id_3 
_pdbx_validate_rmsd_angle.PDB_ins_code_3 
_pdbx_validate_rmsd_angle.label_alt_id_3 
_pdbx_validate_rmsd_angle.angle_value 
_pdbx_validate_rmsd_angle.angle_target_value 
_pdbx_validate_rmsd_angle.angle_deviation 
_pdbx_validate_rmsd_angle.angle_standard_deviation 
_pdbx_validate_rmsd_angle.linker_flag 
1  1 "O4'" A DT  1   ? ? "C1'" A DT  1   ? ? N1    A DT  1   ? ? 111.69 108.30 3.39   0.30 N 
2  1 "O4'" A DG  2   ? ? "C4'" A DG  2   ? ? "C3'" A DG  2   ? ? 101.83 104.50 -2.67  0.40 N 
3  1 "C3'" A DG  2   ? ? "C2'" A DG  2   ? ? "C1'" A DG  2   ? ? 96.11  102.40 -6.29  0.80 N 
4  1 "O4'" A DG  2   ? ? "C1'" A DG  2   ? ? N9    A DG  2   ? ? 110.61 108.30 2.31   0.30 N 
5  1 "C3'" A DA  3   ? ? "O3'" A DA  3   ? ? P     A DC  4   ? ? 132.75 119.70 13.05  1.20 Y 
6  1 P     A DA  5   ? ? "O5'" A DA  5   ? ? "C5'" A DA  5   ? ? 110.06 120.90 -10.84 1.60 N 
7  1 "O4'" A DA  5   ? ? "C4'" A DA  5   ? ? "C3'" A DA  5   ? ? 98.07  104.50 -6.43  0.40 N 
8  1 "O4'" A DA  5   ? ? "C1'" A DA  5   ? ? N9    A DA  5   ? ? 112.80 108.30 4.50   0.30 N 
9  1 C2    A DA  5   ? ? N3    A DA  5   ? ? C4    A DA  5   ? ? 113.67 110.60 3.07   0.50 N 
10 1 "O5'" A DA  6   ? ? "C5'" A DA  6   ? ? "C4'" A DA  6   ? ? 104.28 109.40 -5.12  0.80 N 
11 1 "O4'" A DG  8   ? ? "C1'" A DG  8   ? ? "C2'" A DG  8   ? ? 99.86  105.90 -6.04  0.80 N 
12 1 C5    A DG  8   ? ? C6    A DG  8   ? ? O6    A DG  8   ? ? 123.78 128.60 -4.82  0.60 N 
13 1 N1    A DC  10  ? ? C2    A DC  10  ? ? O2    A DC  10  ? ? 114.82 118.90 -4.08  0.60 N 
14 1 "C3'" A DC  10  ? ? "O3'" A DC  10  ? ? P     A DA  11  ? ? 128.78 119.70 9.08   1.20 Y 
15 1 P     A DA  11  ? ? "O5'" A DA  11  ? ? "C5'" A DA  11  ? ? 109.60 120.90 -11.30 1.60 N 
16 1 "O4'" A DC  14  ? ? "C1'" A DC  14  ? ? N1    A DC  14  ? ? 111.91 108.30 3.61   0.30 N 
17 1 "O4'" A DC  15  ? ? "C1'" A DC  15  ? ? N1    A DC  15  ? ? 114.05 108.30 5.75   0.30 N 
18 1 "O4'" B DC  1   ? ? "C1'" B DC  1   ? ? "C2'" B DC  1   ? ? 110.12 106.80 3.32   0.50 N 
19 1 "O4'" B DC  1   ? ? "C1'" B DC  1   ? ? N1    B DC  1   ? ? 112.44 108.30 4.14   0.30 N 
20 1 N3    B DC  1   ? ? C4    B DC  1   ? ? C5    B DC  1   ? ? 119.39 121.90 -2.51  0.40 N 
21 1 "C3'" B DC  1   ? ? "O3'" B DC  1   ? ? P     B DA  2   ? ? 106.63 119.70 -13.07 1.20 Y 
22 1 C2    B DA  2   ? ? N3    B DA  2   ? ? C4    B DA  2   ? ? 107.17 110.60 -3.43  0.50 N 
23 1 "C3'" B DA  2   ? ? "O3'" B DA  2   ? ? P     B DG  3   ? ? 127.45 119.70 7.75   1.20 Y 
24 1 "C3'" B DG  4   ? ? "C2'" B DG  4   ? ? "C1'" B DG  4   ? ? 96.47  102.40 -5.93  0.80 N 
25 1 "O4'" B DG  4   ? ? "C1'" B DG  4   ? ? N9    B DG  4   ? ? 114.18 108.30 5.88   0.30 N 
26 1 "O4'" B DT  7   ? ? "C4'" B DT  7   ? ? "C3'" B DT  7   ? ? 101.72 104.50 -2.78  0.40 N 
27 1 "C3'" B DT  7   ? ? "C2'" B DT  7   ? ? "C1'" B DT  7   ? ? 94.14  102.40 -8.26  0.80 N 
28 1 "O4'" B DT  7   ? ? "C1'" B DT  7   ? ? N1    B DT  7   ? ? 110.59 108.30 2.29   0.30 N 
29 1 C4    B DG  8   ? ? C5    B DG  8   ? ? N7    B DG  8   ? ? 107.66 110.80 -3.14  0.40 N 
30 1 "C4'" B DA  9   ? ? "C3'" B DA  9   ? ? "C2'" B DA  9   ? ? 97.27  102.20 -4.93  0.70 N 
31 1 "C3'" B DC  10  ? ? "C2'" B DC  10  ? ? "C1'" B DC  10  ? ? 93.72  102.40 -8.68  0.80 N 
32 1 "O4'" B DT  12  ? ? "C1'" B DT  12  ? ? N1    B DT  12  ? ? 103.01 108.00 -4.99  0.70 N 
33 1 "C3'" B DT  12  ? ? "O3'" B DT  12  ? ? P     B DT  13  ? ? 127.46 119.70 7.76   1.20 Y 
34 1 "O4'" B DT  13  ? ? "C4'" B DT  13  ? ? "C3'" B DT  13  ? ? 101.41 104.50 -3.09  0.40 N 
35 1 "C3'" B DT  13  ? ? "C2'" B DT  13  ? ? "C1'" B DT  13  ? ? 96.61  102.40 -5.79  0.80 N 
36 1 "O4'" B DT  13  ? ? "C1'" B DT  13  ? ? N1    B DT  13  ? ? 103.11 108.00 -4.89  0.70 N 
37 1 N3    B DT  13  ? ? C4    B DT  13  ? ? O4    B DT  13  ? ? 115.59 119.90 -4.31  0.60 N 
38 1 P     B DG  14  ? ? "O5'" B DG  14  ? ? "C5'" B DG  14  ? ? 110.38 120.90 -10.52 1.60 N 
39 1 "O4'" B DG  14  ? ? "C4'" B DG  14  ? ? "C3'" B DG  14  ? ? 101.57 104.50 -2.93  0.40 N 
40 1 "O4'" B DT  15  ? ? "C1'" B DT  15  ? ? N1    B DT  15  ? ? 101.28 108.00 -6.72  0.70 N 
41 1 N3    B DT  15  ? ? C2    B DT  15  ? ? O2    B DT  15  ? ? 118.52 122.30 -3.78  0.60 N 
42 1 NE    P ARG 506 ? ? CZ    P ARG 506 ? ? NH1   P ARG 506 ? ? 123.44 120.30 3.14   0.50 N 
43 1 NE    P ARG 507 ? ? CZ    P ARG 507 ? ? NH1   P ARG 507 ? ? 126.00 120.30 5.70   0.50 N 
44 1 NE    P ARG 507 ? ? CZ    P ARG 507 ? ? NH2   P ARG 507 ? ? 116.48 120.30 -3.82  0.50 N 
45 1 C     P ASN 511 ? ? N     P LYS 512 ? ? CA    P LYS 512 ? ? 105.62 121.70 -16.08 2.50 Y 
46 1 NE    P ARG 522 ? ? CZ    P ARG 522 ? ? NH1   P ARG 522 ? ? 124.92 120.30 4.62   0.50 N 
47 1 CB    P ASP 524 ? ? CG    P ASP 524 ? ? OD2   P ASP 524 ? ? 111.97 118.30 -6.33  0.90 N 
48 1 NE    P ARG 525 ? ? CZ    P ARG 525 ? ? NH2   P ARG 525 ? ? 117.16 120.30 -3.14  0.50 N 
49 1 CB    P ASP 527 ? ? CG    P ASP 527 ? ? OD1   P ASP 527 ? ? 124.92 118.30 6.62   0.90 N 
50 1 CB    P ASP 527 ? ? CG    P ASP 527 ? ? OD2   P ASP 527 ? ? 111.82 118.30 -6.48  0.90 N 
# 
loop_
_pdbx_validate_torsion.id 
_pdbx_validate_torsion.PDB_model_num 
_pdbx_validate_torsion.auth_comp_id 
_pdbx_validate_torsion.auth_asym_id 
_pdbx_validate_torsion.auth_seq_id 
_pdbx_validate_torsion.PDB_ins_code 
_pdbx_validate_torsion.label_alt_id 
_pdbx_validate_torsion.phi 
_pdbx_validate_torsion.psi 
1 1 ARG P 457 ? ? 171.73  148.20 
2 1 SER P 495 ? ? -48.78  162.54 
3 1 ARG P 516 ? ? -35.58  -99.56 
4 1 THR P 517 ? ? -15.06  -73.77 
5 1 CYS P 518 ? ? -17.21  -69.58 
6 1 HIS P 526 ? ? -100.09 -78.99 
7 1 ASP P 527 ? ? -5.14   -61.97 
8 1 LYS P 528 ? ? -104.61 -83.54 
# 
_pdbx_struct_special_symmetry.id              1 
_pdbx_struct_special_symmetry.PDB_model_num   1 
_pdbx_struct_special_symmetry.auth_asym_id    P 
_pdbx_struct_special_symmetry.auth_comp_id    LDA 
_pdbx_struct_special_symmetry.auth_seq_id     16 
_pdbx_struct_special_symmetry.PDB_ins_code    ? 
_pdbx_struct_special_symmetry.label_asym_id   D 
_pdbx_struct_special_symmetry.label_comp_id   LDA 
_pdbx_struct_special_symmetry.label_seq_id    . 
# 
loop_
_pdbx_unobs_or_zero_occ_residues.id 
_pdbx_unobs_or_zero_occ_residues.PDB_model_num 
_pdbx_unobs_or_zero_occ_residues.polymer_flag 
_pdbx_unobs_or_zero_occ_residues.occupancy_flag 
_pdbx_unobs_or_zero_occ_residues.auth_asym_id 
_pdbx_unobs_or_zero_occ_residues.auth_comp_id 
_pdbx_unobs_or_zero_occ_residues.auth_seq_id 
_pdbx_unobs_or_zero_occ_residues.PDB_ins_code 
_pdbx_unobs_or_zero_occ_residues.label_asym_id 
_pdbx_unobs_or_zero_occ_residues.label_comp_id 
_pdbx_unobs_or_zero_occ_residues.label_seq_id 
1  1 Y 1 P MET 442 ? C MET 1  
2  1 Y 1 P GLY 443 ? C GLY 2  
3  1 Y 1 P HIS 444 ? C HIS 3  
4  1 Y 1 P HIS 445 ? C HIS 4  
5  1 Y 1 P HIS 446 ? C HIS 5  
6  1 Y 1 P HIS 447 ? C HIS 6  
7  1 Y 1 P HIS 448 ? C HIS 7  
8  1 Y 1 P HIS 449 ? C HIS 8  
9  1 Y 1 P SER 450 ? C SER 9  
10 1 Y 1 P GLY 451 ? C GLY 10 
11 1 Y 1 P GLN 452 ? C GLN 11 
12 1 Y 1 P ARG 453 ? C ARG 12 
13 1 Y 1 P LYS 454 ? C LYS 13 
14 1 Y 1 P ARG 455 ? C ARG 14 
15 1 Y 1 P SER 530 ? C SER 89 
16 1 Y 1 P HIS 531 ? C HIS 90 
17 1 Y 1 P TYR 532 ? C TYR 91 
18 1 Y 1 P ILE 533 ? C ILE 92 
# 
loop_
_chem_comp_atom.comp_id 
_chem_comp_atom.atom_id 
_chem_comp_atom.type_symbol 
_chem_comp_atom.pdbx_aromatic_flag 
_chem_comp_atom.pdbx_stereo_config 
_chem_comp_atom.pdbx_ordinal 
ALA N      N N N 1   
ALA CA     C N S 2   
ALA C      C N N 3   
ALA O      O N N 4   
ALA CB     C N N 5   
ALA OXT    O N N 6   
ALA H      H N N 7   
ALA H2     H N N 8   
ALA HA     H N N 9   
ALA HB1    H N N 10  
ALA HB2    H N N 11  
ALA HB3    H N N 12  
ALA HXT    H N N 13  
ARG N      N N N 14  
ARG CA     C N S 15  
ARG C      C N N 16  
ARG O      O N N 17  
ARG CB     C N N 18  
ARG CG     C N N 19  
ARG CD     C N N 20  
ARG NE     N N N 21  
ARG CZ     C N N 22  
ARG NH1    N N N 23  
ARG NH2    N N N 24  
ARG OXT    O N N 25  
ARG H      H N N 26  
ARG H2     H N N 27  
ARG HA     H N N 28  
ARG HB2    H N N 29  
ARG HB3    H N N 30  
ARG HG2    H N N 31  
ARG HG3    H N N 32  
ARG HD2    H N N 33  
ARG HD3    H N N 34  
ARG HE     H N N 35  
ARG HH11   H N N 36  
ARG HH12   H N N 37  
ARG HH21   H N N 38  
ARG HH22   H N N 39  
ARG HXT    H N N 40  
ASN N      N N N 41  
ASN CA     C N S 42  
ASN C      C N N 43  
ASN O      O N N 44  
ASN CB     C N N 45  
ASN CG     C N N 46  
ASN OD1    O N N 47  
ASN ND2    N N N 48  
ASN OXT    O N N 49  
ASN H      H N N 50  
ASN H2     H N N 51  
ASN HA     H N N 52  
ASN HB2    H N N 53  
ASN HB3    H N N 54  
ASN HD21   H N N 55  
ASN HD22   H N N 56  
ASN HXT    H N N 57  
ASP N      N N N 58  
ASP CA     C N S 59  
ASP C      C N N 60  
ASP O      O N N 61  
ASP CB     C N N 62  
ASP CG     C N N 63  
ASP OD1    O N N 64  
ASP OD2    O N N 65  
ASP OXT    O N N 66  
ASP H      H N N 67  
ASP H2     H N N 68  
ASP HA     H N N 69  
ASP HB2    H N N 70  
ASP HB3    H N N 71  
ASP HD2    H N N 72  
ASP HXT    H N N 73  
CYS N      N N N 74  
CYS CA     C N R 75  
CYS C      C N N 76  
CYS O      O N N 77  
CYS CB     C N N 78  
CYS SG     S N N 79  
CYS OXT    O N N 80  
CYS H      H N N 81  
CYS H2     H N N 82  
CYS HA     H N N 83  
CYS HB2    H N N 84  
CYS HB3    H N N 85  
CYS HG     H N N 86  
CYS HXT    H N N 87  
DA  OP3    O N N 88  
DA  P      P N N 89  
DA  OP1    O N N 90  
DA  OP2    O N N 91  
DA  "O5'"  O N N 92  
DA  "C5'"  C N N 93  
DA  "C4'"  C N R 94  
DA  "O4'"  O N N 95  
DA  "C3'"  C N S 96  
DA  "O3'"  O N N 97  
DA  "C2'"  C N N 98  
DA  "C1'"  C N R 99  
DA  N9     N Y N 100 
DA  C8     C Y N 101 
DA  N7     N Y N 102 
DA  C5     C Y N 103 
DA  C6     C Y N 104 
DA  N6     N N N 105 
DA  N1     N Y N 106 
DA  C2     C Y N 107 
DA  N3     N Y N 108 
DA  C4     C Y N 109 
DA  HOP3   H N N 110 
DA  HOP2   H N N 111 
DA  "H5'"  H N N 112 
DA  "H5''" H N N 113 
DA  "H4'"  H N N 114 
DA  "H3'"  H N N 115 
DA  "HO3'" H N N 116 
DA  "H2'"  H N N 117 
DA  "H2''" H N N 118 
DA  "H1'"  H N N 119 
DA  H8     H N N 120 
DA  H61    H N N 121 
DA  H62    H N N 122 
DA  H2     H N N 123 
DC  OP3    O N N 124 
DC  P      P N N 125 
DC  OP1    O N N 126 
DC  OP2    O N N 127 
DC  "O5'"  O N N 128 
DC  "C5'"  C N N 129 
DC  "C4'"  C N R 130 
DC  "O4'"  O N N 131 
DC  "C3'"  C N S 132 
DC  "O3'"  O N N 133 
DC  "C2'"  C N N 134 
DC  "C1'"  C N R 135 
DC  N1     N N N 136 
DC  C2     C N N 137 
DC  O2     O N N 138 
DC  N3     N N N 139 
DC  C4     C N N 140 
DC  N4     N N N 141 
DC  C5     C N N 142 
DC  C6     C N N 143 
DC  HOP3   H N N 144 
DC  HOP2   H N N 145 
DC  "H5'"  H N N 146 
DC  "H5''" H N N 147 
DC  "H4'"  H N N 148 
DC  "H3'"  H N N 149 
DC  "HO3'" H N N 150 
DC  "H2'"  H N N 151 
DC  "H2''" H N N 152 
DC  "H1'"  H N N 153 
DC  H41    H N N 154 
DC  H42    H N N 155 
DC  H5     H N N 156 
DC  H6     H N N 157 
DG  OP3    O N N 158 
DG  P      P N N 159 
DG  OP1    O N N 160 
DG  OP2    O N N 161 
DG  "O5'"  O N N 162 
DG  "C5'"  C N N 163 
DG  "C4'"  C N R 164 
DG  "O4'"  O N N 165 
DG  "C3'"  C N S 166 
DG  "O3'"  O N N 167 
DG  "C2'"  C N N 168 
DG  "C1'"  C N R 169 
DG  N9     N Y N 170 
DG  C8     C Y N 171 
DG  N7     N Y N 172 
DG  C5     C Y N 173 
DG  C6     C N N 174 
DG  O6     O N N 175 
DG  N1     N N N 176 
DG  C2     C N N 177 
DG  N2     N N N 178 
DG  N3     N N N 179 
DG  C4     C Y N 180 
DG  HOP3   H N N 181 
DG  HOP2   H N N 182 
DG  "H5'"  H N N 183 
DG  "H5''" H N N 184 
DG  "H4'"  H N N 185 
DG  "H3'"  H N N 186 
DG  "HO3'" H N N 187 
DG  "H2'"  H N N 188 
DG  "H2''" H N N 189 
DG  "H1'"  H N N 190 
DG  H8     H N N 191 
DG  H1     H N N 192 
DG  H21    H N N 193 
DG  H22    H N N 194 
DT  OP3    O N N 195 
DT  P      P N N 196 
DT  OP1    O N N 197 
DT  OP2    O N N 198 
DT  "O5'"  O N N 199 
DT  "C5'"  C N N 200 
DT  "C4'"  C N R 201 
DT  "O4'"  O N N 202 
DT  "C3'"  C N S 203 
DT  "O3'"  O N N 204 
DT  "C2'"  C N N 205 
DT  "C1'"  C N R 206 
DT  N1     N N N 207 
DT  C2     C N N 208 
DT  O2     O N N 209 
DT  N3     N N N 210 
DT  C4     C N N 211 
DT  O4     O N N 212 
DT  C5     C N N 213 
DT  C7     C N N 214 
DT  C6     C N N 215 
DT  HOP3   H N N 216 
DT  HOP2   H N N 217 
DT  "H5'"  H N N 218 
DT  "H5''" H N N 219 
DT  "H4'"  H N N 220 
DT  "H3'"  H N N 221 
DT  "HO3'" H N N 222 
DT  "H2'"  H N N 223 
DT  "H2''" H N N 224 
DT  "H1'"  H N N 225 
DT  H3     H N N 226 
DT  H71    H N N 227 
DT  H72    H N N 228 
DT  H73    H N N 229 
DT  H6     H N N 230 
GLN N      N N N 231 
GLN CA     C N S 232 
GLN C      C N N 233 
GLN O      O N N 234 
GLN CB     C N N 235 
GLN CG     C N N 236 
GLN CD     C N N 237 
GLN OE1    O N N 238 
GLN NE2    N N N 239 
GLN OXT    O N N 240 
GLN H      H N N 241 
GLN H2     H N N 242 
GLN HA     H N N 243 
GLN HB2    H N N 244 
GLN HB3    H N N 245 
GLN HG2    H N N 246 
GLN HG3    H N N 247 
GLN HE21   H N N 248 
GLN HE22   H N N 249 
GLN HXT    H N N 250 
GLU N      N N N 251 
GLU CA     C N S 252 
GLU C      C N N 253 
GLU O      O N N 254 
GLU CB     C N N 255 
GLU CG     C N N 256 
GLU CD     C N N 257 
GLU OE1    O N N 258 
GLU OE2    O N N 259 
GLU OXT    O N N 260 
GLU H      H N N 261 
GLU H2     H N N 262 
GLU HA     H N N 263 
GLU HB2    H N N 264 
GLU HB3    H N N 265 
GLU HG2    H N N 266 
GLU HG3    H N N 267 
GLU HE2    H N N 268 
GLU HXT    H N N 269 
GLY N      N N N 270 
GLY CA     C N N 271 
GLY C      C N N 272 
GLY O      O N N 273 
GLY OXT    O N N 274 
GLY H      H N N 275 
GLY H2     H N N 276 
GLY HA2    H N N 277 
GLY HA3    H N N 278 
GLY HXT    H N N 279 
HIS N      N N N 280 
HIS CA     C N S 281 
HIS C      C N N 282 
HIS O      O N N 283 
HIS CB     C N N 284 
HIS CG     C Y N 285 
HIS ND1    N Y N 286 
HIS CD2    C Y N 287 
HIS CE1    C Y N 288 
HIS NE2    N Y N 289 
HIS OXT    O N N 290 
HIS H      H N N 291 
HIS H2     H N N 292 
HIS HA     H N N 293 
HIS HB2    H N N 294 
HIS HB3    H N N 295 
HIS HD1    H N N 296 
HIS HD2    H N N 297 
HIS HE1    H N N 298 
HIS HE2    H N N 299 
HIS HXT    H N N 300 
HOH O      O N N 301 
HOH H1     H N N 302 
HOH H2     H N N 303 
ILE N      N N N 304 
ILE CA     C N S 305 
ILE C      C N N 306 
ILE O      O N N 307 
ILE CB     C N S 308 
ILE CG1    C N N 309 
ILE CG2    C N N 310 
ILE CD1    C N N 311 
ILE OXT    O N N 312 
ILE H      H N N 313 
ILE H2     H N N 314 
ILE HA     H N N 315 
ILE HB     H N N 316 
ILE HG12   H N N 317 
ILE HG13   H N N 318 
ILE HG21   H N N 319 
ILE HG22   H N N 320 
ILE HG23   H N N 321 
ILE HD11   H N N 322 
ILE HD12   H N N 323 
ILE HD13   H N N 324 
ILE HXT    H N N 325 
LDA N1     N N N 326 
LDA O1     O N N 327 
LDA CM1    C N N 328 
LDA CM2    C N N 329 
LDA C1     C N N 330 
LDA C2     C N N 331 
LDA C3     C N N 332 
LDA C4     C N N 333 
LDA C5     C N N 334 
LDA C6     C N N 335 
LDA C7     C N N 336 
LDA C8     C N N 337 
LDA C9     C N N 338 
LDA C10    C N N 339 
LDA C11    C N N 340 
LDA C12    C N N 341 
LDA HM11   H N N 342 
LDA HM12   H N N 343 
LDA HM13   H N N 344 
LDA HM21   H N N 345 
LDA HM22   H N N 346 
LDA HM23   H N N 347 
LDA H11    H N N 348 
LDA H12    H N N 349 
LDA H21    H N N 350 
LDA H22    H N N 351 
LDA H31    H N N 352 
LDA H32    H N N 353 
LDA H41    H N N 354 
LDA H42    H N N 355 
LDA H51    H N N 356 
LDA H52    H N N 357 
LDA H61    H N N 358 
LDA H62    H N N 359 
LDA H71    H N N 360 
LDA H72    H N N 361 
LDA H81    H N N 362 
LDA H82    H N N 363 
LDA H91    H N N 364 
LDA H92    H N N 365 
LDA H101   H N N 366 
LDA H102   H N N 367 
LDA H111   H N N 368 
LDA H112   H N N 369 
LDA H121   H N N 370 
LDA H122   H N N 371 
LDA H123   H N N 372 
LEU N      N N N 373 
LEU CA     C N S 374 
LEU C      C N N 375 
LEU O      O N N 376 
LEU CB     C N N 377 
LEU CG     C N N 378 
LEU CD1    C N N 379 
LEU CD2    C N N 380 
LEU OXT    O N N 381 
LEU H      H N N 382 
LEU H2     H N N 383 
LEU HA     H N N 384 
LEU HB2    H N N 385 
LEU HB3    H N N 386 
LEU HG     H N N 387 
LEU HD11   H N N 388 
LEU HD12   H N N 389 
LEU HD13   H N N 390 
LEU HD21   H N N 391 
LEU HD22   H N N 392 
LEU HD23   H N N 393 
LEU HXT    H N N 394 
LYS N      N N N 395 
LYS CA     C N S 396 
LYS C      C N N 397 
LYS O      O N N 398 
LYS CB     C N N 399 
LYS CG     C N N 400 
LYS CD     C N N 401 
LYS CE     C N N 402 
LYS NZ     N N N 403 
LYS OXT    O N N 404 
LYS H      H N N 405 
LYS H2     H N N 406 
LYS HA     H N N 407 
LYS HB2    H N N 408 
LYS HB3    H N N 409 
LYS HG2    H N N 410 
LYS HG3    H N N 411 
LYS HD2    H N N 412 
LYS HD3    H N N 413 
LYS HE2    H N N 414 
LYS HE3    H N N 415 
LYS HZ1    H N N 416 
LYS HZ2    H N N 417 
LYS HZ3    H N N 418 
LYS HXT    H N N 419 
MET N      N N N 420 
MET CA     C N S 421 
MET C      C N N 422 
MET O      O N N 423 
MET CB     C N N 424 
MET CG     C N N 425 
MET SD     S N N 426 
MET CE     C N N 427 
MET OXT    O N N 428 
MET H      H N N 429 
MET H2     H N N 430 
MET HA     H N N 431 
MET HB2    H N N 432 
MET HB3    H N N 433 
MET HG2    H N N 434 
MET HG3    H N N 435 
MET HE1    H N N 436 
MET HE2    H N N 437 
MET HE3    H N N 438 
MET HXT    H N N 439 
PHE N      N N N 440 
PHE CA     C N S 441 
PHE C      C N N 442 
PHE O      O N N 443 
PHE CB     C N N 444 
PHE CG     C Y N 445 
PHE CD1    C Y N 446 
PHE CD2    C Y N 447 
PHE CE1    C Y N 448 
PHE CE2    C Y N 449 
PHE CZ     C Y N 450 
PHE OXT    O N N 451 
PHE H      H N N 452 
PHE H2     H N N 453 
PHE HA     H N N 454 
PHE HB2    H N N 455 
PHE HB3    H N N 456 
PHE HD1    H N N 457 
PHE HD2    H N N 458 
PHE HE1    H N N 459 
PHE HE2    H N N 460 
PHE HZ     H N N 461 
PHE HXT    H N N 462 
PRO N      N N N 463 
PRO CA     C N S 464 
PRO C      C N N 465 
PRO O      O N N 466 
PRO CB     C N N 467 
PRO CG     C N N 468 
PRO CD     C N N 469 
PRO OXT    O N N 470 
PRO H      H N N 471 
PRO HA     H N N 472 
PRO HB2    H N N 473 
PRO HB3    H N N 474 
PRO HG2    H N N 475 
PRO HG3    H N N 476 
PRO HD2    H N N 477 
PRO HD3    H N N 478 
PRO HXT    H N N 479 
SER N      N N N 480 
SER CA     C N S 481 
SER C      C N N 482 
SER O      O N N 483 
SER CB     C N N 484 
SER OG     O N N 485 
SER OXT    O N N 486 
SER H      H N N 487 
SER H2     H N N 488 
SER HA     H N N 489 
SER HB2    H N N 490 
SER HB3    H N N 491 
SER HG     H N N 492 
SER HXT    H N N 493 
THR N      N N N 494 
THR CA     C N S 495 
THR C      C N N 496 
THR O      O N N 497 
THR CB     C N R 498 
THR OG1    O N N 499 
THR CG2    C N N 500 
THR OXT    O N N 501 
THR H      H N N 502 
THR H2     H N N 503 
THR HA     H N N 504 
THR HB     H N N 505 
THR HG1    H N N 506 
THR HG21   H N N 507 
THR HG22   H N N 508 
THR HG23   H N N 509 
THR HXT    H N N 510 
TYR N      N N N 511 
TYR CA     C N S 512 
TYR C      C N N 513 
TYR O      O N N 514 
TYR CB     C N N 515 
TYR CG     C Y N 516 
TYR CD1    C Y N 517 
TYR CD2    C Y N 518 
TYR CE1    C Y N 519 
TYR CE2    C Y N 520 
TYR CZ     C Y N 521 
TYR OH     O N N 522 
TYR OXT    O N N 523 
TYR H      H N N 524 
TYR H2     H N N 525 
TYR HA     H N N 526 
TYR HB2    H N N 527 
TYR HB3    H N N 528 
TYR HD1    H N N 529 
TYR HD2    H N N 530 
TYR HE1    H N N 531 
TYR HE2    H N N 532 
TYR HH     H N N 533 
TYR HXT    H N N 534 
VAL N      N N N 535 
VAL CA     C N S 536 
VAL C      C N N 537 
VAL O      O N N 538 
VAL CB     C N N 539 
VAL CG1    C N N 540 
VAL CG2    C N N 541 
VAL OXT    O N N 542 
VAL H      H N N 543 
VAL H2     H N N 544 
VAL HA     H N N 545 
VAL HB     H N N 546 
VAL HG11   H N N 547 
VAL HG12   H N N 548 
VAL HG13   H N N 549 
VAL HG21   H N N 550 
VAL HG22   H N N 551 
VAL HG23   H N N 552 
VAL HXT    H N N 553 
# 
loop_
_chem_comp_bond.comp_id 
_chem_comp_bond.atom_id_1 
_chem_comp_bond.atom_id_2 
_chem_comp_bond.value_order 
_chem_comp_bond.pdbx_aromatic_flag 
_chem_comp_bond.pdbx_stereo_config 
_chem_comp_bond.pdbx_ordinal 
ALA N     CA     sing N N 1   
ALA N     H      sing N N 2   
ALA N     H2     sing N N 3   
ALA CA    C      sing N N 4   
ALA CA    CB     sing N N 5   
ALA CA    HA     sing N N 6   
ALA C     O      doub N N 7   
ALA C     OXT    sing N N 8   
ALA CB    HB1    sing N N 9   
ALA CB    HB2    sing N N 10  
ALA CB    HB3    sing N N 11  
ALA OXT   HXT    sing N N 12  
ARG N     CA     sing N N 13  
ARG N     H      sing N N 14  
ARG N     H2     sing N N 15  
ARG CA    C      sing N N 16  
ARG CA    CB     sing N N 17  
ARG CA    HA     sing N N 18  
ARG C     O      doub N N 19  
ARG C     OXT    sing N N 20  
ARG CB    CG     sing N N 21  
ARG CB    HB2    sing N N 22  
ARG CB    HB3    sing N N 23  
ARG CG    CD     sing N N 24  
ARG CG    HG2    sing N N 25  
ARG CG    HG3    sing N N 26  
ARG CD    NE     sing N N 27  
ARG CD    HD2    sing N N 28  
ARG CD    HD3    sing N N 29  
ARG NE    CZ     sing N N 30  
ARG NE    HE     sing N N 31  
ARG CZ    NH1    sing N N 32  
ARG CZ    NH2    doub N N 33  
ARG NH1   HH11   sing N N 34  
ARG NH1   HH12   sing N N 35  
ARG NH2   HH21   sing N N 36  
ARG NH2   HH22   sing N N 37  
ARG OXT   HXT    sing N N 38  
ASN N     CA     sing N N 39  
ASN N     H      sing N N 40  
ASN N     H2     sing N N 41  
ASN CA    C      sing N N 42  
ASN CA    CB     sing N N 43  
ASN CA    HA     sing N N 44  
ASN C     O      doub N N 45  
ASN C     OXT    sing N N 46  
ASN CB    CG     sing N N 47  
ASN CB    HB2    sing N N 48  
ASN CB    HB3    sing N N 49  
ASN CG    OD1    doub N N 50  
ASN CG    ND2    sing N N 51  
ASN ND2   HD21   sing N N 52  
ASN ND2   HD22   sing N N 53  
ASN OXT   HXT    sing N N 54  
ASP N     CA     sing N N 55  
ASP N     H      sing N N 56  
ASP N     H2     sing N N 57  
ASP CA    C      sing N N 58  
ASP CA    CB     sing N N 59  
ASP CA    HA     sing N N 60  
ASP C     O      doub N N 61  
ASP C     OXT    sing N N 62  
ASP CB    CG     sing N N 63  
ASP CB    HB2    sing N N 64  
ASP CB    HB3    sing N N 65  
ASP CG    OD1    doub N N 66  
ASP CG    OD2    sing N N 67  
ASP OD2   HD2    sing N N 68  
ASP OXT   HXT    sing N N 69  
CYS N     CA     sing N N 70  
CYS N     H      sing N N 71  
CYS N     H2     sing N N 72  
CYS CA    C      sing N N 73  
CYS CA    CB     sing N N 74  
CYS CA    HA     sing N N 75  
CYS C     O      doub N N 76  
CYS C     OXT    sing N N 77  
CYS CB    SG     sing N N 78  
CYS CB    HB2    sing N N 79  
CYS CB    HB3    sing N N 80  
CYS SG    HG     sing N N 81  
CYS OXT   HXT    sing N N 82  
DA  OP3   P      sing N N 83  
DA  OP3   HOP3   sing N N 84  
DA  P     OP1    doub N N 85  
DA  P     OP2    sing N N 86  
DA  P     "O5'"  sing N N 87  
DA  OP2   HOP2   sing N N 88  
DA  "O5'" "C5'"  sing N N 89  
DA  "C5'" "C4'"  sing N N 90  
DA  "C5'" "H5'"  sing N N 91  
DA  "C5'" "H5''" sing N N 92  
DA  "C4'" "O4'"  sing N N 93  
DA  "C4'" "C3'"  sing N N 94  
DA  "C4'" "H4'"  sing N N 95  
DA  "O4'" "C1'"  sing N N 96  
DA  "C3'" "O3'"  sing N N 97  
DA  "C3'" "C2'"  sing N N 98  
DA  "C3'" "H3'"  sing N N 99  
DA  "O3'" "HO3'" sing N N 100 
DA  "C2'" "C1'"  sing N N 101 
DA  "C2'" "H2'"  sing N N 102 
DA  "C2'" "H2''" sing N N 103 
DA  "C1'" N9     sing N N 104 
DA  "C1'" "H1'"  sing N N 105 
DA  N9    C8     sing Y N 106 
DA  N9    C4     sing Y N 107 
DA  C8    N7     doub Y N 108 
DA  C8    H8     sing N N 109 
DA  N7    C5     sing Y N 110 
DA  C5    C6     sing Y N 111 
DA  C5    C4     doub Y N 112 
DA  C6    N6     sing N N 113 
DA  C6    N1     doub Y N 114 
DA  N6    H61    sing N N 115 
DA  N6    H62    sing N N 116 
DA  N1    C2     sing Y N 117 
DA  C2    N3     doub Y N 118 
DA  C2    H2     sing N N 119 
DA  N3    C4     sing Y N 120 
DC  OP3   P      sing N N 121 
DC  OP3   HOP3   sing N N 122 
DC  P     OP1    doub N N 123 
DC  P     OP2    sing N N 124 
DC  P     "O5'"  sing N N 125 
DC  OP2   HOP2   sing N N 126 
DC  "O5'" "C5'"  sing N N 127 
DC  "C5'" "C4'"  sing N N 128 
DC  "C5'" "H5'"  sing N N 129 
DC  "C5'" "H5''" sing N N 130 
DC  "C4'" "O4'"  sing N N 131 
DC  "C4'" "C3'"  sing N N 132 
DC  "C4'" "H4'"  sing N N 133 
DC  "O4'" "C1'"  sing N N 134 
DC  "C3'" "O3'"  sing N N 135 
DC  "C3'" "C2'"  sing N N 136 
DC  "C3'" "H3'"  sing N N 137 
DC  "O3'" "HO3'" sing N N 138 
DC  "C2'" "C1'"  sing N N 139 
DC  "C2'" "H2'"  sing N N 140 
DC  "C2'" "H2''" sing N N 141 
DC  "C1'" N1     sing N N 142 
DC  "C1'" "H1'"  sing N N 143 
DC  N1    C2     sing N N 144 
DC  N1    C6     sing N N 145 
DC  C2    O2     doub N N 146 
DC  C2    N3     sing N N 147 
DC  N3    C4     doub N N 148 
DC  C4    N4     sing N N 149 
DC  C4    C5     sing N N 150 
DC  N4    H41    sing N N 151 
DC  N4    H42    sing N N 152 
DC  C5    C6     doub N N 153 
DC  C5    H5     sing N N 154 
DC  C6    H6     sing N N 155 
DG  OP3   P      sing N N 156 
DG  OP3   HOP3   sing N N 157 
DG  P     OP1    doub N N 158 
DG  P     OP2    sing N N 159 
DG  P     "O5'"  sing N N 160 
DG  OP2   HOP2   sing N N 161 
DG  "O5'" "C5'"  sing N N 162 
DG  "C5'" "C4'"  sing N N 163 
DG  "C5'" "H5'"  sing N N 164 
DG  "C5'" "H5''" sing N N 165 
DG  "C4'" "O4'"  sing N N 166 
DG  "C4'" "C3'"  sing N N 167 
DG  "C4'" "H4'"  sing N N 168 
DG  "O4'" "C1'"  sing N N 169 
DG  "C3'" "O3'"  sing N N 170 
DG  "C3'" "C2'"  sing N N 171 
DG  "C3'" "H3'"  sing N N 172 
DG  "O3'" "HO3'" sing N N 173 
DG  "C2'" "C1'"  sing N N 174 
DG  "C2'" "H2'"  sing N N 175 
DG  "C2'" "H2''" sing N N 176 
DG  "C1'" N9     sing N N 177 
DG  "C1'" "H1'"  sing N N 178 
DG  N9    C8     sing Y N 179 
DG  N9    C4     sing Y N 180 
DG  C8    N7     doub Y N 181 
DG  C8    H8     sing N N 182 
DG  N7    C5     sing Y N 183 
DG  C5    C6     sing N N 184 
DG  C5    C4     doub Y N 185 
DG  C6    O6     doub N N 186 
DG  C6    N1     sing N N 187 
DG  N1    C2     sing N N 188 
DG  N1    H1     sing N N 189 
DG  C2    N2     sing N N 190 
DG  C2    N3     doub N N 191 
DG  N2    H21    sing N N 192 
DG  N2    H22    sing N N 193 
DG  N3    C4     sing N N 194 
DT  OP3   P      sing N N 195 
DT  OP3   HOP3   sing N N 196 
DT  P     OP1    doub N N 197 
DT  P     OP2    sing N N 198 
DT  P     "O5'"  sing N N 199 
DT  OP2   HOP2   sing N N 200 
DT  "O5'" "C5'"  sing N N 201 
DT  "C5'" "C4'"  sing N N 202 
DT  "C5'" "H5'"  sing N N 203 
DT  "C5'" "H5''" sing N N 204 
DT  "C4'" "O4'"  sing N N 205 
DT  "C4'" "C3'"  sing N N 206 
DT  "C4'" "H4'"  sing N N 207 
DT  "O4'" "C1'"  sing N N 208 
DT  "C3'" "O3'"  sing N N 209 
DT  "C3'" "C2'"  sing N N 210 
DT  "C3'" "H3'"  sing N N 211 
DT  "O3'" "HO3'" sing N N 212 
DT  "C2'" "C1'"  sing N N 213 
DT  "C2'" "H2'"  sing N N 214 
DT  "C2'" "H2''" sing N N 215 
DT  "C1'" N1     sing N N 216 
DT  "C1'" "H1'"  sing N N 217 
DT  N1    C2     sing N N 218 
DT  N1    C6     sing N N 219 
DT  C2    O2     doub N N 220 
DT  C2    N3     sing N N 221 
DT  N3    C4     sing N N 222 
DT  N3    H3     sing N N 223 
DT  C4    O4     doub N N 224 
DT  C4    C5     sing N N 225 
DT  C5    C7     sing N N 226 
DT  C5    C6     doub N N 227 
DT  C7    H71    sing N N 228 
DT  C7    H72    sing N N 229 
DT  C7    H73    sing N N 230 
DT  C6    H6     sing N N 231 
GLN N     CA     sing N N 232 
GLN N     H      sing N N 233 
GLN N     H2     sing N N 234 
GLN CA    C      sing N N 235 
GLN CA    CB     sing N N 236 
GLN CA    HA     sing N N 237 
GLN C     O      doub N N 238 
GLN C     OXT    sing N N 239 
GLN CB    CG     sing N N 240 
GLN CB    HB2    sing N N 241 
GLN CB    HB3    sing N N 242 
GLN CG    CD     sing N N 243 
GLN CG    HG2    sing N N 244 
GLN CG    HG3    sing N N 245 
GLN CD    OE1    doub N N 246 
GLN CD    NE2    sing N N 247 
GLN NE2   HE21   sing N N 248 
GLN NE2   HE22   sing N N 249 
GLN OXT   HXT    sing N N 250 
GLU N     CA     sing N N 251 
GLU N     H      sing N N 252 
GLU N     H2     sing N N 253 
GLU CA    C      sing N N 254 
GLU CA    CB     sing N N 255 
GLU CA    HA     sing N N 256 
GLU C     O      doub N N 257 
GLU C     OXT    sing N N 258 
GLU CB    CG     sing N N 259 
GLU CB    HB2    sing N N 260 
GLU CB    HB3    sing N N 261 
GLU CG    CD     sing N N 262 
GLU CG    HG2    sing N N 263 
GLU CG    HG3    sing N N 264 
GLU CD    OE1    doub N N 265 
GLU CD    OE2    sing N N 266 
GLU OE2   HE2    sing N N 267 
GLU OXT   HXT    sing N N 268 
GLY N     CA     sing N N 269 
GLY N     H      sing N N 270 
GLY N     H2     sing N N 271 
GLY CA    C      sing N N 272 
GLY CA    HA2    sing N N 273 
GLY CA    HA3    sing N N 274 
GLY C     O      doub N N 275 
GLY C     OXT    sing N N 276 
GLY OXT   HXT    sing N N 277 
HIS N     CA     sing N N 278 
HIS N     H      sing N N 279 
HIS N     H2     sing N N 280 
HIS CA    C      sing N N 281 
HIS CA    CB     sing N N 282 
HIS CA    HA     sing N N 283 
HIS C     O      doub N N 284 
HIS C     OXT    sing N N 285 
HIS CB    CG     sing N N 286 
HIS CB    HB2    sing N N 287 
HIS CB    HB3    sing N N 288 
HIS CG    ND1    sing Y N 289 
HIS CG    CD2    doub Y N 290 
HIS ND1   CE1    doub Y N 291 
HIS ND1   HD1    sing N N 292 
HIS CD2   NE2    sing Y N 293 
HIS CD2   HD2    sing N N 294 
HIS CE1   NE2    sing Y N 295 
HIS CE1   HE1    sing N N 296 
HIS NE2   HE2    sing N N 297 
HIS OXT   HXT    sing N N 298 
HOH O     H1     sing N N 299 
HOH O     H2     sing N N 300 
ILE N     CA     sing N N 301 
ILE N     H      sing N N 302 
ILE N     H2     sing N N 303 
ILE CA    C      sing N N 304 
ILE CA    CB     sing N N 305 
ILE CA    HA     sing N N 306 
ILE C     O      doub N N 307 
ILE C     OXT    sing N N 308 
ILE CB    CG1    sing N N 309 
ILE CB    CG2    sing N N 310 
ILE CB    HB     sing N N 311 
ILE CG1   CD1    sing N N 312 
ILE CG1   HG12   sing N N 313 
ILE CG1   HG13   sing N N 314 
ILE CG2   HG21   sing N N 315 
ILE CG2   HG22   sing N N 316 
ILE CG2   HG23   sing N N 317 
ILE CD1   HD11   sing N N 318 
ILE CD1   HD12   sing N N 319 
ILE CD1   HD13   sing N N 320 
ILE OXT   HXT    sing N N 321 
LDA N1    O1     sing N N 322 
LDA N1    CM1    sing N N 323 
LDA N1    CM2    sing N N 324 
LDA N1    C1     sing N N 325 
LDA CM1   HM11   sing N N 326 
LDA CM1   HM12   sing N N 327 
LDA CM1   HM13   sing N N 328 
LDA CM2   HM21   sing N N 329 
LDA CM2   HM22   sing N N 330 
LDA CM2   HM23   sing N N 331 
LDA C1    C2     sing N N 332 
LDA C1    H11    sing N N 333 
LDA C1    H12    sing N N 334 
LDA C2    C3     sing N N 335 
LDA C2    H21    sing N N 336 
LDA C2    H22    sing N N 337 
LDA C3    C4     sing N N 338 
LDA C3    H31    sing N N 339 
LDA C3    H32    sing N N 340 
LDA C4    C5     sing N N 341 
LDA C4    H41    sing N N 342 
LDA C4    H42    sing N N 343 
LDA C5    C6     sing N N 344 
LDA C5    H51    sing N N 345 
LDA C5    H52    sing N N 346 
LDA C6    C7     sing N N 347 
LDA C6    H61    sing N N 348 
LDA C6    H62    sing N N 349 
LDA C7    C8     sing N N 350 
LDA C7    H71    sing N N 351 
LDA C7    H72    sing N N 352 
LDA C8    C9     sing N N 353 
LDA C8    H81    sing N N 354 
LDA C8    H82    sing N N 355 
LDA C9    C10    sing N N 356 
LDA C9    H91    sing N N 357 
LDA C9    H92    sing N N 358 
LDA C10   C11    sing N N 359 
LDA C10   H101   sing N N 360 
LDA C10   H102   sing N N 361 
LDA C11   C12    sing N N 362 
LDA C11   H111   sing N N 363 
LDA C11   H112   sing N N 364 
LDA C12   H121   sing N N 365 
LDA C12   H122   sing N N 366 
LDA C12   H123   sing N N 367 
LEU N     CA     sing N N 368 
LEU N     H      sing N N 369 
LEU N     H2     sing N N 370 
LEU CA    C      sing N N 371 
LEU CA    CB     sing N N 372 
LEU CA    HA     sing N N 373 
LEU C     O      doub N N 374 
LEU C     OXT    sing N N 375 
LEU CB    CG     sing N N 376 
LEU CB    HB2    sing N N 377 
LEU CB    HB3    sing N N 378 
LEU CG    CD1    sing N N 379 
LEU CG    CD2    sing N N 380 
LEU CG    HG     sing N N 381 
LEU CD1   HD11   sing N N 382 
LEU CD1   HD12   sing N N 383 
LEU CD1   HD13   sing N N 384 
LEU CD2   HD21   sing N N 385 
LEU CD2   HD22   sing N N 386 
LEU CD2   HD23   sing N N 387 
LEU OXT   HXT    sing N N 388 
LYS N     CA     sing N N 389 
LYS N     H      sing N N 390 
LYS N     H2     sing N N 391 
LYS CA    C      sing N N 392 
LYS CA    CB     sing N N 393 
LYS CA    HA     sing N N 394 
LYS C     O      doub N N 395 
LYS C     OXT    sing N N 396 
LYS CB    CG     sing N N 397 
LYS CB    HB2    sing N N 398 
LYS CB    HB3    sing N N 399 
LYS CG    CD     sing N N 400 
LYS CG    HG2    sing N N 401 
LYS CG    HG3    sing N N 402 
LYS CD    CE     sing N N 403 
LYS CD    HD2    sing N N 404 
LYS CD    HD3    sing N N 405 
LYS CE    NZ     sing N N 406 
LYS CE    HE2    sing N N 407 
LYS CE    HE3    sing N N 408 
LYS NZ    HZ1    sing N N 409 
LYS NZ    HZ2    sing N N 410 
LYS NZ    HZ3    sing N N 411 
LYS OXT   HXT    sing N N 412 
MET N     CA     sing N N 413 
MET N     H      sing N N 414 
MET N     H2     sing N N 415 
MET CA    C      sing N N 416 
MET CA    CB     sing N N 417 
MET CA    HA     sing N N 418 
MET C     O      doub N N 419 
MET C     OXT    sing N N 420 
MET CB    CG     sing N N 421 
MET CB    HB2    sing N N 422 
MET CB    HB3    sing N N 423 
MET CG    SD     sing N N 424 
MET CG    HG2    sing N N 425 
MET CG    HG3    sing N N 426 
MET SD    CE     sing N N 427 
MET CE    HE1    sing N N 428 
MET CE    HE2    sing N N 429 
MET CE    HE3    sing N N 430 
MET OXT   HXT    sing N N 431 
PHE N     CA     sing N N 432 
PHE N     H      sing N N 433 
PHE N     H2     sing N N 434 
PHE CA    C      sing N N 435 
PHE CA    CB     sing N N 436 
PHE CA    HA     sing N N 437 
PHE C     O      doub N N 438 
PHE C     OXT    sing N N 439 
PHE CB    CG     sing N N 440 
PHE CB    HB2    sing N N 441 
PHE CB    HB3    sing N N 442 
PHE CG    CD1    doub Y N 443 
PHE CG    CD2    sing Y N 444 
PHE CD1   CE1    sing Y N 445 
PHE CD1   HD1    sing N N 446 
PHE CD2   CE2    doub Y N 447 
PHE CD2   HD2    sing N N 448 
PHE CE1   CZ     doub Y N 449 
PHE CE1   HE1    sing N N 450 
PHE CE2   CZ     sing Y N 451 
PHE CE2   HE2    sing N N 452 
PHE CZ    HZ     sing N N 453 
PHE OXT   HXT    sing N N 454 
PRO N     CA     sing N N 455 
PRO N     CD     sing N N 456 
PRO N     H      sing N N 457 
PRO CA    C      sing N N 458 
PRO CA    CB     sing N N 459 
PRO CA    HA     sing N N 460 
PRO C     O      doub N N 461 
PRO C     OXT    sing N N 462 
PRO CB    CG     sing N N 463 
PRO CB    HB2    sing N N 464 
PRO CB    HB3    sing N N 465 
PRO CG    CD     sing N N 466 
PRO CG    HG2    sing N N 467 
PRO CG    HG3    sing N N 468 
PRO CD    HD2    sing N N 469 
PRO CD    HD3    sing N N 470 
PRO OXT   HXT    sing N N 471 
SER N     CA     sing N N 472 
SER N     H      sing N N 473 
SER N     H2     sing N N 474 
SER CA    C      sing N N 475 
SER CA    CB     sing N N 476 
SER CA    HA     sing N N 477 
SER C     O      doub N N 478 
SER C     OXT    sing N N 479 
SER CB    OG     sing N N 480 
SER CB    HB2    sing N N 481 
SER CB    HB3    sing N N 482 
SER OG    HG     sing N N 483 
SER OXT   HXT    sing N N 484 
THR N     CA     sing N N 485 
THR N     H      sing N N 486 
THR N     H2     sing N N 487 
THR CA    C      sing N N 488 
THR CA    CB     sing N N 489 
THR CA    HA     sing N N 490 
THR C     O      doub N N 491 
THR C     OXT    sing N N 492 
THR CB    OG1    sing N N 493 
THR CB    CG2    sing N N 494 
THR CB    HB     sing N N 495 
THR OG1   HG1    sing N N 496 
THR CG2   HG21   sing N N 497 
THR CG2   HG22   sing N N 498 
THR CG2   HG23   sing N N 499 
THR OXT   HXT    sing N N 500 
TYR N     CA     sing N N 501 
TYR N     H      sing N N 502 
TYR N     H2     sing N N 503 
TYR CA    C      sing N N 504 
TYR CA    CB     sing N N 505 
TYR CA    HA     sing N N 506 
TYR C     O      doub N N 507 
TYR C     OXT    sing N N 508 
TYR CB    CG     sing N N 509 
TYR CB    HB2    sing N N 510 
TYR CB    HB3    sing N N 511 
TYR CG    CD1    doub Y N 512 
TYR CG    CD2    sing Y N 513 
TYR CD1   CE1    sing Y N 514 
TYR CD1   HD1    sing N N 515 
TYR CD2   CE2    doub Y N 516 
TYR CD2   HD2    sing N N 517 
TYR CE1   CZ     doub Y N 518 
TYR CE1   HE1    sing N N 519 
TYR CE2   CZ     sing Y N 520 
TYR CE2   HE2    sing N N 521 
TYR CZ    OH     sing N N 522 
TYR OH    HH     sing N N 523 
TYR OXT   HXT    sing N N 524 
VAL N     CA     sing N N 525 
VAL N     H      sing N N 526 
VAL N     H2     sing N N 527 
VAL CA    C      sing N N 528 
VAL CA    CB     sing N N 529 
VAL CA    HA     sing N N 530 
VAL C     O      doub N N 531 
VAL C     OXT    sing N N 532 
VAL CB    CG1    sing N N 533 
VAL CB    CG2    sing N N 534 
VAL CB    HB     sing N N 535 
VAL CG1   HG11   sing N N 536 
VAL CG1   HG12   sing N N 537 
VAL CG1   HG13   sing N N 538 
VAL CG2   HG21   sing N N 539 
VAL CG2   HG22   sing N N 540 
VAL CG2   HG23   sing N N 541 
VAL OXT   HXT    sing N N 542 
# 
loop_
_ndb_struct_conf_na.entry_id 
_ndb_struct_conf_na.feature 
1SKN 'double helix'        
1SKN 'b-form double helix' 
# 
loop_
_ndb_struct_na_base_pair.model_number 
_ndb_struct_na_base_pair.i_label_asym_id 
_ndb_struct_na_base_pair.i_label_comp_id 
_ndb_struct_na_base_pair.i_label_seq_id 
_ndb_struct_na_base_pair.i_symmetry 
_ndb_struct_na_base_pair.j_label_asym_id 
_ndb_struct_na_base_pair.j_label_comp_id 
_ndb_struct_na_base_pair.j_label_seq_id 
_ndb_struct_na_base_pair.j_symmetry 
_ndb_struct_na_base_pair.shear 
_ndb_struct_na_base_pair.stretch 
_ndb_struct_na_base_pair.stagger 
_ndb_struct_na_base_pair.buckle 
_ndb_struct_na_base_pair.propeller 
_ndb_struct_na_base_pair.opening 
_ndb_struct_na_base_pair.pair_number 
_ndb_struct_na_base_pair.pair_name 
_ndb_struct_na_base_pair.i_auth_asym_id 
_ndb_struct_na_base_pair.i_auth_seq_id 
_ndb_struct_na_base_pair.i_PDB_ins_code 
_ndb_struct_na_base_pair.j_auth_asym_id 
_ndb_struct_na_base_pair.j_auth_seq_id 
_ndb_struct_na_base_pair.j_PDB_ins_code 
_ndb_struct_na_base_pair.hbond_type_28 
_ndb_struct_na_base_pair.hbond_type_12 
1 A DA 3  1_555 B DT 15 1_555 0.349  -0.428 0.041  14.262  2.461   -6.239  1  A_DA3:DT15_B A 3  ? B 15 ? 20 1 
1 A DC 4  1_555 B DG 14 1_555 0.055  0.191  -0.646 20.253  -12.989 6.024   2  A_DC4:DG14_B A 4  ? B 14 ? 19 1 
1 A DA 5  1_555 B DT 13 1_555 0.115  -0.178 0.137  0.899   -9.473  1.812   3  A_DA5:DT13_B A 5  ? B 13 ? 20 1 
1 A DA 6  1_555 B DT 12 1_555 0.327  -0.300 -0.309 0.972   -12.762 -6.304  4  A_DA6:DT12_B A 6  ? B 12 ? 20 1 
1 A DT 7  1_555 B DA 11 1_555 0.360  -0.618 0.198  3.121   -7.080  2.019   5  A_DT7:DA11_B A 7  ? B 11 ? 20 1 
1 A DG 8  1_555 B DC 10 1_555 0.330  -0.320 -0.003 -7.691  -6.065  -9.610  6  A_DG8:DC10_B A 8  ? B 10 ? 19 1 
1 A DT 9  1_555 B DA 9  1_555 -0.560 -0.207 0.458  -8.465  -2.589  1.323   7  A_DT9:DA9_B  A 9  ? B 9  ? 20 1 
1 A DC 10 1_555 B DG 8  1_555 -0.393 -0.465 0.461  3.644   -12.495 -7.230  8  A_DC10:DG8_B A 10 ? B 8  ? 19 1 
1 A DA 11 1_555 B DT 7  1_555 1.077  -0.454 0.504  -3.626  -3.810  -5.490  9  A_DA11:DT7_B A 11 ? B 7  ? 20 1 
1 A DT 12 1_555 B DA 6  1_555 -0.042 -0.295 0.559  -5.631  -4.530  10.952  10 A_DT12:DA6_B A 12 ? B 6  ? 20 1 
1 A DC 13 1_555 B DG 5  1_555 -0.170 -0.289 -0.157 5.135   -5.151  -5.329  11 A_DC13:DG5_B A 13 ? B 5  ? 19 1 
1 A DC 14 1_555 B DG 4  1_555 0.006  -0.063 0.187  -17.284 4.213   7.903   12 A_DC14:DG4_B A 14 ? B 4  ? 19 1 
1 A DC 15 1_555 B DG 3  1_555 -0.594 -0.392 -0.105 -3.484  -1.563  -10.243 13 A_DC15:DG3_B A 15 ? B 3  ? 19 1 
# 
loop_
_ndb_struct_na_base_pair_step.model_number 
_ndb_struct_na_base_pair_step.i_label_asym_id_1 
_ndb_struct_na_base_pair_step.i_label_comp_id_1 
_ndb_struct_na_base_pair_step.i_label_seq_id_1 
_ndb_struct_na_base_pair_step.i_symmetry_1 
_ndb_struct_na_base_pair_step.j_label_asym_id_1 
_ndb_struct_na_base_pair_step.j_label_comp_id_1 
_ndb_struct_na_base_pair_step.j_label_seq_id_1 
_ndb_struct_na_base_pair_step.j_symmetry_1 
_ndb_struct_na_base_pair_step.i_label_asym_id_2 
_ndb_struct_na_base_pair_step.i_label_comp_id_2 
_ndb_struct_na_base_pair_step.i_label_seq_id_2 
_ndb_struct_na_base_pair_step.i_symmetry_2 
_ndb_struct_na_base_pair_step.j_label_asym_id_2 
_ndb_struct_na_base_pair_step.j_label_comp_id_2 
_ndb_struct_na_base_pair_step.j_label_seq_id_2 
_ndb_struct_na_base_pair_step.j_symmetry_2 
_ndb_struct_na_base_pair_step.shift 
_ndb_struct_na_base_pair_step.slide 
_ndb_struct_na_base_pair_step.rise 
_ndb_struct_na_base_pair_step.tilt 
_ndb_struct_na_base_pair_step.roll 
_ndb_struct_na_base_pair_step.twist 
_ndb_struct_na_base_pair_step.x_displacement 
_ndb_struct_na_base_pair_step.y_displacement 
_ndb_struct_na_base_pair_step.helical_rise 
_ndb_struct_na_base_pair_step.inclination 
_ndb_struct_na_base_pair_step.tip 
_ndb_struct_na_base_pair_step.helical_twist 
_ndb_struct_na_base_pair_step.step_number 
_ndb_struct_na_base_pair_step.step_name 
_ndb_struct_na_base_pair_step.i_auth_asym_id_1 
_ndb_struct_na_base_pair_step.i_auth_seq_id_1 
_ndb_struct_na_base_pair_step.i_PDB_ins_code_1 
_ndb_struct_na_base_pair_step.j_auth_asym_id_1 
_ndb_struct_na_base_pair_step.j_auth_seq_id_1 
_ndb_struct_na_base_pair_step.j_PDB_ins_code_1 
_ndb_struct_na_base_pair_step.i_auth_asym_id_2 
_ndb_struct_na_base_pair_step.i_auth_seq_id_2 
_ndb_struct_na_base_pair_step.i_PDB_ins_code_2 
_ndb_struct_na_base_pair_step.j_auth_asym_id_2 
_ndb_struct_na_base_pair_step.j_auth_seq_id_2 
_ndb_struct_na_base_pair_step.j_PDB_ins_code_2 
1 A DA 3  1_555 B DT 15 1_555 A DC 4  1_555 B DG 14 1_555 0.884  -0.050 3.274 9.104  9.403  29.291 -1.858 0.109  3.232 17.533  
-16.976 32.023 1  AA_DA3DC4:DG14DT15_BB A 3  ? B 15 ? A 4  ? B 14 ? 
1 A DC 4  1_555 B DG 14 1_555 A DA 5  1_555 B DT 13 1_555 -0.100 0.002  3.730 -4.361 1.283  38.963 -0.172 -0.445 3.717 1.915   
6.510   39.217 2  AA_DC4DA5:DT13DG14_BB A 4  ? B 14 ? A 5  ? B 13 ? 
1 A DA 5  1_555 B DT 13 1_555 A DA 6  1_555 B DT 12 1_555 -0.335 -0.793 3.300 2.348  -1.337 34.424 -1.126 0.932  3.298 -2.256  
-3.961  34.527 3  AA_DA5DA6:DT12DT13_BB A 5  ? B 13 ? A 6  ? B 12 ? 
1 A DA 6  1_555 B DT 12 1_555 A DT 7  1_555 B DA 11 1_555 0.650  -0.580 3.269 -1.326 -6.532 36.065 -0.017 -1.217 3.296 -10.440 
2.120   36.655 4  AA_DA6DT7:DA11DT12_BB A 6  ? B 12 ? A 7  ? B 11 ? 
1 A DT 7  1_555 B DA 11 1_555 A DG 8  1_555 B DC 10 1_555 -0.433 -1.163 3.441 0.656  3.285  36.434 -2.321 0.783  3.319 5.240   
-1.047  36.583 5  AA_DT7DG8:DC10DA11_BB A 7  ? B 11 ? A 8  ? B 10 ? 
1 A DG 8  1_555 B DC 10 1_555 A DT 9  1_555 B DA 9  1_555 0.497  -0.960 3.315 -3.982 -5.958 28.996 -0.583 -1.820 3.345 -11.676 
7.803   29.850 6  AA_DG8DT9:DA9DC10_BB  A 8  ? B 10 ? A 9  ? B 9  ? 
1 A DT 9  1_555 B DA 9  1_555 A DC 10 1_555 B DG 8  1_555 0.010  -0.322 2.960 4.187  4.060  35.276 -1.052 0.528  2.888 6.644   
-6.852  35.740 7  AA_DT9DC10:DG8DA9_BB  A 9  ? B 9  ? A 10 ? B 8  ? 
1 A DC 10 1_555 B DG 8  1_555 A DA 11 1_555 B DT 7  1_555 0.369  0.363  3.429 1.732  5.496  47.345 -0.016 -0.310 3.459 6.815   
-2.147  47.674 8  AA_DC10DA11:DT7DG8_BB A 10 ? B 8  ? A 11 ? B 7  ? 
1 A DA 11 1_555 B DT 7  1_555 A DT 12 1_555 B DA 6  1_555 0.710  -0.924 3.395 1.641  5.206  18.217 -5.508 -1.294 3.064 15.984  
-5.039  19.011 9  AA_DA11DT12:DA6DT7_BB A 11 ? B 7  ? A 12 ? B 6  ? 
1 A DT 12 1_555 B DA 6  1_555 A DC 13 1_555 B DG 5  1_555 -0.295 -0.504 2.802 1.634  7.282  35.698 -1.654 0.662  2.637 11.721  
-2.631  36.445 10 AA_DT12DC13:DG5DA6_BB A 12 ? B 6  ? A 13 ? B 5  ? 
1 A DC 13 1_555 B DG 5  1_555 A DC 14 1_555 B DG 4  1_555 1.422  -0.575 3.984 -0.663 5.096  40.222 -1.516 -2.141 3.863 7.373   
0.959   40.535 11 AA_DC13DC14:DG4DG5_BB A 13 ? B 5  ? A 14 ? B 4  ? 
1 A DC 14 1_555 B DG 4  1_555 A DC 15 1_555 B DG 3  1_555 -1.316 -0.690 2.942 2.875  3.270  23.000 -2.658 4.085  2.638 8.108   
-7.128  23.403 12 AA_DC14DC15:DG3DG4_BB A 14 ? B 4  ? A 15 ? B 3  ? 
# 
_atom_sites.entry_id                    1SKN 
_atom_sites.fract_transf_matrix[1][1]   0.01121433 
_atom_sites.fract_transf_matrix[1][2]   0.00390232 
_atom_sites.fract_transf_matrix[1][3]   -0.00269549 
_atom_sites.fract_transf_matrix[2][1]   0.00416988 
_atom_sites.fract_transf_matrix[2][2]   -0.00797491 
_atom_sites.fract_transf_matrix[2][3]   0.00580295 
_atom_sites.fract_transf_matrix[3][1]   0.00016482 
_atom_sites.fract_transf_matrix[3][2]   -0.01095099 
_atom_sites.fract_transf_matrix[3][3]   -0.01516823 
_atom_sites.fract_transf_vector[1]      0.346516 
_atom_sites.fract_transf_vector[2]      0.382167 
_atom_sites.fract_transf_vector[3]      0.219124 
# 
loop_
_atom_type.symbol 
C 
N 
O 
P 
S 
# 
loop_
_atom_site.group_PDB 
_atom_site.id 
_atom_site.type_symbol 
_atom_site.label_atom_id 
_atom_site.label_alt_id 
_atom_site.label_comp_id 
_atom_site.label_asym_id 
_atom_site.label_entity_id 
_atom_site.label_seq_id 
_atom_site.pdbx_PDB_ins_code 
_atom_site.Cartn_x 
_atom_site.Cartn_y 
_atom_site.Cartn_z 
_atom_site.occupancy 
_atom_site.B_iso_or_equiv 
_atom_site.pdbx_formal_charge 
_atom_site.auth_seq_id 
_atom_site.auth_comp_id 
_atom_site.auth_asym_id 
_atom_site.auth_atom_id 
_atom_site.pdbx_PDB_model_num 
ATOM   1    O "O5'" . DT  A 1 1  ? -21.227 22.987  -11.382 1.00 92.73  ? 1   DT  A "O5'" 1 
ATOM   2    C "C5'" . DT  A 1 1  ? -22.648 22.919  -11.133 1.00 100.00 ? 1   DT  A "C5'" 1 
ATOM   3    C "C4'" . DT  A 1 1  ? -23.196 21.560  -11.559 1.00 99.74  ? 1   DT  A "C4'" 1 
ATOM   4    O "O4'" . DT  A 1 1  ? -22.581 21.123  -12.828 1.00 100.00 ? 1   DT  A "O4'" 1 
ATOM   5    C "C3'" . DT  A 1 1  ? -22.924 20.442  -10.541 1.00 96.60  ? 1   DT  A "C3'" 1 
ATOM   6    O "O3'" . DT  A 1 1  ? -23.993 19.488  -10.527 1.00 99.18  ? 1   DT  A "O3'" 1 
ATOM   7    C "C2'" . DT  A 1 1  ? -21.639 19.827  -11.096 1.00 97.75  ? 1   DT  A "C2'" 1 
ATOM   8    C "C1'" . DT  A 1 1  ? -21.941 19.874  -12.602 1.00 96.39  ? 1   DT  A "C1'" 1 
ATOM   9    N N1    . DT  A 1 1  ? -20.707 19.729  -13.428 1.00 88.93  ? 1   DT  A N1    1 
ATOM   10   C C2    . DT  A 1 1  ? -20.779 19.000  -14.576 1.00 87.77  ? 1   DT  A C2    1 
ATOM   11   O O2    . DT  A 1 1  ? -21.812 18.541  -15.045 1.00 89.60  ? 1   DT  A O2    1 
ATOM   12   N N3    . DT  A 1 1  ? -19.581 18.875  -15.198 1.00 83.54  ? 1   DT  A N3    1 
ATOM   13   C C4    . DT  A 1 1  ? -18.350 19.321  -14.840 1.00 79.86  ? 1   DT  A C4    1 
ATOM   14   O O4    . DT  A 1 1  ? -17.380 19.084  -15.573 1.00 75.16  ? 1   DT  A O4    1 
ATOM   15   C C5    . DT  A 1 1  ? -18.347 20.044  -13.604 1.00 82.88  ? 1   DT  A C5    1 
ATOM   16   C C7    . DT  A 1 1  ? -17.064 20.611  -13.081 1.00 85.05  ? 1   DT  A C7    1 
ATOM   17   C C6    . DT  A 1 1  ? -19.508 20.189  -12.949 1.00 84.41  ? 1   DT  A C6    1 
ATOM   18   P P     . DG  A 1 2  ? -25.423 19.862  -9.924  1.00 100.00 ? 2   DG  A P     1 
ATOM   19   O OP1   . DG  A 1 2  ? -26.024 20.957  -10.742 1.00 99.98  ? 2   DG  A OP1   1 
ATOM   20   O OP2   . DG  A 1 2  ? -25.219 19.960  -8.452  1.00 99.85  ? 2   DG  A OP2   1 
ATOM   21   O "O5'" . DG  A 1 2  ? -26.315 18.589  -10.258 1.00 86.28  ? 2   DG  A "O5'" 1 
ATOM   22   C "C5'" . DG  A 1 2  ? -26.718 18.431  -11.626 1.00 85.56  ? 2   DG  A "C5'" 1 
ATOM   23   C "C4'" . DG  A 1 2  ? -26.808 16.953  -12.005 1.00 74.10  ? 2   DG  A "C4'" 1 
ATOM   24   O "O4'" . DG  A 1 2  ? -25.624 16.580  -12.736 1.00 68.33  ? 2   DG  A "O4'" 1 
ATOM   25   C "C3'" . DG  A 1 2  ? -26.799 15.958  -10.872 1.00 66.45  ? 2   DG  A "C3'" 1 
ATOM   26   O "O3'" . DG  A 1 2  ? -27.274 14.784  -11.362 1.00 73.78  ? 2   DG  A "O3'" 1 
ATOM   27   C "C2'" . DG  A 1 2  ? -25.328 15.849  -10.527 1.00 62.53  ? 2   DG  A "C2'" 1 
ATOM   28   C "C1'" . DG  A 1 2  ? -24.842 15.690  -11.945 1.00 63.50  ? 2   DG  A "C1'" 1 
ATOM   29   N N9    . DG  A 1 2  ? -23.414 15.983  -12.098 1.00 58.57  ? 2   DG  A N9    1 
ATOM   30   C C8    . DG  A 1 2  ? -22.592 16.696  -11.278 1.00 57.35  ? 2   DG  A C8    1 
ATOM   31   N N7    . DG  A 1 2  ? -21.348 16.716  -11.708 1.00 58.16  ? 2   DG  A N7    1 
ATOM   32   C C5    . DG  A 1 2  ? -21.355 15.929  -12.859 1.00 58.52  ? 2   DG  A C5    1 
ATOM   33   C C6    . DG  A 1 2  ? -20.331 15.592  -13.781 1.00 60.79  ? 2   DG  A C6    1 
ATOM   34   O O6    . DG  A 1 2  ? -19.115 15.879  -13.759 1.00 63.07  ? 2   DG  A O6    1 
ATOM   35   N N1    . DG  A 1 2  ? -20.820 14.781  -14.796 1.00 58.37  ? 2   DG  A N1    1 
ATOM   36   C C2    . DG  A 1 2  ? -22.109 14.390  -14.954 1.00 54.27  ? 2   DG  A C2    1 
ATOM   37   N N2    . DG  A 1 2  ? -22.403 13.613  -16.010 1.00 52.82  ? 2   DG  A N2    1 
ATOM   38   N N3    . DG  A 1 2  ? -23.044 14.702  -14.113 1.00 55.97  ? 2   DG  A N3    1 
ATOM   39   C C4    . DG  A 1 2  ? -22.608 15.455  -13.086 1.00 57.41  ? 2   DG  A C4    1 
ATOM   40   P P     . DA  A 1 3  ? -28.040 13.830  -10.344 1.00 88.46  ? 3   DA  A P     1 
ATOM   41   O OP1   . DA  A 1 3  ? -29.133 14.607  -9.714  1.00 90.56  ? 3   DA  A OP1   1 
ATOM   42   O OP2   . DA  A 1 3  ? -27.056 13.094  -9.501  1.00 89.73  ? 3   DA  A OP2   1 
ATOM   43   O "O5'" . DA  A 1 3  ? -28.674 12.793  -11.391 1.00 78.90  ? 3   DA  A "O5'" 1 
ATOM   44   C "C5'" . DA  A 1 3  ? -28.358 13.006  -12.787 1.00 78.63  ? 3   DA  A "C5'" 1 
ATOM   45   C "C4'" . DA  A 1 3  ? -27.871 11.748  -13.507 1.00 69.23  ? 3   DA  A "C4'" 1 
ATOM   46   O "O4'" . DA  A 1 3  ? -26.449 11.905  -13.816 1.00 66.63  ? 3   DA  A "O4'" 1 
ATOM   47   C "C3'" . DA  A 1 3  ? -27.918 10.420  -12.746 1.00 62.84  ? 3   DA  A "C3'" 1 
ATOM   48   O "O3'" . DA  A 1 3  ? -27.991 9.412   -13.767 1.00 68.56  ? 3   DA  A "O3'" 1 
ATOM   49   C "C2'" . DA  A 1 3  ? -26.567 10.346  -12.037 1.00 62.24  ? 3   DA  A "C2'" 1 
ATOM   50   C "C1'" . DA  A 1 3  ? -25.657 10.904  -13.165 1.00 62.44  ? 3   DA  A "C1'" 1 
ATOM   51   N N9    . DA  A 1 3  ? -24.387 11.527  -12.684 1.00 58.03  ? 3   DA  A N9    1 
ATOM   52   C C8    . DA  A 1 3  ? -24.209 12.281  -11.554 1.00 54.12  ? 3   DA  A C8    1 
ATOM   53   N N7    . DA  A 1 3  ? -23.001 12.756  -11.401 1.00 54.94  ? 3   DA  A N7    1 
ATOM   54   C C5    . DA  A 1 3  ? -22.315 12.266  -12.480 1.00 55.33  ? 3   DA  A C5    1 
ATOM   55   C C6    . DA  A 1 3  ? -20.978 12.412  -12.863 1.00 55.14  ? 3   DA  A C6    1 
ATOM   56   N N6    . DA  A 1 3  ? -20.087 13.083  -12.140 1.00 57.22  ? 3   DA  A N6    1 
ATOM   57   N N1    . DA  A 1 3  ? -20.586 11.816  -13.999 1.00 55.58  ? 3   DA  A N1    1 
ATOM   58   C C2    . DA  A 1 3  ? -21.504 11.134  -14.709 1.00 58.95  ? 3   DA  A C2    1 
ATOM   59   N N3    . DA  A 1 3  ? -22.813 10.931  -14.456 1.00 59.56  ? 3   DA  A N3    1 
ATOM   60   C C4    . DA  A 1 3  ? -23.147 11.500  -13.286 1.00 57.82  ? 3   DA  A C4    1 
ATOM   61   P P     . DC  A 1 4  ? -28.796 8.025   -13.876 1.00 74.38  ? 4   DC  A P     1 
ATOM   62   O OP1   . DC  A 1 4  ? -29.453 8.113   -15.193 1.00 74.26  ? 4   DC  A OP1   1 
ATOM   63   O OP2   . DC  A 1 4  ? -29.557 7.781   -12.609 1.00 75.34  ? 4   DC  A OP2   1 
ATOM   64   O "O5'" . DC  A 1 4  ? -27.650 6.875   -13.997 1.00 64.76  ? 4   DC  A "O5'" 1 
ATOM   65   C "C5'" . DC  A 1 4  ? -26.661 6.720   -15.065 1.00 65.37  ? 4   DC  A "C5'" 1 
ATOM   66   C "C4'" . DC  A 1 4  ? -25.387 6.016   -14.602 1.00 58.04  ? 4   DC  A "C4'" 1 
ATOM   67   O "O4'" . DC  A 1 4  ? -24.571 6.985   -13.933 1.00 55.73  ? 4   DC  A "O4'" 1 
ATOM   68   C "C3'" . DC  A 1 4  ? -25.559 4.885   -13.583 1.00 59.41  ? 4   DC  A "C3'" 1 
ATOM   69   O "O3'" . DC  A 1 4  ? -25.068 3.640   -14.217 1.00 68.61  ? 4   DC  A "O3'" 1 
ATOM   70   C "C2'" . DC  A 1 4  ? -24.721 5.330   -12.364 1.00 56.47  ? 4   DC  A "C2'" 1 
ATOM   71   C "C1'" . DC  A 1 4  ? -23.770 6.333   -12.975 1.00 54.66  ? 4   DC  A "C1'" 1 
ATOM   72   N N1    . DC  A 1 4  ? -23.228 7.423   -12.029 1.00 51.52  ? 4   DC  A N1    1 
ATOM   73   C C2    . DC  A 1 4  ? -21.975 8.047   -12.313 1.00 45.77  ? 4   DC  A C2    1 
ATOM   74   O O2    . DC  A 1 4  ? -21.300 7.703   -13.293 1.00 45.86  ? 4   DC  A O2    1 
ATOM   75   N N3    . DC  A 1 4  ? -21.492 9.008   -11.497 1.00 42.98  ? 4   DC  A N3    1 
ATOM   76   C C4    . DC  A 1 4  ? -22.137 9.348   -10.402 1.00 44.69  ? 4   DC  A C4    1 
ATOM   77   N N4    . DC  A 1 4  ? -21.553 10.310  -9.652  1.00 40.68  ? 4   DC  A N4    1 
ATOM   78   C C5    . DC  A 1 4  ? -23.432 8.767   -10.093 1.00 49.98  ? 4   DC  A C5    1 
ATOM   79   C C6    . DC  A 1 4  ? -23.951 7.819   -10.920 1.00 52.38  ? 4   DC  A C6    1 
ATOM   80   P P     . DA  A 1 5  ? -24.417 2.378   -13.466 1.00 69.69  ? 5   DA  A P     1 
ATOM   81   O OP1   . DA  A 1 5  ? -24.259 1.269   -14.425 1.00 65.85  ? 5   DA  A OP1   1 
ATOM   82   O OP2   . DA  A 1 5  ? -25.130 2.163   -12.174 1.00 70.06  ? 5   DA  A OP2   1 
ATOM   83   O "O5'" . DA  A 1 5  ? -23.020 3.073   -13.257 1.00 56.60  ? 5   DA  A "O5'" 1 
ATOM   84   C "C5'" . DA  A 1 5  ? -22.585 3.661   -14.465 1.00 58.01  ? 5   DA  A "C5'" 1 
ATOM   85   C "C4'" . DA  A 1 5  ? -21.255 3.121   -14.917 1.00 54.52  ? 5   DA  A "C4'" 1 
ATOM   86   O "O4'" . DA  A 1 5  ? -20.288 3.985   -14.288 1.00 56.74  ? 5   DA  A "O4'" 1 
ATOM   87   C "C3'" . DA  A 1 5  ? -20.721 1.802   -14.413 1.00 52.91  ? 5   DA  A "C3'" 1 
ATOM   88   O "O3'" . DA  A 1 5  ? -19.504 1.521   -15.057 1.00 64.34  ? 5   DA  A "O3'" 1 
ATOM   89   C "C2'" . DA  A 1 5  ? -20.460 2.070   -12.920 1.00 52.07  ? 5   DA  A "C2'" 1 
ATOM   90   C "C1'" . DA  A 1 5  ? -19.852 3.453   -13.037 1.00 55.57  ? 5   DA  A "C1'" 1 
ATOM   91   N N9    . DA  A 1 5  ? -20.220 4.303   -11.898 1.00 57.47  ? 5   DA  A N9    1 
ATOM   92   C C8    . DA  A 1 5  ? -21.406 4.336   -11.242 1.00 58.88  ? 5   DA  A C8    1 
ATOM   93   N N7    . DA  A 1 5  ? -21.404 5.161   -10.184 1.00 61.89  ? 5   DA  A N7    1 
ATOM   94   C C5    . DA  A 1 5  ? -20.120 5.718   -10.123 1.00 58.54  ? 5   DA  A C5    1 
ATOM   95   C C6    . DA  A 1 5  ? -19.456 6.651   -9.241  1.00 54.53  ? 5   DA  A C6    1 
ATOM   96   N N6    . DA  A 1 5  ? -20.069 7.261   -8.213  1.00 52.56  ? 5   DA  A N6    1 
ATOM   97   N N1    . DA  A 1 5  ? -18.125 6.916   -9.445  1.00 51.54  ? 5   DA  A N1    1 
ATOM   98   C C2    . DA  A 1 5  ? -17.530 6.344   -10.495 1.00 51.68  ? 5   DA  A C2    1 
ATOM   99   N N3    . DA  A 1 5  ? -18.049 5.468   -11.385 1.00 57.68  ? 5   DA  A N3    1 
ATOM   100  C C4    . DA  A 1 5  ? -19.362 5.160   -11.151 1.00 59.47  ? 5   DA  A C4    1 
ATOM   101  P P     . DA  A 1 6  ? -18.676 0.253   -14.532 1.00 76.92  ? 6   DA  A P     1 
ATOM   102  O OP1   . DA  A 1 6  ? -18.047 -0.399  -15.724 1.00 72.78  ? 6   DA  A OP1   1 
ATOM   103  O OP2   . DA  A 1 6  ? -19.649 -0.451  -13.611 1.00 78.33  ? 6   DA  A OP2   1 
ATOM   104  O "O5'" . DA  A 1 6  ? -17.501 0.912   -13.671 1.00 67.73  ? 6   DA  A "O5'" 1 
ATOM   105  C "C5'" . DA  A 1 6  ? -16.404 1.532   -14.317 1.00 67.97  ? 6   DA  A "C5'" 1 
ATOM   106  C "C4'" . DA  A 1 6  ? -15.479 1.915   -13.192 1.00 59.18  ? 6   DA  A "C4'" 1 
ATOM   107  O "O4'" . DA  A 1 6  ? -16.237 2.610   -12.202 1.00 57.00  ? 6   DA  A "O4'" 1 
ATOM   108  C "C3'" . DA  A 1 6  ? -14.877 0.747   -12.441 1.00 53.63  ? 6   DA  A "C3'" 1 
ATOM   109  O "O3'" . DA  A 1 6  ? -13.527 1.015   -12.467 1.00 60.66  ? 6   DA  A "O3'" 1 
ATOM   110  C "C2'" . DA  A 1 6  ? -15.421 0.828   -11.024 1.00 50.71  ? 6   DA  A "C2'" 1 
ATOM   111  C "C1'" . DA  A 1 6  ? -15.702 2.283   -10.951 1.00 50.59  ? 6   DA  A "C1'" 1 
ATOM   112  N N9    . DA  A 1 6  ? -16.662 2.668   -9.957  1.00 44.10  ? 6   DA  A N9    1 
ATOM   113  C C8    . DA  A 1 6  ? -17.903 2.164   -9.788  1.00 40.61  ? 6   DA  A C8    1 
ATOM   114  N N7    . DA  A 1 6  ? -18.539 2.775   -8.815  1.00 40.73  ? 6   DA  A N7    1 
ATOM   115  C C5    . DA  A 1 6  ? -17.642 3.695   -8.302  1.00 36.78  ? 6   DA  A C5    1 
ATOM   116  C C6    . DA  A 1 6  ? -17.717 4.586   -7.227  1.00 38.55  ? 6   DA  A C6    1 
ATOM   117  N N6    . DA  A 1 6  ? -18.785 4.666   -6.436  1.00 43.30  ? 6   DA  A N6    1 
ATOM   118  N N1    . DA  A 1 6  ? -16.668 5.388   -6.966  1.00 36.85  ? 6   DA  A N1    1 
ATOM   119  C C2    . DA  A 1 6  ? -15.582 5.256   -7.727  1.00 41.45  ? 6   DA  A C2    1 
ATOM   120  N N3    . DA  A 1 6  ? -15.366 4.402   -8.752  1.00 43.35  ? 6   DA  A N3    1 
ATOM   121  C C4    . DA  A 1 6  ? -16.482 3.672   -9.010  1.00 41.55  ? 6   DA  A C4    1 
ATOM   122  P P     . DT  A 1 7  ? -12.359 -0.055  -12.302 1.00 64.68  ? 7   DT  A P     1 
ATOM   123  O OP1   . DT  A 1 7  ? -11.587 -0.155  -13.548 1.00 65.96  ? 7   DT  A OP1   1 
ATOM   124  O OP2   . DT  A 1 7  ? -12.926 -1.255  -11.714 1.00 64.82  ? 7   DT  A OP2   1 
ATOM   125  O "O5'" . DT  A 1 7  ? -11.524 0.787   -11.208 1.00 51.84  ? 7   DT  A "O5'" 1 
ATOM   126  C "C5'" . DT  A 1 7  ? -12.310 1.699   -10.409 1.00 49.06  ? 7   DT  A "C5'" 1 
ATOM   127  C "C4'" . DT  A 1 7  ? -11.511 2.393   -9.337  1.00 40.52  ? 7   DT  A "C4'" 1 
ATOM   128  O "O4'" . DT  A 1 7  ? -12.512 2.896   -8.453  1.00 42.12  ? 7   DT  A "O4'" 1 
ATOM   129  C "C3'" . DT  A 1 7  ? -10.608 1.533   -8.478  1.00 39.47  ? 7   DT  A "C3'" 1 
ATOM   130  O "O3'" . DT  A 1 7  ? -9.522  2.293   -7.933  1.00 45.73  ? 7   DT  A "O3'" 1 
ATOM   131  C "C2'" . DT  A 1 7  ? -11.562 1.064   -7.388  1.00 40.11  ? 7   DT  A "C2'" 1 
ATOM   132  C "C1'" . DT  A 1 7  ? -12.423 2.289   -7.188  1.00 42.10  ? 7   DT  A "C1'" 1 
ATOM   133  N N1    . DT  A 1 7  ? -13.775 1.982   -6.721  1.00 43.97  ? 7   DT  A N1    1 
ATOM   134  C C2    . DT  A 1 7  ? -14.326 2.721   -5.682  1.00 45.83  ? 7   DT  A C2    1 
ATOM   135  O O2    . DT  A 1 7  ? -13.745 3.621   -5.127  1.00 45.77  ? 7   DT  A O2    1 
ATOM   136  N N3    . DT  A 1 7  ? -15.595 2.351   -5.304  1.00 45.25  ? 7   DT  A N3    1 
ATOM   137  C C4    . DT  A 1 7  ? -16.318 1.298   -5.860  1.00 44.92  ? 7   DT  A C4    1 
ATOM   138  O O4    . DT  A 1 7  ? -17.441 1.056   -5.447  1.00 46.75  ? 7   DT  A O4    1 
ATOM   139  C C5    . DT  A 1 7  ? -15.684 0.591   -6.950  1.00 43.09  ? 7   DT  A C5    1 
ATOM   140  C C7    . DT  A 1 7  ? -16.394 -0.534  -7.651  1.00 40.80  ? 7   DT  A C7    1 
ATOM   141  C C6    . DT  A 1 7  ? -14.449 0.956   -7.320  1.00 42.78  ? 7   DT  A C6    1 
ATOM   142  P P     . DG  A 1 8  ? -8.364  1.605   -7.050  1.00 44.79  ? 8   DG  A P     1 
ATOM   143  O OP1   . DG  A 1 8  ? -7.094  2.302   -7.301  1.00 44.17  ? 8   DG  A OP1   1 
ATOM   144  O OP2   . DG  A 1 8  ? -8.503  0.136   -7.184  1.00 44.64  ? 8   DG  A OP2   1 
ATOM   145  O "O5'" . DG  A 1 8  ? -8.758  2.008   -5.599  1.00 33.79  ? 8   DG  A "O5'" 1 
ATOM   146  C "C5'" . DG  A 1 8  ? -8.792  3.408   -5.440  1.00 36.37  ? 8   DG  A "C5'" 1 
ATOM   147  C "C4'" . DG  A 1 8  ? -9.391  3.798   -4.098  1.00 36.66  ? 8   DG  A "C4'" 1 
ATOM   148  O "O4'" . DG  A 1 8  ? -10.704 3.246   -3.977  1.00 42.40  ? 8   DG  A "O4'" 1 
ATOM   149  C "C3'" . DG  A 1 8  ? -8.678  3.271   -2.866  1.00 37.67  ? 8   DG  A "C3'" 1 
ATOM   150  O "O3'" . DG  A 1 8  ? -8.588  4.294   -1.874  1.00 40.47  ? 8   DG  A "O3'" 1 
ATOM   151  C "C2'" . DG  A 1 8  ? -9.593  2.147   -2.398  1.00 43.01  ? 8   DG  A "C2'" 1 
ATOM   152  C "C1'" . DG  A 1 8  ? -10.913 2.819   -2.663  1.00 45.09  ? 8   DG  A "C1'" 1 
ATOM   153  N N9    . DG  A 1 8  ? -12.103 1.986   -2.738  1.00 46.68  ? 8   DG  A N9    1 
ATOM   154  C C8    . DG  A 1 8  ? -12.356 1.013   -3.661  1.00 47.62  ? 8   DG  A C8    1 
ATOM   155  N N7    . DG  A 1 8  ? -13.532 0.479   -3.526  1.00 48.38  ? 8   DG  A N7    1 
ATOM   156  C C5    . DG  A 1 8  ? -14.057 1.114   -2.436  1.00 47.38  ? 8   DG  A C5    1 
ATOM   157  C C6    . DG  A 1 8  ? -15.315 0.927   -1.872  1.00 46.60  ? 8   DG  A C6    1 
ATOM   158  O O6    . DG  A 1 8  ? -16.114 0.105   -2.266  1.00 47.59  ? 8   DG  A O6    1 
ATOM   159  N N1    . DG  A 1 8  ? -15.579 1.773   -0.786  1.00 44.49  ? 8   DG  A N1    1 
ATOM   160  C C2    . DG  A 1 8  ? -14.651 2.672   -0.320  1.00 49.10  ? 8   DG  A C2    1 
ATOM   161  N N2    . DG  A 1 8  ? -15.048 3.375   0.730   1.00 51.70  ? 8   DG  A N2    1 
ATOM   162  N N3    . DG  A 1 8  ? -13.438 2.885   -0.868  1.00 49.94  ? 8   DG  A N3    1 
ATOM   163  C C4    . DG  A 1 8  ? -13.226 2.080   -1.950  1.00 47.64  ? 8   DG  A C4    1 
ATOM   164  P P     . DT  A 1 9  ? -7.468  4.242   -0.753  1.00 40.58  ? 9   DT  A P     1 
ATOM   165  O OP1   . DT  A 1 9  ? -6.845  5.563   -0.523  1.00 35.73  ? 9   DT  A OP1   1 
ATOM   166  O OP2   . DT  A 1 9  ? -6.590  3.087   -0.966  1.00 42.34  ? 9   DT  A OP2   1 
ATOM   167  O "O5'" . DT  A 1 9  ? -8.451  3.891   0.423   1.00 34.67  ? 9   DT  A "O5'" 1 
ATOM   168  C "C5'" . DT  A 1 9  ? -9.121  4.940   1.080   1.00 36.47  ? 9   DT  A "C5'" 1 
ATOM   169  C "C4'" . DT  A 1 9  ? -10.155 4.386   2.034   1.00 38.29  ? 9   DT  A "C4'" 1 
ATOM   170  O "O4'" . DT  A 1 9  ? -10.987 3.424   1.302   1.00 45.99  ? 9   DT  A "O4'" 1 
ATOM   171  C "C3'" . DT  A 1 9  ? -9.623  3.608   3.247   1.00 35.77  ? 9   DT  A "C3'" 1 
ATOM   172  O "O3'" . DT  A 1 9  ? -9.950  4.315   4.467   1.00 46.78  ? 9   DT  A "O3'" 1 
ATOM   173  C "C2'" . DT  A 1 9  ? -10.376 2.283   3.193   1.00 35.54  ? 9   DT  A "C2'" 1 
ATOM   174  C "C1'" . DT  A 1 9  ? -11.570 2.598   2.280   1.00 43.48  ? 9   DT  A "C1'" 1 
ATOM   175  N N1    . DT  A 1 9  ? -12.205 1.409   1.606   1.00 50.69  ? 9   DT  A N1    1 
ATOM   176  C C2    . DT  A 1 9  ? -13.458 0.953   2.039   1.00 53.19  ? 9   DT  A C2    1 
ATOM   177  O O2    . DT  A 1 9  ? -14.103 1.459   2.944   1.00 56.20  ? 9   DT  A O2    1 
ATOM   178  N N3    . DT  A 1 9  ? -13.920 -0.163  1.395   1.00 49.86  ? 9   DT  A N3    1 
ATOM   179  C C4    . DT  A 1 9  ? -13.303 -0.812  0.353   1.00 49.98  ? 9   DT  A C4    1 
ATOM   180  O O4    . DT  A 1 9  ? -13.804 -1.804  -0.150  1.00 49.88  ? 9   DT  A O4    1 
ATOM   181  C C5    . DT  A 1 9  ? -12.029 -0.302  -0.050  1.00 53.29  ? 9   DT  A C5    1 
ATOM   182  C C7    . DT  A 1 9  ? -11.306 -1.001  -1.170  1.00 55.16  ? 9   DT  A C7    1 
ATOM   183  C C6    . DT  A 1 9  ? -11.529 0.777   0.584   1.00 52.86  ? 9   DT  A C6    1 
ATOM   184  P P     . DC  A 1 10 ? -9.262  4.008   5.890   1.00 56.44  ? 10  DC  A P     1 
ATOM   185  O OP1   . DC  A 1 10 ? -8.847  5.348   6.391   1.00 57.30  ? 10  DC  A OP1   1 
ATOM   186  O OP2   . DC  A 1 10 ? -8.281  2.895   5.768   1.00 55.71  ? 10  DC  A OP2   1 
ATOM   187  O "O5'" . DC  A 1 10 ? -10.468 3.414   6.752   1.00 45.12  ? 10  DC  A "O5'" 1 
ATOM   188  C "C5'" . DC  A 1 10 ? -11.799 3.500   6.237   1.00 50.47  ? 10  DC  A "C5'" 1 
ATOM   189  C "C4'" . DC  A 1 10 ? -12.647 2.525   7.014   1.00 48.19  ? 10  DC  A "C4'" 1 
ATOM   190  O "O4'" . DC  A 1 10 ? -13.170 1.443   6.174   1.00 41.50  ? 10  DC  A "O4'" 1 
ATOM   191  C "C3'" . DC  A 1 10 ? -11.877 1.843   8.133   1.00 51.78  ? 10  DC  A "C3'" 1 
ATOM   192  O "O3'" . DC  A 1 10 ? -12.769 1.610   9.264   1.00 68.06  ? 10  DC  A "O3'" 1 
ATOM   193  C "C2'" . DC  A 1 10 ? -11.430 0.577   7.414   1.00 46.80  ? 10  DC  A "C2'" 1 
ATOM   194  C "C1'" . DC  A 1 10 ? -12.742 0.254   6.717   1.00 40.88  ? 10  DC  A "C1'" 1 
ATOM   195  N N1    . DC  A 1 10 ? -12.655 -0.614  5.624   1.00 41.45  ? 10  DC  A N1    1 
ATOM   196  C C2    . DC  A 1 10 ? -13.768 -1.337  5.361   1.00 46.58  ? 10  DC  A C2    1 
ATOM   197  O O2    . DC  A 1 10 ? -14.714 -1.105  6.094   1.00 51.16  ? 10  DC  A O2    1 
ATOM   198  N N3    . DC  A 1 10 ? -13.780 -2.266  4.368   1.00 45.48  ? 10  DC  A N3    1 
ATOM   199  C C4    . DC  A 1 10 ? -12.653 -2.489  3.692   1.00 43.56  ? 10  DC  A C4    1 
ATOM   200  N N4    . DC  A 1 10 ? -12.687 -3.424  2.743   1.00 42.23  ? 10  DC  A N4    1 
ATOM   201  C C5    . DC  A 1 10 ? -11.454 -1.766  3.981   1.00 41.83  ? 10  DC  A C5    1 
ATOM   202  C C6    . DC  A 1 10 ? -11.494 -0.836  4.964   1.00 41.69  ? 10  DC  A C6    1 
ATOM   203  P P     . DA  A 1 11 ? -12.433 1.665   10.853  1.00 77.83  ? 11  DA  A P     1 
ATOM   204  O OP1   . DA  A 1 11 ? -13.028 2.904   11.422  1.00 72.58  ? 11  DA  A OP1   1 
ATOM   205  O OP2   . DA  A 1 11 ? -10.989 1.381   11.018  1.00 79.55  ? 11  DA  A OP2   1 
ATOM   206  O "O5'" . DA  A 1 11 ? -13.276 0.400   11.378  1.00 67.53  ? 11  DA  A "O5'" 1 
ATOM   207  C "C5'" . DA  A 1 11 ? -14.540 0.359   10.716  1.00 72.29  ? 11  DA  A "C5'" 1 
ATOM   208  C "C4'" . DA  A 1 11 ? -15.179 -0.999  10.738  1.00 68.85  ? 11  DA  A "C4'" 1 
ATOM   209  O "O4'" . DA  A 1 11 ? -14.850 -1.715  9.541   1.00 68.27  ? 11  DA  A "O4'" 1 
ATOM   210  C "C3'" . DA  A 1 11 ? -14.744 -1.857  11.902  1.00 70.94  ? 11  DA  A "C3'" 1 
ATOM   211  O "O3'" . DA  A 1 11 ? -15.909 -2.404  12.527  1.00 82.72  ? 11  DA  A "O3'" 1 
ATOM   212  C "C2'" . DA  A 1 11 ? -13.914 -2.972  11.255  1.00 70.02  ? 11  DA  A "C2'" 1 
ATOM   213  C "C1'" . DA  A 1 11 ? -14.460 -3.049  9.842   1.00 67.74  ? 11  DA  A "C1'" 1 
ATOM   214  N N9    . DA  A 1 11 ? -13.496 -3.398  8.821   1.00 66.39  ? 11  DA  A N9    1 
ATOM   215  C C8    . DA  A 1 11 ? -12.294 -2.796  8.646   1.00 68.45  ? 11  DA  A C8    1 
ATOM   216  N N7    . DA  A 1 11 ? -11.629 -3.190  7.593   1.00 67.26  ? 11  DA  A N7    1 
ATOM   217  C C5    . DA  A 1 11 ? -12.444 -4.131  7.026   1.00 63.31  ? 11  DA  A C5    1 
ATOM   218  C C6    . DA  A 1 11 ? -12.253 -4.961  5.903   1.00 59.37  ? 11  DA  A C6    1 
ATOM   219  N N6    . DA  A 1 11 ? -11.200 -4.834  5.081   1.00 52.92  ? 11  DA  A N6    1 
ATOM   220  N N1    . DA  A 1 11 ? -13.270 -5.789  5.571   1.00 62.85  ? 11  DA  A N1    1 
ATOM   221  C C2    . DA  A 1 11 ? -14.414 -5.719  6.302   1.00 62.40  ? 11  DA  A C2    1 
ATOM   222  N N3    . DA  A 1 11 ? -14.684 -5.024  7.420   1.00 62.19  ? 11  DA  A N3    1 
ATOM   223  C C4    . DA  A 1 11 ? -13.637 -4.247  7.744   1.00 64.20  ? 11  DA  A C4    1 
ATOM   224  P P     . DT  A 1 12 ? -15.750 -3.398  13.787  1.00 94.35  ? 12  DT  A P     1 
ATOM   225  O OP1   . DT  A 1 12 ? -17.013 -3.336  14.573  1.00 93.19  ? 12  DT  A OP1   1 
ATOM   226  O OP2   . DT  A 1 12 ? -14.443 -3.102  14.445  1.00 95.94  ? 12  DT  A OP2   1 
ATOM   227  O "O5'" . DT  A 1 12 ? -15.597 -4.867  13.124  1.00 87.58  ? 12  DT  A "O5'" 1 
ATOM   228  C "C5'" . DT  A 1 12 ? -16.662 -5.507  12.419  1.00 94.05  ? 12  DT  A "C5'" 1 
ATOM   229  C "C4'" . DT  A 1 12 ? -16.221 -6.845  11.843  1.00 91.73  ? 12  DT  A "C4'" 1 
ATOM   230  O "O4'" . DT  A 1 12 ? -15.187 -6.549  10.909  1.00 92.57  ? 12  DT  A "O4'" 1 
ATOM   231  C "C3'" . DT  A 1 12 ? -15.553 -7.849  12.780  1.00 89.94  ? 12  DT  A "C3'" 1 
ATOM   232  O "O3'" . DT  A 1 12 ? -16.572 -8.765  13.285  1.00 96.86  ? 12  DT  A "O3'" 1 
ATOM   233  C "C2'" . DT  A 1 12 ? -14.526 -8.548  11.860  1.00 91.03  ? 12  DT  A "C2'" 1 
ATOM   234  C "C1'" . DT  A 1 12 ? -14.650 -7.793  10.524  1.00 91.17  ? 12  DT  A "C1'" 1 
ATOM   235  N N1    . DT  A 1 12 ? -13.331 -7.509  9.786   1.00 86.55  ? 12  DT  A N1    1 
ATOM   236  C C2    . DT  A 1 12 ? -13.106 -8.145  8.582   1.00 81.27  ? 12  DT  A C2    1 
ATOM   237  O O2    . DT  A 1 12 ? -13.847 -8.955  8.064   1.00 79.27  ? 12  DT  A O2    1 
ATOM   238  N N3    . DT  A 1 12 ? -11.889 -7.825  7.994   1.00 77.69  ? 12  DT  A N3    1 
ATOM   239  C C4    . DT  A 1 12 ? -10.977 -6.901  8.467   1.00 75.32  ? 12  DT  A C4    1 
ATOM   240  O O4    . DT  A 1 12 ? -9.968  -6.697  7.836   1.00 75.83  ? 12  DT  A O4    1 
ATOM   241  C C5    . DT  A 1 12 ? -11.326 -6.220  9.689   1.00 75.78  ? 12  DT  A C5    1 
ATOM   242  C C7    . DT  A 1 12 ? -10.345 -5.337  10.328  1.00 73.58  ? 12  DT  A C7    1 
ATOM   243  C C6    . DT  A 1 12 ? -12.512 -6.466  10.237  1.00 82.30  ? 12  DT  A C6    1 
ATOM   244  P P     . DC  A 1 13 ? -16.288 -9.950  14.354  1.00 100.00 ? 13  DC  A P     1 
ATOM   245  O OP1   . DC  A 1 13 ? -17.553 -10.302 15.040  1.00 98.59  ? 13  DC  A OP1   1 
ATOM   246  O OP2   . DC  A 1 13 ? -15.094 -9.576  15.155  1.00 97.59  ? 13  DC  A OP2   1 
ATOM   247  O "O5'" . DC  A 1 13 ? -15.920 -11.160 13.361  1.00 87.28  ? 13  DC  A "O5'" 1 
ATOM   248  C "C5'" . DC  A 1 13 ? -16.296 -10.962 12.011  1.00 88.86  ? 13  DC  A "C5'" 1 
ATOM   249  C "C4'" . DC  A 1 13 ? -15.966 -12.179 11.190  1.00 84.74  ? 13  DC  A "C4'" 1 
ATOM   250  O "O4'" . DC  A 1 13 ? -15.085 -11.780 10.104  1.00 82.01  ? 13  DC  A "O4'" 1 
ATOM   251  C "C3'" . DC  A 1 13 ? -15.270 -13.286 11.993  1.00 82.32  ? 13  DC  A "C3'" 1 
ATOM   252  O "O3'" . DC  A 1 13 ? -15.626 -14.643 11.562  1.00 87.23  ? 13  DC  A "O3'" 1 
ATOM   253  C "C2'" . DC  A 1 13 ? -13.826 -12.954 11.696  1.00 82.35  ? 13  DC  A "C2'" 1 
ATOM   254  C "C1'" . DC  A 1 13 ? -13.872 -12.467 10.253  1.00 80.77  ? 13  DC  A "C1'" 1 
ATOM   255  N N1    . DC  A 1 13 ? -12.747 -11.556 9.927   1.00 78.47  ? 13  DC  A N1    1 
ATOM   256  C C2    . DC  A 1 13 ? -12.068 -11.757 8.716   1.00 76.44  ? 13  DC  A C2    1 
ATOM   257  O O2    . DC  A 1 13 ? -12.452 -12.656 7.939   1.00 73.89  ? 13  DC  A O2    1 
ATOM   258  N N3    . DC  A 1 13 ? -11.027 -10.918 8.451   1.00 74.77  ? 13  DC  A N3    1 
ATOM   259  C C4    . DC  A 1 13 ? -10.642 -10.003 9.364   1.00 70.71  ? 13  DC  A C4    1 
ATOM   260  N N4    . DC  A 1 13 ? -9.612  -9.218  9.077   1.00 67.15  ? 13  DC  A N4    1 
ATOM   261  C C5    . DC  A 1 13 ? -11.311 -9.812  10.599  1.00 70.89  ? 13  DC  A C5    1 
ATOM   262  C C6    . DC  A 1 13 ? -12.355 -10.604 10.845  1.00 73.88  ? 13  DC  A C6    1 
ATOM   263  P P     . DC  A 1 14 ? -14.861 -15.981 12.040  1.00 90.17  ? 14  DC  A P     1 
ATOM   264  O OP1   . DC  A 1 14 ? -15.792 -17.103 11.857  1.00 92.78  ? 14  DC  A OP1   1 
ATOM   265  O OP2   . DC  A 1 14 ? -14.294 -15.739 13.380  1.00 86.36  ? 14  DC  A OP2   1 
ATOM   266  O "O5'" . DC  A 1 14 ? -13.658 -16.196 10.988  1.00 82.82  ? 14  DC  A "O5'" 1 
ATOM   267  C "C5'" . DC  A 1 14 ? -13.808 -16.009 9.563   1.00 90.58  ? 14  DC  A "C5'" 1 
ATOM   268  C "C4'" . DC  A 1 14 ? -12.687 -16.688 8.780   1.00 89.01  ? 14  DC  A "C4'" 1 
ATOM   269  O "O4'" . DC  A 1 14 ? -11.710 -15.717 8.305   1.00 88.47  ? 14  DC  A "O4'" 1 
ATOM   270  C "C3'" . DC  A 1 14 ? -11.892 -17.706 9.587   1.00 87.21  ? 14  DC  A "C3'" 1 
ATOM   271  O "O3'" . DC  A 1 14 ? -11.500 -18.765 8.767   1.00 96.06  ? 14  DC  A "O3'" 1 
ATOM   272  C "C2'" . DC  A 1 14 ? -10.617 -17.008 9.981   1.00 85.68  ? 14  DC  A "C2'" 1 
ATOM   273  C "C1'" . DC  A 1 14 ? -10.450 -15.957 8.912   1.00 84.23  ? 14  DC  A "C1'" 1 
ATOM   274  N N1    . DC  A 1 14 ? -9.891  -14.745 9.501   1.00 78.62  ? 14  DC  A N1    1 
ATOM   275  C C2    . DC  A 1 14 ? -8.647  -14.264 9.064   1.00 73.70  ? 14  DC  A C2    1 
ATOM   276  O O2    . DC  A 1 14 ? -8.095  -14.810 8.094   1.00 68.72  ? 14  DC  A O2    1 
ATOM   277  N N3    . DC  A 1 14 ? -8.124  -13.174 9.708   1.00 74.60  ? 14  DC  A N3    1 
ATOM   278  C C4    . DC  A 1 14 ? -8.793  -12.615 10.744  1.00 76.11  ? 14  DC  A C4    1 
ATOM   279  N N4    . DC  A 1 14 ? -8.299  -11.532 11.357  1.00 77.60  ? 14  DC  A N4    1 
ATOM   280  C C5    . DC  A 1 14 ? -10.013 -13.147 11.222  1.00 76.29  ? 14  DC  A C5    1 
ATOM   281  C C6    . DC  A 1 14 ? -10.512 -14.208 10.592  1.00 77.01  ? 14  DC  A C6    1 
ATOM   282  P P     . DC  A 1 15 ? -10.806 -20.055 9.435   1.00 100.00 ? 15  DC  A P     1 
ATOM   283  O OP1   . DC  A 1 15 ? -11.888 -21.054 9.672   1.00 100.00 ? 15  DC  A OP1   1 
ATOM   284  O OP2   . DC  A 1 15 ? -9.994  -19.655 10.620  1.00 99.44  ? 15  DC  A OP2   1 
ATOM   285  O "O5'" . DC  A 1 15 ? -9.862  -20.602 8.235   1.00 92.67  ? 15  DC  A "O5'" 1 
ATOM   286  C "C5'" . DC  A 1 15 ? -9.334  -19.743 7.179   1.00 98.39  ? 15  DC  A "C5'" 1 
ATOM   287  C "C4'" . DC  A 1 15 ? -7.810  -19.822 7.148   1.00 92.36  ? 15  DC  A "C4'" 1 
ATOM   288  O "O4'" . DC  A 1 15 ? -7.203  -18.505 7.311   1.00 86.38  ? 15  DC  A "O4'" 1 
ATOM   289  C "C3'" . DC  A 1 15 ? -7.255  -20.716 8.261   1.00 90.21  ? 15  DC  A "C3'" 1 
ATOM   290  O "O3'" . DC  A 1 15 ? -6.134  -21.449 7.816   1.00 100.00 ? 15  DC  A "O3'" 1 
ATOM   291  C "C2'" . DC  A 1 15 ? -6.835  -19.707 9.313   1.00 84.76  ? 15  DC  A "C2'" 1 
ATOM   292  C "C1'" . DC  A 1 15 ? -6.310  -18.608 8.395   1.00 80.32  ? 15  DC  A "C1'" 1 
ATOM   293  N N1    . DC  A 1 15 ? -6.138  -17.360 9.149   1.00 70.40  ? 15  DC  A N1    1 
ATOM   294  C C2    . DC  A 1 15 ? -5.072  -16.515 8.828   1.00 64.89  ? 15  DC  A C2    1 
ATOM   295  O O2    . DC  A 1 15 ? -4.342  -16.755 7.844   1.00 63.33  ? 15  DC  A O2    1 
ATOM   296  N N3    . DC  A 1 15 ? -4.902  -15.426 9.593   1.00 60.31  ? 15  DC  A N3    1 
ATOM   297  C C4    . DC  A 1 15 ? -5.673  -15.226 10.645  1.00 59.41  ? 15  DC  A C4    1 
ATOM   298  N N4    . DC  A 1 15 ? -5.438  -14.148 11.365  1.00 63.65  ? 15  DC  A N4    1 
ATOM   299  C C5    . DC  A 1 15 ? -6.722  -16.078 11.008  1.00 58.62  ? 15  DC  A C5    1 
ATOM   300  C C6    . DC  A 1 15 ? -6.911  -17.135 10.240  1.00 63.87  ? 15  DC  A C6    1 
ATOM   301  O "O5'" . DC  B 2 1  ? -1.557  -12.855 18.879  1.00 70.84  ? 1   DC  B "O5'" 1 
ATOM   302  C "C5'" . DC  B 2 1  ? -0.441  -13.607 18.383  1.00 73.05  ? 1   DC  B "C5'" 1 
ATOM   303  C "C4'" . DC  B 2 1  ? 0.916   -12.891 18.493  1.00 64.91  ? 1   DC  B "C4'" 1 
ATOM   304  O "O4'" . DC  B 2 1  ? 1.918   -13.909 18.289  1.00 61.56  ? 1   DC  B "O4'" 1 
ATOM   305  C "C3'" . DC  B 2 1  ? 1.219   -11.794 17.445  1.00 56.29  ? 1   DC  B "C3'" 1 
ATOM   306  O "O3'" . DC  B 2 1  ? 1.887   -10.742 18.031  1.00 56.38  ? 1   DC  B "O3'" 1 
ATOM   307  C "C2'" . DC  B 2 1  ? 2.210   -12.392 16.450  1.00 56.36  ? 1   DC  B "C2'" 1 
ATOM   308  C "C1'" . DC  B 2 1  ? 2.420   -13.798 16.971  1.00 57.84  ? 1   DC  B "C1'" 1 
ATOM   309  N N1    . DC  B 2 1  ? 1.800   -14.750 16.056  1.00 55.77  ? 1   DC  B N1    1 
ATOM   310  C C2    . DC  B 2 1  ? 2.394   -14.882 14.850  1.00 52.31  ? 1   DC  B C2    1 
ATOM   311  O O2    . DC  B 2 1  ? 3.376   -14.179 14.613  1.00 51.26  ? 1   DC  B O2    1 
ATOM   312  N N3    . DC  B 2 1  ? 1.886   -15.763 13.975  1.00 52.48  ? 1   DC  B N3    1 
ATOM   313  C C4    . DC  B 2 1  ? 0.826   -16.504 14.249  1.00 51.50  ? 1   DC  B C4    1 
ATOM   314  N N4    . DC  B 2 1  ? 0.411   -17.400 13.317  1.00 47.82  ? 1   DC  B N4    1 
ATOM   315  C C5    . DC  B 2 1  ? 0.198   -16.380 15.519  1.00 55.80  ? 1   DC  B C5    1 
ATOM   316  C C6    . DC  B 2 1  ? 0.709   -15.488 16.384  1.00 58.08  ? 1   DC  B C6    1 
ATOM   317  P P     . DA  B 2 2  ? 1.305   -9.434  17.399  1.00 66.66  ? 2   DA  B P     1 
ATOM   318  O OP1   . DA  B 2 2  ? 2.068   -8.239  17.851  1.00 64.28  ? 2   DA  B OP1   1 
ATOM   319  O OP2   . DA  B 2 2  ? -0.152  -9.579  17.592  1.00 71.98  ? 2   DA  B OP2   1 
ATOM   320  O "O5'" . DA  B 2 2  ? 1.573   -9.532  15.843  1.00 58.30  ? 2   DA  B "O5'" 1 
ATOM   321  C "C5'" . DA  B 2 2  ? 2.920   -9.639  15.453  1.00 65.10  ? 2   DA  B "C5'" 1 
ATOM   322  C "C4'" . DA  B 2 2  ? 3.100   -9.735  13.939  1.00 62.87  ? 2   DA  B "C4'" 1 
ATOM   323  O "O4'" . DA  B 2 2  ? 2.813   -11.111 13.534  1.00 62.31  ? 2   DA  B "O4'" 1 
ATOM   324  C "C3'" . DA  B 2 2  ? 2.208   -8.803  13.098  1.00 57.49  ? 2   DA  B "C3'" 1 
ATOM   325  O "O3'" . DA  B 2 2  ? 3.047   -7.781  12.449  1.00 62.10  ? 2   DA  B "O3'" 1 
ATOM   326  C "C2'" . DA  B 2 2  ? 1.641   -9.708  12.006  1.00 58.75  ? 2   DA  B "C2'" 1 
ATOM   327  C "C1'" . DA  B 2 2  ? 1.931   -11.133 12.454  1.00 57.72  ? 2   DA  B "C1'" 1 
ATOM   328  N N9    . DA  B 2 2  ? 0.766   -11.795 12.893  1.00 61.41  ? 2   DA  B N9    1 
ATOM   329  C C8    . DA  B 2 2  ? -0.140  -11.360 13.829  1.00 68.03  ? 2   DA  B C8    1 
ATOM   330  N N7    . DA  B 2 2  ? -1.179  -12.143 13.976  1.00 69.23  ? 2   DA  B N7    1 
ATOM   331  C C5    . DA  B 2 2  ? -0.905  -13.139 13.065  1.00 70.80  ? 2   DA  B C5    1 
ATOM   332  C C6    . DA  B 2 2  ? -1.630  -14.283 12.709  1.00 78.75  ? 2   DA  B C6    1 
ATOM   333  N N6    . DA  B 2 2  ? -2.792  -14.631 13.293  1.00 81.05  ? 2   DA  B N6    1 
ATOM   334  N N1    . DA  B 2 2  ? -1.074  -15.062 11.744  1.00 80.01  ? 2   DA  B N1    1 
ATOM   335  C C2    . DA  B 2 2  ? 0.121   -14.671 11.235  1.00 76.44  ? 2   DA  B C2    1 
ATOM   336  N N3    . DA  B 2 2  ? 0.859   -13.588 11.433  1.00 68.81  ? 2   DA  B N3    1 
ATOM   337  C C4    . DA  B 2 2  ? 0.289   -12.902 12.391  1.00 64.48  ? 2   DA  B C4    1 
ATOM   338  P P     . DG  B 2 3  ? 2.659   -6.844  11.183  1.00 66.50  ? 3   DG  B P     1 
ATOM   339  O OP1   . DG  B 2 3  ? 3.909   -6.116  10.818  1.00 72.46  ? 3   DG  B OP1   1 
ATOM   340  O OP2   . DG  B 2 3  ? 1.374   -6.143  11.392  1.00 57.50  ? 3   DG  B OP2   1 
ATOM   341  O "O5'" . DG  B 2 3  ? 2.400   -7.893  10.018  1.00 55.30  ? 3   DG  B "O5'" 1 
ATOM   342  C "C5'" . DG  B 2 3  ? 3.457   -8.615  9.345   1.00 52.66  ? 3   DG  B "C5'" 1 
ATOM   343  C "C4'" . DG  B 2 3  ? 2.793   -9.346  8.195   1.00 43.78  ? 3   DG  B "C4'" 1 
ATOM   344  O "O4'" . DG  B 2 3  ? 1.809   -10.276 8.770   1.00 44.08  ? 3   DG  B "O4'" 1 
ATOM   345  C "C3'" . DG  B 2 3  ? 1.970   -8.489  7.215   1.00 34.88  ? 3   DG  B "C3'" 1 
ATOM   346  O "O3'" . DG  B 2 3  ? 2.210   -9.030  5.946   1.00 40.41  ? 3   DG  B "O3'" 1 
ATOM   347  C "C2'" . DG  B 2 3  ? 0.505   -8.732  7.563   1.00 37.67  ? 3   DG  B "C2'" 1 
ATOM   348  C "C1'" . DG  B 2 3  ? 0.562   -10.159 8.114   1.00 39.29  ? 3   DG  B "C1'" 1 
ATOM   349  N N9    . DG  B 2 3  ? -0.474  -10.459 9.092   1.00 38.14  ? 3   DG  B N9    1 
ATOM   350  C C8    . DG  B 2 3  ? -0.855  -9.659  10.149  1.00 44.15  ? 3   DG  B C8    1 
ATOM   351  N N7    . DG  B 2 3  ? -1.837  -10.196 10.858  1.00 47.91  ? 3   DG  B N7    1 
ATOM   352  C C5    . DG  B 2 3  ? -2.145  -11.398 10.197  1.00 43.85  ? 3   DG  B C5    1 
ATOM   353  C C6    . DG  B 2 3  ? -3.124  -12.366 10.498  1.00 43.71  ? 3   DG  B C6    1 
ATOM   354  O O6    . DG  B 2 3  ? -3.938  -12.345 11.421  1.00 49.87  ? 3   DG  B O6    1 
ATOM   355  N N1    . DG  B 2 3  ? -3.093  -13.442 9.627   1.00 35.72  ? 3   DG  B N1    1 
ATOM   356  C C2    . DG  B 2 3  ? -2.230  -13.538 8.577   1.00 33.91  ? 3   DG  B C2    1 
ATOM   357  N N2    . DG  B 2 3  ? -2.360  -14.619 7.802   1.00 30.94  ? 3   DG  B N2    1 
ATOM   358  N N3    . DG  B 2 3  ? -1.291  -12.649 8.281   1.00 34.10  ? 3   DG  B N3    1 
ATOM   359  C C4    . DG  B 2 3  ? -1.314  -11.584 9.115   1.00 38.04  ? 3   DG  B C4    1 
ATOM   360  P P     . DG  B 2 4  ? 1.993   -8.215  4.594   1.00 45.71  ? 4   DG  B P     1 
ATOM   361  O OP1   . DG  B 2 4  ? 3.117   -8.625  3.675   1.00 40.11  ? 4   DG  B OP1   1 
ATOM   362  O OP2   . DG  B 2 4  ? 1.728   -6.811  5.003   1.00 40.25  ? 4   DG  B OP2   1 
ATOM   363  O "O5'" . DG  B 2 4  ? 0.594   -8.827  4.062   1.00 37.52  ? 4   DG  B "O5'" 1 
ATOM   364  C "C5'" . DG  B 2 4  ? 0.576   -10.221 3.838   1.00 43.36  ? 4   DG  B "C5'" 1 
ATOM   365  C "C4'" . DG  B 2 4  ? -0.811  -10.734 3.614   1.00 39.54  ? 4   DG  B "C4'" 1 
ATOM   366  O "O4'" . DG  B 2 4  ? -1.445  -11.022 4.872   1.00 40.87  ? 4   DG  B "O4'" 1 
ATOM   367  C "C3'" . DG  B 2 4  ? -1.753  -9.769  2.946   1.00 38.63  ? 4   DG  B "C3'" 1 
ATOM   368  O "O3'" . DG  B 2 4  ? -2.578  -10.585 2.188   1.00 44.22  ? 4   DG  B "O3'" 1 
ATOM   369  C "C2'" . DG  B 2 4  ? -2.564  -9.145  4.080   1.00 39.28  ? 4   DG  B "C2'" 1 
ATOM   370  C "C1'" . DG  B 2 4  ? -2.728  -10.413 4.891   1.00 39.79  ? 4   DG  B "C1'" 1 
ATOM   371  N N9    . DG  B 2 4  ? -3.236  -10.135 6.225   1.00 35.67  ? 4   DG  B N9    1 
ATOM   372  C C8    . DG  B 2 4  ? -2.972  -9.046  7.021   1.00 36.59  ? 4   DG  B C8    1 
ATOM   373  N N7    . DG  B 2 4  ? -3.681  -9.033  8.142   1.00 35.90  ? 4   DG  B N7    1 
ATOM   374  C C5    . DG  B 2 4  ? -4.424  -10.177 8.065   1.00 37.29  ? 4   DG  B C5    1 
ATOM   375  C C6    . DG  B 2 4  ? -5.328  -10.659 9.004   1.00 45.40  ? 4   DG  B C6    1 
ATOM   376  O O6    . DG  B 2 4  ? -5.624  -10.151 10.085  1.00 50.90  ? 4   DG  B O6    1 
ATOM   377  N N1    . DG  B 2 4  ? -5.892  -11.850 8.595   1.00 46.98  ? 4   DG  B N1    1 
ATOM   378  C C2    . DG  B 2 4  ? -5.612  -12.480 7.387   1.00 49.21  ? 4   DG  B C2    1 
ATOM   379  N N2    . DG  B 2 4  ? -6.304  -13.626 7.171   1.00 51.88  ? 4   DG  B N2    1 
ATOM   380  N N3    . DG  B 2 4  ? -4.700  -12.048 6.490   1.00 42.47  ? 4   DG  B N3    1 
ATOM   381  C C4    . DG  B 2 4  ? -4.170  -10.881 6.904   1.00 36.21  ? 4   DG  B C4    1 
ATOM   382  P P     . DG  B 2 5  ? -2.759  -10.322 0.639   1.00 46.69  ? 5   DG  B P     1 
ATOM   383  O OP1   . DG  B 2 5  ? -1.618  -10.909 -0.074  1.00 41.04  ? 5   DG  B OP1   1 
ATOM   384  O OP2   . DG  B 2 5  ? -3.202  -8.953  0.480   1.00 43.20  ? 5   DG  B OP2   1 
ATOM   385  O "O5'" . DG  B 2 5  ? -4.033  -11.267 0.450   1.00 45.24  ? 5   DG  B "O5'" 1 
ATOM   386  C "C5'" . DG  B 2 5  ? -3.909  -12.702 0.379   1.00 49.45  ? 5   DG  B "C5'" 1 
ATOM   387  C "C4'" . DG  B 2 5  ? -5.253  -13.367 0.628   1.00 43.66  ? 5   DG  B "C4'" 1 
ATOM   388  O "O4'" . DG  B 2 5  ? -5.586  -13.020 1.981   1.00 37.43  ? 5   DG  B "O4'" 1 
ATOM   389  C "C3'" . DG  B 2 5  ? -6.446  -12.885 -0.214  1.00 45.85  ? 5   DG  B "C3'" 1 
ATOM   390  O "O3'" . DG  B 2 5  ? -7.426  -13.929 -0.516  1.00 55.36  ? 5   DG  B "O3'" 1 
ATOM   391  C "C2'" . DG  B 2 5  ? -7.076  -11.857 0.716   1.00 42.84  ? 5   DG  B "C2'" 1 
ATOM   392  C "C1'" . DG  B 2 5  ? -6.873  -12.524 2.049   1.00 36.95  ? 5   DG  B "C1'" 1 
ATOM   393  N N9    . DG  B 2 5  ? -6.947  -11.635 3.162   1.00 35.66  ? 5   DG  B N9    1 
ATOM   394  C C8    . DG  B 2 5  ? -6.126  -10.581 3.388   1.00 35.24  ? 5   DG  B C8    1 
ATOM   395  N N7    . DG  B 2 5  ? -6.451  -9.899  4.447   1.00 34.91  ? 5   DG  B N7    1 
ATOM   396  C C5    . DG  B 2 5  ? -7.542  -10.572 4.962   1.00 37.72  ? 5   DG  B C5    1 
ATOM   397  C C6    . DG  B 2 5  ? -8.293  -10.291 6.118   1.00 41.77  ? 5   DG  B C6    1 
ATOM   398  O O6    . DG  B 2 5  ? -8.163  -9.359  6.909   1.00 43.88  ? 5   DG  B O6    1 
ATOM   399  N N1    . DG  B 2 5  ? -9.337  -11.170 6.300   1.00 44.26  ? 5   DG  B N1    1 
ATOM   400  C C2    . DG  B 2 5  ? -9.601  -12.223 5.479   1.00 45.87  ? 5   DG  B C2    1 
ATOM   401  N N2    . DG  B 2 5  ? -10.669 -12.936 5.875   1.00 48.18  ? 5   DG  B N2    1 
ATOM   402  N N3    . DG  B 2 5  ? -8.926  -12.494 4.340   1.00 41.22  ? 5   DG  B N3    1 
ATOM   403  C C4    . DG  B 2 5  ? -7.907  -11.616 4.150   1.00 38.40  ? 5   DG  B C4    1 
ATOM   404  P P     . DA  B 2 6  ? -8.568  -13.735 -1.634  1.00 60.03  ? 6   DA  B P     1 
ATOM   405  O OP1   . DA  B 2 6  ? -8.261  -14.772 -2.660  1.00 60.19  ? 6   DA  B OP1   1 
ATOM   406  O OP2   . DA  B 2 6  ? -8.647  -12.297 -1.965  1.00 58.32  ? 6   DA  B OP2   1 
ATOM   407  O "O5'" . DA  B 2 6  ? -9.961  -14.056 -0.940  1.00 47.45  ? 6   DA  B "O5'" 1 
ATOM   408  C "C5'" . DA  B 2 6  ? -10.206 -13.454 0.262   1.00 50.73  ? 6   DA  B "C5'" 1 
ATOM   409  C "C4'" . DA  B 2 6  ? -11.617 -13.743 0.610   1.00 51.50  ? 6   DA  B "C4'" 1 
ATOM   410  O "O4'" . DA  B 2 6  ? -11.947 -13.214 1.897   1.00 52.89  ? 6   DA  B "O4'" 1 
ATOM   411  C "C3'" . DA  B 2 6  ? -12.592 -13.139 -0.361  1.00 56.09  ? 6   DA  B "C3'" 1 
ATOM   412  O "O3'" . DA  B 2 6  ? -13.694 -14.011 -0.490  1.00 69.01  ? 6   DA  B "O3'" 1 
ATOM   413  C "C2'" . DA  B 2 6  ? -13.040 -11.832 0.303   1.00 54.34  ? 6   DA  B "C2'" 1 
ATOM   414  C "C1'" . DA  B 2 6  ? -12.665 -11.996 1.758   1.00 53.11  ? 6   DA  B "C1'" 1 
ATOM   415  N N9    . DA  B 2 6  ? -11.805 -10.925 2.249   1.00 51.14  ? 6   DA  B N9    1 
ATOM   416  C C8    . DA  B 2 6  ? -10.676 -10.438 1.669   1.00 48.07  ? 6   DA  B C8    1 
ATOM   417  N N7    . DA  B 2 6  ? -10.085 -9.523  2.397   1.00 47.75  ? 6   DA  B N7    1 
ATOM   418  C C5    . DA  B 2 6  ? -10.856 -9.410  3.521   1.00 48.27  ? 6   DA  B C5    1 
ATOM   419  C C6    . DA  B 2 6  ? -10.751 -8.610  4.676   1.00 52.11  ? 6   DA  B C6    1 
ATOM   420  N N6    . DA  B 2 6  ? -9.787  -7.714  4.882   1.00 53.63  ? 6   DA  B N6    1 
ATOM   421  N N1    . DA  B 2 6  ? -11.712 -8.732  5.613   1.00 53.17  ? 6   DA  B N1    1 
ATOM   422  C C2    . DA  B 2 6  ? -12.650 -9.657  5.411   1.00 50.20  ? 6   DA  B C2    1 
ATOM   423  N N3    . DA  B 2 6  ? -12.864 -10.436 4.355   1.00 46.46  ? 6   DA  B N3    1 
ATOM   424  C C4    . DA  B 2 6  ? -11.930 -10.256 3.437   1.00 48.90  ? 6   DA  B C4    1 
ATOM   425  P P     . DT  B 2 7  ? -14.878 -13.629 -1.506  1.00 76.74  ? 7   DT  B P     1 
ATOM   426  O OP1   . DT  B 2 7  ? -15.804 -14.778 -1.548  1.00 81.59  ? 7   DT  B OP1   1 
ATOM   427  O OP2   . DT  B 2 7  ? -14.303 -13.180 -2.782  1.00 73.91  ? 7   DT  B OP2   1 
ATOM   428  O "O5'" . DT  B 2 7  ? -15.599 -12.436 -0.700  1.00 61.87  ? 7   DT  B "O5'" 1 
ATOM   429  C "C5'" . DT  B 2 7  ? -15.910 -12.723 0.646   1.00 63.25  ? 7   DT  B "C5'" 1 
ATOM   430  C "C4'" . DT  B 2 7  ? -16.908 -11.721 1.173   1.00 61.78  ? 7   DT  B "C4'" 1 
ATOM   431  O "O4'" . DT  B 2 7  ? -16.181 -10.825 2.044   1.00 64.83  ? 7   DT  B "O4'" 1 
ATOM   432  C "C3'" . DT  B 2 7  ? -17.533 -10.758 0.193   1.00 62.20  ? 7   DT  B "C3'" 1 
ATOM   433  O "O3'" . DT  B 2 7  ? -18.690 -10.152 0.774   1.00 72.70  ? 7   DT  B "O3'" 1 
ATOM   434  C "C2'" . DT  B 2 7  ? -16.471 -9.711  0.070   1.00 62.65  ? 7   DT  B "C2'" 1 
ATOM   435  C "C1'" . DT  B 2 7  ? -16.341 -9.507  1.582   1.00 64.64  ? 7   DT  B "C1'" 1 
ATOM   436  N N1    . DT  B 2 7  ? -15.168 -8.642  2.017   1.00 64.25  ? 7   DT  B N1    1 
ATOM   437  C C2    . DT  B 2 7  ? -15.293 -7.928  3.178   1.00 64.80  ? 7   DT  B C2    1 
ATOM   438  O O2    . DT  B 2 7  ? -16.289 -8.004  3.877   1.00 68.54  ? 7   DT  B O2    1 
ATOM   439  N N3    . DT  B 2 7  ? -14.246 -7.066  3.445   1.00 62.92  ? 7   DT  B N3    1 
ATOM   440  C C4    . DT  B 2 7  ? -13.085 -6.915  2.704   1.00 63.07  ? 7   DT  B C4    1 
ATOM   441  O O4    . DT  B 2 7  ? -12.179 -6.175  3.089   1.00 61.80  ? 7   DT  B O4    1 
ATOM   442  C C5    . DT  B 2 7  ? -13.044 -7.691  1.491   1.00 64.26  ? 7   DT  B C5    1 
ATOM   443  C C7    . DT  B 2 7  ? -11.881 -7.586  0.567   1.00 65.04  ? 7   DT  B C7    1 
ATOM   444  C C6    . DT  B 2 7  ? -14.078 -8.473  1.183   1.00 64.49  ? 7   DT  B C6    1 
ATOM   445  P P     . DG  B 2 8  ? -20.218 -10.388 0.313   1.00 80.07  ? 8   DG  B P     1 
ATOM   446  O OP1   . DG  B 2 8  ? -20.642 -11.672 0.922   1.00 84.23  ? 8   DG  B OP1   1 
ATOM   447  O OP2   . DG  B 2 8  ? -20.416 -10.189 -1.145  1.00 78.11  ? 8   DG  B OP2   1 
ATOM   448  O "O5'" . DG  B 2 8  ? -20.918 -9.226  1.130   1.00 64.38  ? 8   DG  B "O5'" 1 
ATOM   449  C "C5'" . DG  B 2 8  ? -21.372 -9.601  2.384   1.00 72.35  ? 8   DG  B "C5'" 1 
ATOM   450  C "C4'" . DG  B 2 8  ? -21.348 -8.370  3.215   1.00 77.15  ? 8   DG  B "C4'" 1 
ATOM   451  O "O4'" . DG  B 2 8  ? -19.996 -7.842  3.171   1.00 81.83  ? 8   DG  B "O4'" 1 
ATOM   452  C "C3'" . DG  B 2 8  ? -22.257 -7.243  2.728   1.00 79.94  ? 8   DG  B "C3'" 1 
ATOM   453  O "O3'" . DG  B 2 8  ? -22.930 -6.676  3.885   1.00 91.18  ? 8   DG  B "O3'" 1 
ATOM   454  C "C2'" . DG  B 2 8  ? -21.269 -6.261  2.077   1.00 79.98  ? 8   DG  B "C2'" 1 
ATOM   455  C "C1'" . DG  B 2 8  ? -20.021 -6.431  2.949   1.00 78.95  ? 8   DG  B "C1'" 1 
ATOM   456  N N9    . DG  B 2 8  ? -18.734 -6.055  2.328   1.00 70.96  ? 8   DG  B N9    1 
ATOM   457  C C8    . DG  B 2 8  ? -18.155 -6.632  1.219   1.00 69.40  ? 8   DG  B C8    1 
ATOM   458  N N7    . DG  B 2 8  ? -17.009 -6.124  0.929   1.00 70.28  ? 8   DG  B N7    1 
ATOM   459  C C5    . DG  B 2 8  ? -16.753 -5.138  1.900   1.00 65.87  ? 8   DG  B C5    1 
ATOM   460  C C6    . DG  B 2 8  ? -15.593 -4.322  2.168   1.00 57.02  ? 8   DG  B C6    1 
ATOM   461  O O6    . DG  B 2 8  ? -14.498 -4.263  1.571   1.00 52.73  ? 8   DG  B O6    1 
ATOM   462  N N1    . DG  B 2 8  ? -15.726 -3.559  3.314   1.00 56.62  ? 8   DG  B N1    1 
ATOM   463  C C2    . DG  B 2 8  ? -16.831 -3.618  4.139   1.00 59.78  ? 8   DG  B C2    1 
ATOM   464  N N2    . DG  B 2 8  ? -16.825 -2.798  5.203   1.00 56.61  ? 8   DG  B N2    1 
ATOM   465  N N3    . DG  B 2 8  ? -17.867 -4.452  3.954   1.00 65.24  ? 8   DG  B N3    1 
ATOM   466  C C4    . DG  B 2 8  ? -17.789 -5.170  2.813   1.00 67.31  ? 8   DG  B C4    1 
ATOM   467  P P     . DA  B 2 9  ? -24.277 -5.786  3.878   1.00 98.39  ? 9   DA  B P     1 
ATOM   468  O OP1   . DA  B 2 9  ? -24.588 -5.501  5.304   1.00 96.10  ? 9   DA  B OP1   1 
ATOM   469  O OP2   . DA  B 2 9  ? -25.301 -6.434  3.013   1.00 100.00 ? 9   DA  B OP2   1 
ATOM   470  O "O5'" . DA  B 2 9  ? -23.758 -4.446  3.177   1.00 88.27  ? 9   DA  B "O5'" 1 
ATOM   471  C "C5'" . DA  B 2 9  ? -22.479 -4.016  3.636   1.00 91.75  ? 9   DA  B "C5'" 1 
ATOM   472  C "C4'" . DA  B 2 9  ? -22.613 -2.883  4.631   1.00 84.97  ? 9   DA  B "C4'" 1 
ATOM   473  O "O4'" . DA  B 2 9  ? -21.318 -2.247  4.702   1.00 82.09  ? 9   DA  B "O4'" 1 
ATOM   474  C "C3'" . DA  B 2 9  ? -23.537 -1.758  4.227   1.00 80.47  ? 9   DA  B "C3'" 1 
ATOM   475  O "O3'" . DA  B 2 9  ? -23.809 -0.843  5.292   1.00 87.14  ? 9   DA  B "O3'" 1 
ATOM   476  C "C2'" . DA  B 2 9  ? -22.687 -1.214  3.071   1.00 79.86  ? 9   DA  B "C2'" 1 
ATOM   477  C "C1'" . DA  B 2 9  ? -21.231 -1.358  3.595   1.00 76.72  ? 9   DA  B "C1'" 1 
ATOM   478  N N9    . DA  B 2 9  ? -20.279 -1.894  2.586   1.00 65.74  ? 9   DA  B N9    1 
ATOM   479  C C8    . DA  B 2 9  ? -20.486 -2.896  1.676   1.00 62.90  ? 9   DA  B C8    1 
ATOM   480  N N7    . DA  B 2 9  ? -19.457 -3.152  0.883   1.00 56.94  ? 9   DA  B N7    1 
ATOM   481  C C5    . DA  B 2 9  ? -18.518 -2.261  1.326   1.00 54.79  ? 9   DA  B C5    1 
ATOM   482  C C6    . DA  B 2 9  ? -17.219 -2.063  0.932   1.00 53.19  ? 9   DA  B C6    1 
ATOM   483  N N6    . DA  B 2 9  ? -16.724 -2.727  -0.102  1.00 55.55  ? 9   DA  B N6    1 
ATOM   484  N N1    . DA  B 2 9  ? -16.510 -1.091  1.537   1.00 51.34  ? 9   DA  B N1    1 
ATOM   485  C C2    . DA  B 2 9  ? -17.062 -0.413  2.526   1.00 53.11  ? 9   DA  B C2    1 
ATOM   486  N N3    . DA  B 2 9  ? -18.290 -0.545  3.028   1.00 58.85  ? 9   DA  B N3    1 
ATOM   487  C C4    . DA  B 2 9  ? -18.988 -1.473  2.353   1.00 59.41  ? 9   DA  B C4    1 
ATOM   488  P P     . DC  B 2 10 ? -24.416 0.610   4.939   1.00 95.72  ? 10  DC  B P     1 
ATOM   489  O OP1   . DC  B 2 10 ? -24.957 1.198   6.182   1.00 93.39  ? 10  DC  B OP1   1 
ATOM   490  O OP2   . DC  B 2 10 ? -25.258 0.464   3.708   1.00 95.61  ? 10  DC  B OP2   1 
ATOM   491  O "O5'" . DC  B 2 10 ? -23.143 1.534   4.584   1.00 85.72  ? 10  DC  B "O5'" 1 
ATOM   492  C "C5'" . DC  B 2 10 ? -22.310 2.079   5.622   1.00 87.61  ? 10  DC  B "C5'" 1 
ATOM   493  C "C4'" . DC  B 2 10 ? -21.149 2.932   5.092   1.00 78.35  ? 10  DC  B "C4'" 1 
ATOM   494  O "O4'" . DC  B 2 10 ? -20.365 2.245   4.076   1.00 72.48  ? 10  DC  B "O4'" 1 
ATOM   495  C "C3'" . DC  B 2 10 ? -21.562 4.222   4.397   1.00 72.16  ? 10  DC  B "C3'" 1 
ATOM   496  O "O3'" . DC  B 2 10 ? -20.583 5.189   4.658   1.00 78.80  ? 10  DC  B "O3'" 1 
ATOM   497  C "C2'" . DC  B 2 10 ? -21.510 3.861   2.930   1.00 70.59  ? 10  DC  B "C2'" 1 
ATOM   498  C "C1'" . DC  B 2 10 ? -20.171 3.190   3.043   1.00 67.98  ? 10  DC  B "C1'" 1 
ATOM   499  N N1    . DC  B 2 10 ? -19.754 2.487   1.894   1.00 63.22  ? 10  DC  B N1    1 
ATOM   500  C C2    . DC  B 2 10 ? -18.397 2.572   1.515   1.00 61.88  ? 10  DC  B C2    1 
ATOM   501  O O2    . DC  B 2 10 ? -17.644 3.312   2.175   1.00 59.71  ? 10  DC  B O2    1 
ATOM   502  N N3    . DC  B 2 10 ? -17.977 1.846   0.437   1.00 59.00  ? 10  DC  B N3    1 
ATOM   503  C C4    . DC  B 2 10 ? -18.879 1.076   -0.169  1.00 55.03  ? 10  DC  B C4    1 
ATOM   504  N N4    . DC  B 2 10 ? -18.495 0.335   -1.164  1.00 53.30  ? 10  DC  B N4    1 
ATOM   505  C C5    . DC  B 2 10 ? -20.225 0.973   0.232   1.00 56.35  ? 10  DC  B C5    1 
ATOM   506  C C6    . DC  B 2 10 ? -20.630 1.689   1.266   1.00 58.52  ? 10  DC  B C6    1 
ATOM   507  P P     . DA  B 2 11 ? -20.667 6.653   3.995   1.00 85.38  ? 11  DA  B P     1 
ATOM   508  O OP1   . DA  B 2 11 ? -20.638 7.641   5.104   1.00 85.35  ? 11  DA  B OP1   1 
ATOM   509  O OP2   . DA  B 2 11 ? -21.736 6.645   2.973   1.00 86.60  ? 11  DA  B OP2   1 
ATOM   510  O "O5'" . DA  B 2 11 ? -19.304 6.830   3.186   1.00 75.00  ? 11  DA  B "O5'" 1 
ATOM   511  C "C5'" . DA  B 2 11 ? -18.083 6.303   3.704   1.00 77.07  ? 11  DA  B "C5'" 1 
ATOM   512  C "C4'" . DA  B 2 11 ? -16.954 6.947   2.938   1.00 67.28  ? 11  DA  B "C4'" 1 
ATOM   513  O "O4'" . DA  B 2 11 ? -16.638 6.157   1.769   1.00 64.86  ? 11  DA  B "O4'" 1 
ATOM   514  C "C3'" . DA  B 2 11 ? -17.275 8.336   2.441   1.00 62.58  ? 11  DA  B "C3'" 1 
ATOM   515  O "O3'" . DA  B 2 11 ? -16.138 9.116   2.536   1.00 67.41  ? 11  DA  B "O3'" 1 
ATOM   516  C "C2'" . DA  B 2 11 ? -17.705 8.069   0.995   1.00 62.00  ? 11  DA  B "C2'" 1 
ATOM   517  C "C1'" . DA  B 2 11 ? -16.850 6.881   0.571   1.00 61.35  ? 11  DA  B "C1'" 1 
ATOM   518  N N9    . DA  B 2 11 ? -17.480 5.946   -0.386  1.00 57.79  ? 11  DA  B N9    1 
ATOM   519  C C8    . DA  B 2 11 ? -18.743 5.408   -0.325  1.00 59.13  ? 11  DA  B C8    1 
ATOM   520  N N7    . DA  B 2 11 ? -18.985 4.501   -1.264  1.00 57.06  ? 11  DA  B N7    1 
ATOM   521  C C5    . DA  B 2 11 ? -17.824 4.475   -1.992  1.00 53.36  ? 11  DA  B C5    1 
ATOM   522  C C6    . DA  B 2 11 ? -17.464 3.722   -3.120  1.00 54.78  ? 11  DA  B C6    1 
ATOM   523  N N6    . DA  B 2 11 ? -18.309 2.895   -3.754  1.00 54.23  ? 11  DA  B N6    1 
ATOM   524  N N1    . DA  B 2 11 ? -16.214 3.877   -3.581  1.00 55.06  ? 11  DA  B N1    1 
ATOM   525  C C2    . DA  B 2 11 ? -15.410 4.724   -2.914  1.00 55.67  ? 11  DA  B C2    1 
ATOM   526  N N3    . DA  B 2 11 ? -15.649 5.498   -1.857  1.00 51.50  ? 11  DA  B N3    1 
ATOM   527  C C4    . DA  B 2 11 ? -16.885 5.333   -1.457  1.00 51.91  ? 11  DA  B C4    1 
ATOM   528  P P     . DT  B 2 12 ? -16.047 10.591  1.951   1.00 79.82  ? 12  DT  B P     1 
ATOM   529  O OP1   . DT  B 2 12 ? -15.386 11.396  3.007   1.00 81.96  ? 12  DT  B OP1   1 
ATOM   530  O OP2   . DT  B 2 12 ? -17.347 11.026  1.370   1.00 82.24  ? 12  DT  B OP2   1 
ATOM   531  O "O5'" . DT  B 2 12 ? -15.042 10.432  0.721   1.00 65.50  ? 12  DT  B "O5'" 1 
ATOM   532  C "C5'" . DT  B 2 12 ? -14.164 9.332   0.672   1.00 64.96  ? 12  DT  B "C5'" 1 
ATOM   533  C "C4'" . DT  B 2 12 ? -13.399 9.279   -0.638  1.00 57.33  ? 12  DT  B "C4'" 1 
ATOM   534  O "O4'" . DT  B 2 12 ? -14.157 8.408   -1.517  1.00 54.43  ? 12  DT  B "O4'" 1 
ATOM   535  C "C3'" . DT  B 2 12 ? -13.219 10.608  -1.394  1.00 54.47  ? 12  DT  B "C3'" 1 
ATOM   536  O "O3'" . DT  B 2 12 ? -11.852 10.708  -1.976  1.00 59.53  ? 12  DT  B "O3'" 1 
ATOM   537  C "C2'" . DT  B 2 12 ? -14.334 10.492  -2.439  1.00 53.95  ? 12  DT  B "C2'" 1 
ATOM   538  C "C1'" . DT  B 2 12 ? -14.264 9.012   -2.772  1.00 52.78  ? 12  DT  B "C1'" 1 
ATOM   539  N N1    . DT  B 2 12 ? -15.438 8.406   -3.322  1.00 51.67  ? 12  DT  B N1    1 
ATOM   540  C C2    . DT  B 2 12 ? -15.287 7.490   -4.332  1.00 55.91  ? 12  DT  B C2    1 
ATOM   541  O O2    . DT  B 2 12 ? -14.215 7.190   -4.822  1.00 55.25  ? 12  DT  B O2    1 
ATOM   542  N N3    . DT  B 2 12 ? -16.460 6.917   -4.745  1.00 62.41  ? 12  DT  B N3    1 
ATOM   543  C C4    . DT  B 2 12 ? -17.728 7.135   -4.217  1.00 62.88  ? 12  DT  B C4    1 
ATOM   544  O O4    . DT  B 2 12 ? -18.703 6.522   -4.700  1.00 66.85  ? 12  DT  B O4    1 
ATOM   545  C C5    . DT  B 2 12 ? -17.772 8.127   -3.154  1.00 52.15  ? 12  DT  B C5    1 
ATOM   546  C C7    . DT  B 2 12 ? -19.049 8.494   -2.506  1.00 47.78  ? 12  DT  B C7    1 
ATOM   547  C C6    . DT  B 2 12 ? -16.643 8.679   -2.751  1.00 49.96  ? 12  DT  B C6    1 
ATOM   548  P P     . DT  B 2 13 ? -11.343 11.730  -3.110  1.00 66.74  ? 13  DT  B P     1 
ATOM   549  O OP1   . DT  B 2 13 ? -10.144 12.494  -2.643  1.00 70.11  ? 13  DT  B OP1   1 
ATOM   550  O OP2   . DT  B 2 13 ? -12.519 12.471  -3.587  1.00 70.64  ? 13  DT  B OP2   1 
ATOM   551  O "O5'" . DT  B 2 13 ? -10.906 10.743  -4.284  1.00 52.78  ? 13  DT  B "O5'" 1 
ATOM   552  C "C5'" . DT  B 2 13 ? -11.857 9.789   -4.674  1.00 55.54  ? 13  DT  B "C5'" 1 
ATOM   553  C "C4'" . DT  B 2 13 ? -11.531 9.207   -6.028  1.00 50.96  ? 13  DT  B "C4'" 1 
ATOM   554  O "O4'" . DT  B 2 13 ? -12.762 8.676   -6.597  1.00 47.75  ? 13  DT  B "O4'" 1 
ATOM   555  C "C3'" . DT  B 2 13 ? -11.096 10.170  -7.105  1.00 49.65  ? 13  DT  B "C3'" 1 
ATOM   556  O "O3'" . DT  B 2 13 ? -10.540 9.427   -8.155  1.00 55.52  ? 13  DT  B "O3'" 1 
ATOM   557  C "C2'" . DT  B 2 13 ? -12.425 10.782  -7.546  1.00 51.23  ? 13  DT  B "C2'" 1 
ATOM   558  C "C1'" . DT  B 2 13 ? -13.180 9.473   -7.689  1.00 48.05  ? 13  DT  B "C1'" 1 
ATOM   559  N N1    . DT  B 2 13 ? -14.580 9.530   -7.526  1.00 46.53  ? 13  DT  B N1    1 
ATOM   560  C C2    . DT  B 2 13 ? -15.311 8.645   -8.275  1.00 51.96  ? 13  DT  B C2    1 
ATOM   561  O O2    . DT  B 2 13 ? -14.846 7.928   -9.150  1.00 58.69  ? 13  DT  B O2    1 
ATOM   562  N N3    . DT  B 2 13 ? -16.638 8.650   -8.013  1.00 46.00  ? 13  DT  B N3    1 
ATOM   563  C C4    . DT  B 2 13 ? -17.270 9.396   -7.093  1.00 40.75  ? 13  DT  B C4    1 
ATOM   564  O O4    . DT  B 2 13 ? -18.461 9.245   -7.032  1.00 40.78  ? 13  DT  B O4    1 
ATOM   565  C C5    . DT  B 2 13 ? -16.444 10.286  -6.310  1.00 42.54  ? 13  DT  B C5    1 
ATOM   566  C C7    . DT  B 2 13 ? -17.049 11.150  -5.225  1.00 42.94  ? 13  DT  B C7    1 
ATOM   567  C C6    . DT  B 2 13 ? -15.125 10.312  -6.560  1.00 42.23  ? 13  DT  B C6    1 
ATOM   568  P P     . DG  B 2 14 ? -9.684  10.123  -9.303  1.00 67.40  ? 14  DG  B P     1 
ATOM   569  O OP1   . DG  B 2 14 ? -8.279  10.010  -8.871  1.00 75.01  ? 14  DG  B OP1   1 
ATOM   570  O OP2   . DG  B 2 14 ? -10.281 11.442  -9.625  1.00 67.66  ? 14  DG  B OP2   1 
ATOM   571  O "O5'" . DG  B 2 14 ? -9.887  9.172   -10.551 1.00 55.85  ? 14  DG  B "O5'" 1 
ATOM   572  C "C5'" . DG  B 2 14 ? -11.219 8.739   -10.624 1.00 61.76  ? 14  DG  B "C5'" 1 
ATOM   573  C "C4'" . DG  B 2 14 ? -11.593 8.085   -11.923 1.00 55.44  ? 14  DG  B "C4'" 1 
ATOM   574  O "O4'" . DG  B 2 14 ? -13.031 8.004   -11.888 1.00 51.76  ? 14  DG  B "O4'" 1 
ATOM   575  C "C3'" . DG  B 2 14 ? -11.366 8.845   -13.200 1.00 54.53  ? 14  DG  B "C3'" 1 
ATOM   576  O "O3'" . DG  B 2 14 ? -11.635 8.035   -14.310 1.00 62.93  ? 14  DG  B "O3'" 1 
ATOM   577  C "C2'" . DG  B 2 14 ? -12.384 9.937   -13.049 1.00 54.89  ? 14  DG  B "C2'" 1 
ATOM   578  C "C1'" . DG  B 2 14 ? -13.563 9.087   -12.605 1.00 54.10  ? 14  DG  B "C1'" 1 
ATOM   579  N N9    . DG  B 2 14 ? -14.507 9.806   -11.740 1.00 58.82  ? 14  DG  B N9    1 
ATOM   580  C C8    . DG  B 2 14 ? -14.283 10.794  -10.809 1.00 60.96  ? 14  DG  B C8    1 
ATOM   581  N N7    . DG  B 2 14 ? -15.382 11.237  -10.245 1.00 61.54  ? 14  DG  B N7    1 
ATOM   582  C C5    . DG  B 2 14 ? -16.384 10.463  -10.840 1.00 60.82  ? 14  DG  B C5    1 
ATOM   583  C C6    . DG  B 2 14 ? -17.795 10.460  -10.673 1.00 59.08  ? 14  DG  B C6    1 
ATOM   584  O O6    . DG  B 2 14 ? -18.479 11.163  -9.911  1.00 61.06  ? 14  DG  B O6    1 
ATOM   585  N N1    . DG  B 2 14 ? -18.414 9.528   -11.513 1.00 57.53  ? 14  DG  B N1    1 
ATOM   586  C C2    . DG  B 2 14 ? -17.773 8.677   -12.392 1.00 58.83  ? 14  DG  B C2    1 
ATOM   587  N N2    . DG  B 2 14 ? -18.508 7.806   -13.111 1.00 57.07  ? 14  DG  B N2    1 
ATOM   588  N N3    . DG  B 2 14 ? -16.472 8.676   -12.551 1.00 61.20  ? 14  DG  B N3    1 
ATOM   589  C C4    . DG  B 2 14 ? -15.849 9.593   -11.758 1.00 61.15  ? 14  DG  B C4    1 
ATOM   590  P P     . DT  B 2 15 ? -10.952 8.303   -15.735 1.00 70.02  ? 15  DT  B P     1 
ATOM   591  O OP1   . DT  B 2 15 ? -10.206 7.089   -16.110 1.00 65.41  ? 15  DT  B OP1   1 
ATOM   592  O OP2   . DT  B 2 15 ? -10.351 9.663   -15.728 1.00 71.31  ? 15  DT  B OP2   1 
ATOM   593  O "O5'" . DT  B 2 15 ? -12.225 8.359   -16.689 1.00 64.80  ? 15  DT  B "O5'" 1 
ATOM   594  C "C5'" . DT  B 2 15 ? -13.335 7.527   -16.357 1.00 73.13  ? 15  DT  B "C5'" 1 
ATOM   595  C "C4'" . DT  B 2 15 ? -14.556 7.925   -17.164 1.00 71.45  ? 15  DT  B "C4'" 1 
ATOM   596  O "O4'" . DT  B 2 15 ? -15.481 8.663   -16.321 1.00 68.43  ? 15  DT  B "O4'" 1 
ATOM   597  C "C3'" . DT  B 2 15 ? -14.264 8.846   -18.350 1.00 72.52  ? 15  DT  B "C3'" 1 
ATOM   598  O "O3'" . DT  B 2 15 ? -14.980 8.406   -19.484 1.00 83.11  ? 15  DT  B "O3'" 1 
ATOM   599  C "C2'" . DT  B 2 15 ? -14.795 10.201  -17.880 1.00 70.64  ? 15  DT  B "C2'" 1 
ATOM   600  C "C1'" . DT  B 2 15 ? -15.965 9.776   -17.025 1.00 64.78  ? 15  DT  B "C1'" 1 
ATOM   601  N N1    . DT  B 2 15 ? -16.434 10.615  -15.941 1.00 54.96  ? 15  DT  B N1    1 
ATOM   602  C C2    . DT  B 2 15 ? -17.799 10.800  -15.804 1.00 56.84  ? 15  DT  B C2    1 
ATOM   603  O O2    . DT  B 2 15 ? -18.665 10.410  -16.567 1.00 58.94  ? 15  DT  B O2    1 
ATOM   604  N N3    . DT  B 2 15 ? -18.171 11.500  -14.705 1.00 59.01  ? 15  DT  B N3    1 
ATOM   605  C C4    . DT  B 2 15 ? -17.329 12.089  -13.795 1.00 55.93  ? 15  DT  B C4    1 
ATOM   606  O O4    . DT  B 2 15 ? -17.807 12.647  -12.821 1.00 60.33  ? 15  DT  B O4    1 
ATOM   607  C C5    . DT  B 2 15 ? -15.935 11.941  -14.087 1.00 45.45  ? 15  DT  B C5    1 
ATOM   608  C C7    . DT  B 2 15 ? -14.906 12.710  -13.253 1.00 38.20  ? 15  DT  B C7    1 
ATOM   609  C C6    . DT  B 2 15 ? -15.530 11.211  -15.111 1.00 46.51  ? 15  DT  B C6    1 
ATOM   610  N N     . GLY C 3 15 ? -2.950  14.212  -14.871 1.00 100.00 ? 456 GLY P N     1 
ATOM   611  C CA    . GLY C 3 15 ? -3.453  12.986  -14.260 1.00 100.00 ? 456 GLY P CA    1 
ATOM   612  C C     . GLY C 3 15 ? -3.830  13.139  -12.784 1.00 100.00 ? 456 GLY P C     1 
ATOM   613  O O     . GLY C 3 15 ? -4.643  14.027  -12.442 1.00 100.00 ? 456 GLY P O     1 
ATOM   614  N N     . ARG C 3 16 ? -3.247  12.239  -11.945 1.00 93.44  ? 457 ARG P N     1 
ATOM   615  C CA    . ARG C 3 16 ? -3.428  12.231  -10.497 1.00 92.94  ? 457 ARG P CA    1 
ATOM   616  C C     . ARG C 3 16 ? -2.883  11.073  -9.693  1.00 95.70  ? 457 ARG P C     1 
ATOM   617  O O     . ARG C 3 16 ? -2.855  9.908   -10.115 1.00 100.00 ? 457 ARG P O     1 
ATOM   618  C CB    . ARG C 3 16 ? -4.844  12.361  -9.929  1.00 98.17  ? 457 ARG P CB    1 
ATOM   619  C CG    . ARG C 3 16 ? -4.859  13.272  -8.680  1.00 100.00 ? 457 ARG P CG    1 
ATOM   620  C CD    . ARG C 3 16 ? -5.630  12.754  -7.438  1.00 100.00 ? 457 ARG P CD    1 
ATOM   621  N NE    . ARG C 3 16 ? -5.794  13.748  -6.335  1.00 100.00 ? 457 ARG P NE    1 
ATOM   622  C CZ    . ARG C 3 16 ? -6.593  13.626  -5.228  1.00 100.00 ? 457 ARG P CZ    1 
ATOM   623  N NH1   . ARG C 3 16 ? -7.354  12.533  -4.990  1.00 100.00 ? 457 ARG P NH1   1 
ATOM   624  N NH2   . ARG C 3 16 ? -6.639  14.639  -4.335  1.00 100.00 ? 457 ARG P NH2   1 
ATOM   625  N N     . GLN C 3 17 ? -2.515  11.509  -8.482  1.00 82.42  ? 458 GLN P N     1 
ATOM   626  C CA    . GLN C 3 17 ? -1.966  10.760  -7.374  1.00 73.80  ? 458 GLN P CA    1 
ATOM   627  C C     . GLN C 3 17 ? -2.949  10.282  -6.282  1.00 68.79  ? 458 GLN P C     1 
ATOM   628  O O     . GLN C 3 17 ? -3.982  10.871  -5.917  1.00 69.68  ? 458 GLN P O     1 
ATOM   629  C CB    . GLN C 3 17 ? -0.882  11.533  -6.631  1.00 71.23  ? 458 GLN P CB    1 
ATOM   630  C CG    . GLN C 3 17 ? 0.549   11.472  -7.170  1.00 54.06  ? 458 GLN P CG    1 
ATOM   631  C CD    . GLN C 3 17 ? 1.398   12.447  -6.331  1.00 100.00 ? 458 GLN P CD    1 
ATOM   632  O OE1   . GLN C 3 17 ? 2.063   12.073  -5.338  1.00 100.00 ? 458 GLN P OE1   1 
ATOM   633  N NE2   . GLN C 3 17 ? 1.237   13.748  -6.609  1.00 100.00 ? 458 GLN P NE2   1 
ATOM   634  N N     . SER C 3 18 ? -2.540  9.178   -5.706  1.00 47.03  ? 459 SER P N     1 
ATOM   635  C CA    . SER C 3 18 ? -3.254  8.571   -4.644  1.00 39.92  ? 459 SER P CA    1 
ATOM   636  C C     . SER C 3 18 ? -3.091  9.429   -3.427  1.00 45.67  ? 459 SER P C     1 
ATOM   637  O O     . SER C 3 18 ? -2.075  10.072  -3.258  1.00 42.76  ? 459 SER P O     1 
ATOM   638  C CB    . SER C 3 18 ? -2.716  7.171   -4.405  1.00 40.08  ? 459 SER P CB    1 
ATOM   639  O OG    . SER C 3 18 ? -1.571  7.320   -3.576  1.00 47.51  ? 459 SER P OG    1 
ATOM   640  N N     . LYS C 3 19 ? -4.025  9.373   -2.504  1.00 56.78  ? 460 LYS P N     1 
ATOM   641  C CA    . LYS C 3 19 ? -3.789  10.122  -1.280  1.00 60.69  ? 460 LYS P CA    1 
ATOM   642  C C     . LYS C 3 19 ? -2.576  9.524   -0.544  1.00 56.95  ? 460 LYS P C     1 
ATOM   643  O O     . LYS C 3 19 ? -1.765  10.239  0.020   1.00 59.61  ? 460 LYS P O     1 
ATOM   644  C CB    . LYS C 3 19 ? -5.029  10.209  -0.361  1.00 68.51  ? 460 LYS P CB    1 
ATOM   645  C CG    . LYS C 3 19 ? -5.639  8.900   0.142   1.00 85.34  ? 460 LYS P CG    1 
ATOM   646  C CD    . LYS C 3 19 ? -6.247  9.027   1.531   1.00 80.77  ? 460 LYS P CD    1 
ATOM   647  C CE    . LYS C 3 19 ? -6.502  7.683   2.205   1.00 85.51  ? 460 LYS P CE    1 
ATOM   648  N NZ    . LYS C 3 19 ? -7.446  7.782   3.344   1.00 78.47  ? 460 LYS P NZ    1 
ATOM   649  N N     . ASP C 3 20 ? -2.479  8.184   -0.542  1.00 43.48  ? 461 ASP P N     1 
ATOM   650  C CA    . ASP C 3 20 ? -1.425  7.452   0.106   1.00 37.61  ? 461 ASP P CA    1 
ATOM   651  C C     . ASP C 3 20 ? -0.128  7.887   -0.582  1.00 35.83  ? 461 ASP P C     1 
ATOM   652  O O     . ASP C 3 20 ? 0.862   8.132   0.064   1.00 38.20  ? 461 ASP P O     1 
ATOM   653  C CB    . ASP C 3 20 ? -1.812  5.967   0.065   1.00 38.63  ? 461 ASP P CB    1 
ATOM   654  C CG    . ASP C 3 20 ? -2.637  5.520   1.248   1.00 41.71  ? 461 ASP P CG    1 
ATOM   655  O OD1   . ASP C 3 20 ? -3.217  6.316   1.960   1.00 46.88  ? 461 ASP P OD1   1 
ATOM   656  O OD2   . ASP C 3 20 ? -2.651  4.192   1.451   1.00 37.85  ? 461 ASP P OD2   1 
ATOM   657  N N     . GLU C 3 21 ? -0.148  8.162   -1.870  1.00 29.24  ? 462 GLU P N     1 
ATOM   658  C CA    . GLU C 3 21 ? 1.035   8.717   -2.467  1.00 34.11  ? 462 GLU P CA    1 
ATOM   659  C C     . GLU C 3 21 ? 1.319   10.111  -1.953  1.00 41.13  ? 462 GLU P C     1 
ATOM   660  O O     . GLU C 3 21 ? 2.438   10.565  -1.754  1.00 38.91  ? 462 GLU P O     1 
ATOM   661  C CB    . GLU C 3 21 ? 0.977   8.756   -3.989  1.00 37.00  ? 462 GLU P CB    1 
ATOM   662  C CG    . GLU C 3 21 ? 1.111   7.353   -4.625  1.00 64.55  ? 462 GLU P CG    1 
ATOM   663  C CD    . GLU C 3 21 ? 2.426   6.632   -4.374  1.00 71.02  ? 462 GLU P CD    1 
ATOM   664  O OE1   . GLU C 3 21 ? 3.169   6.842   -3.425  1.00 46.41  ? 462 GLU P OE1   1 
ATOM   665  O OE2   . GLU C 3 21 ? 2.598   5.656   -5.214  1.00 32.28  ? 462 GLU P OE2   1 
ATOM   666  N N     . GLN C 3 22 ? 0.268   10.852  -1.732  1.00 41.71  ? 463 GLN P N     1 
ATOM   667  C CA    . GLN C 3 22 ? 0.460   12.200  -1.239  1.00 36.31  ? 463 GLN P CA    1 
ATOM   668  C C     . GLN C 3 22 ? 1.022   12.144  0.153   1.00 38.67  ? 463 GLN P C     1 
ATOM   669  O O     . GLN C 3 22 ? 1.841   12.951  0.533   1.00 39.52  ? 463 GLN P O     1 
ATOM   670  C CB    . GLN C 3 22 ? -0.878  12.948  -1.326  1.00 38.88  ? 463 GLN P CB    1 
ATOM   671  C CG    . GLN C 3 22 ? -0.752  14.406  -0.888  1.00 44.77  ? 463 GLN P CG    1 
ATOM   672  C CD    . GLN C 3 22 ? 0.066   15.135  -1.894  1.00 70.96  ? 463 GLN P CD    1 
ATOM   673  O OE1   . GLN C 3 22 ? 1.027   15.841  -1.531  1.00 66.79  ? 463 GLN P OE1   1 
ATOM   674  N NE2   . GLN C 3 22 ? -0.293  14.883  -3.158  1.00 59.86  ? 463 GLN P NE2   1 
ATOM   675  N N     . LEU C 3 23 ? 0.531   11.164  0.907   1.00 39.96  ? 464 LEU P N     1 
ATOM   676  C CA    . LEU C 3 23 ? 0.855   10.876  2.292   1.00 35.93  ? 464 LEU P CA    1 
ATOM   677  C C     . LEU C 3 23 ? 2.337   10.600  2.474   1.00 39.22  ? 464 LEU P C     1 
ATOM   678  O O     . LEU C 3 23 ? 3.037   11.212  3.275   1.00 42.83  ? 464 LEU P O     1 
ATOM   679  C CB    . LEU C 3 23 ? 0.016   9.676   2.786   1.00 35.67  ? 464 LEU P CB    1 
ATOM   680  C CG    . LEU C 3 23 ? -1.247  10.012  3.568   1.00 40.74  ? 464 LEU P CG    1 
ATOM   681  C CD1   . LEU C 3 23 ? -1.852  8.730   4.119   1.00 36.03  ? 464 LEU P CD1   1 
ATOM   682  C CD2   . LEU C 3 23 ? -0.955  10.948  4.744   1.00 33.94  ? 464 LEU P CD2   1 
ATOM   683  N N     . ALA C 3 24 ? 2.773   9.604   1.727   1.00 30.07  ? 465 ALA P N     1 
ATOM   684  C CA    . ALA C 3 24 ? 4.139   9.171   1.658   1.00 25.34  ? 465 ALA P CA    1 
ATOM   685  C C     . ALA C 3 24 ? 4.988   10.346  1.301   1.00 31.66  ? 465 ALA P C     1 
ATOM   686  O O     . ALA C 3 24 ? 6.092   10.578  1.833   1.00 31.50  ? 465 ALA P O     1 
ATOM   687  C CB    . ALA C 3 24 ? 4.206   8.055   0.637   1.00 26.92  ? 465 ALA P CB    1 
ATOM   688  N N     . SER C 3 25 ? 4.434   11.129  0.383   1.00 35.86  ? 466 SER P N     1 
ATOM   689  C CA    . SER C 3 25 ? 5.168   12.307  -0.043  1.00 38.97  ? 466 SER P CA    1 
ATOM   690  C C     . SER C 3 25 ? 5.167   13.379  1.041   1.00 37.36  ? 466 SER P C     1 
ATOM   691  O O     . SER C 3 25 ? 6.188   13.867  1.433   1.00 36.80  ? 466 SER P O     1 
ATOM   692  C CB    . SER C 3 25 ? 4.697   12.885  -1.361  1.00 34.11  ? 466 SER P CB    1 
ATOM   693  O OG    . SER C 3 25 ? 4.867   14.293  -1.253  1.00 65.05  ? 466 SER P OG    1 
ATOM   694  N N     . ASP C 3 26 ? 4.019   13.713  1.544   1.00 31.79  ? 467 ASP P N     1 
ATOM   695  C CA    . ASP C 3 26 ? 3.992   14.668  2.617   1.00 36.10  ? 467 ASP P CA    1 
ATOM   696  C C     . ASP C 3 26 ? 4.881   14.223  3.727   1.00 34.76  ? 467 ASP P C     1 
ATOM   697  O O     . ASP C 3 26 ? 5.643   14.986  4.265   1.00 42.58  ? 467 ASP P O     1 
ATOM   698  C CB    . ASP C 3 26 ? 2.565   14.933  3.148   1.00 37.58  ? 467 ASP P CB    1 
ATOM   699  C CG    . ASP C 3 26 ? 1.886   15.638  2.032   1.00 40.18  ? 467 ASP P CG    1 
ATOM   700  O OD1   . ASP C 3 26 ? 2.564   16.174  1.184   1.00 43.29  ? 467 ASP P OD1   1 
ATOM   701  O OD2   . ASP C 3 26 ? 0.585   15.446  1.947   1.00 55.19  ? 467 ASP P OD2   1 
ATOM   702  N N     . ASN C 3 27 ? 4.788   12.978  4.092   1.00 29.86  ? 468 ASN P N     1 
ATOM   703  C CA    . ASN C 3 27 ? 5.607   12.524  5.205   1.00 29.80  ? 468 ASN P CA    1 
ATOM   704  C C     . ASN C 3 27 ? 7.064   12.177  4.952   1.00 37.45  ? 468 ASN P C     1 
ATOM   705  O O     . ASN C 3 27 ? 7.736   11.517  5.765   1.00 33.66  ? 468 ASN P O     1 
ATOM   706  C CB    . ASN C 3 27 ? 4.958   11.319  5.841   1.00 28.97  ? 468 ASN P CB    1 
ATOM   707  C CG    . ASN C 3 27 ? 3.818   11.854  6.653   1.00 59.81  ? 468 ASN P CG    1 
ATOM   708  O OD1   . ASN C 3 27 ? 2.771   12.091  6.062   1.00 44.77  ? 468 ASN P OD1   1 
ATOM   709  N ND2   . ASN C 3 27 ? 4.070   12.250  7.911   1.00 50.54  ? 468 ASN P ND2   1 
ATOM   710  N N     . GLU C 3 28 ? 7.514   12.527  3.760   1.00 38.29  ? 469 GLU P N     1 
ATOM   711  C CA    . GLU C 3 28 ? 8.873   12.223  3.341   1.00 39.52  ? 469 GLU P CA    1 
ATOM   712  C C     . GLU C 3 28 ? 9.323   10.737  3.584   1.00 45.36  ? 469 GLU P C     1 
ATOM   713  O O     . GLU C 3 28 ? 10.438  10.437  3.995   1.00 42.23  ? 469 GLU P O     1 
ATOM   714  C CB    . GLU C 3 28 ? 9.773   13.267  4.013   1.00 40.92  ? 469 GLU P CB    1 
ATOM   715  C CG    . GLU C 3 28 ? 9.257   14.708  3.753   1.00 39.07  ? 469 GLU P CG    1 
ATOM   716  C CD    . GLU C 3 28 ? 10.105  15.844  4.304   1.00 100.00 ? 469 GLU P CD    1 
ATOM   717  O OE1   . GLU C 3 28 ? 11.269  16.049  3.961   1.00 100.00 ? 469 GLU P OE1   1 
ATOM   718  O OE2   . GLU C 3 28 ? 9.423   16.656  5.100   1.00 100.00 ? 469 GLU P OE2   1 
ATOM   719  N N     . LEU C 3 29 ? 8.472   9.760   3.229   1.00 36.68  ? 470 LEU P N     1 
ATOM   720  C CA    . LEU C 3 29 ? 8.795   8.350   3.336   1.00 31.02  ? 470 LEU P CA    1 
ATOM   721  C C     . LEU C 3 29 ? 9.890   7.967   2.348   1.00 30.13  ? 470 LEU P C     1 
ATOM   722  O O     . LEU C 3 29 ? 9.911   8.377   1.197   1.00 33.83  ? 470 LEU P O     1 
ATOM   723  C CB    . LEU C 3 29 ? 7.506   7.531   3.127   1.00 29.00  ? 470 LEU P CB    1 
ATOM   724  C CG    . LEU C 3 29 ? 6.495   7.717   4.253   1.00 28.13  ? 470 LEU P CG    1 
ATOM   725  C CD1   . LEU C 3 29 ? 5.612   6.503   4.355   1.00 27.15  ? 470 LEU P CD1   1 
ATOM   726  C CD2   . LEU C 3 29 ? 7.203   7.878   5.588   1.00 26.65  ? 470 LEU P CD2   1 
ATOM   727  N N     . PRO C 3 30 ? 10.854  7.196   2.766   1.00 27.63  ? 471 PRO P N     1 
ATOM   728  C CA    . PRO C 3 30 ? 11.899  6.850   1.821   1.00 26.96  ? 471 PRO P CA    1 
ATOM   729  C C     . PRO C 3 30 ? 11.486  5.980   0.648   1.00 37.96  ? 471 PRO P C     1 
ATOM   730  O O     . PRO C 3 30 ? 12.324  5.650   -0.181  1.00 31.31  ? 471 PRO P O     1 
ATOM   731  C CB    . PRO C 3 30 ? 12.992  6.147   2.603   1.00 24.91  ? 471 PRO P CB    1 
ATOM   732  C CG    . PRO C 3 30 ? 12.250  5.583   3.776   1.00 24.46  ? 471 PRO P CG    1 
ATOM   733  C CD    . PRO C 3 30 ? 11.116  6.544   4.076   1.00 18.28  ? 471 PRO P CD    1 
ATOM   734  N N     . VAL C 3 31 ? 10.232  5.541   0.617   1.00 37.24  ? 472 VAL P N     1 
ATOM   735  C CA    . VAL C 3 31 ? 9.745   4.687   -0.456  1.00 27.65  ? 472 VAL P CA    1 
ATOM   736  C C     . VAL C 3 31 ? 8.447   5.211   -0.854  1.00 29.28  ? 472 VAL P C     1 
ATOM   737  O O     . VAL C 3 31 ? 7.997   6.015   -0.075  1.00 30.41  ? 472 VAL P O     1 
ATOM   738  C CB    . VAL C 3 31 ? 9.585   3.223   -0.117  1.00 18.27  ? 472 VAL P CB    1 
ATOM   739  C CG1   . VAL C 3 31 ? 10.937  2.592   -0.017  1.00 14.00  ? 472 VAL P CG1   1 
ATOM   740  C CG2   . VAL C 3 31 ? 8.842   3.173   1.209   1.00 18.37  ? 472 VAL P CG2   1 
ATOM   741  N N     . SER C 3 32 ? 7.891   4.710   -1.955  1.00 26.46  ? 473 SER P N     1 
ATOM   742  C CA    . SER C 3 32 ? 6.570   5.065   -2.455  1.00 20.82  ? 473 SER P CA    1 
ATOM   743  C C     . SER C 3 32 ? 5.504   4.082   -1.993  1.00 23.50  ? 473 SER P C     1 
ATOM   744  O O     . SER C 3 32 ? 5.763   2.927   -1.627  1.00 34.13  ? 473 SER P O     1 
ATOM   745  C CB    . SER C 3 32 ? 6.480   5.175   -3.959  1.00 21.08  ? 473 SER P CB    1 
ATOM   746  O OG    . SER C 3 32 ? 6.276   3.846   -4.382  1.00 31.91  ? 473 SER P OG    1 
ATOM   747  N N     . ALA C 3 33 ? 4.298   4.614   -2.024  1.00 22.01  ? 474 ALA P N     1 
ATOM   748  C CA    . ALA C 3 33 ? 3.068   3.966   -1.626  1.00 27.46  ? 474 ALA P CA    1 
ATOM   749  C C     . ALA C 3 33 ? 2.964   2.693   -2.367  1.00 29.60  ? 474 ALA P C     1 
ATOM   750  O O     . ALA C 3 33 ? 2.785   1.638   -1.775  1.00 32.08  ? 474 ALA P O     1 
ATOM   751  C CB    . ALA C 3 33 ? 1.897   4.916   -1.846  1.00 30.13  ? 474 ALA P CB    1 
ATOM   752  N N     . PHE C 3 34 ? 3.167   2.832   -3.668  1.00 26.13  ? 475 PHE P N     1 
ATOM   753  C CA    . PHE C 3 34 ? 3.231   1.666   -4.518  1.00 25.67  ? 475 PHE P CA    1 
ATOM   754  C C     . PHE C 3 34 ? 4.331   0.703   -4.024  1.00 26.13  ? 475 PHE P C     1 
ATOM   755  O O     . PHE C 3 34 ? 4.129   -0.483  -3.790  1.00 31.12  ? 475 PHE P O     1 
ATOM   756  C CB    . PHE C 3 34 ? 3.414   2.072   -5.977  1.00 29.43  ? 475 PHE P CB    1 
ATOM   757  C CG    . PHE C 3 34 ? 3.278   0.851   -6.775  1.00 35.83  ? 475 PHE P CG    1 
ATOM   758  C CD1   . PHE C 3 34 ? 2.012   0.330   -7.017  1.00 40.92  ? 475 PHE P CD1   1 
ATOM   759  C CD2   . PHE C 3 34 ? 4.412   0.101   -7.085  1.00 46.04  ? 475 PHE P CD2   1 
ATOM   760  C CE1   . PHE C 3 34 ? 1.886   -0.908  -7.648  1.00 46.92  ? 475 PHE P CE1   1 
ATOM   761  C CE2   . PHE C 3 34 ? 4.300   -1.128  -7.738  1.00 52.33  ? 475 PHE P CE2   1 
ATOM   762  C CZ    . PHE C 3 34 ? 3.026   -1.616  -8.028  1.00 52.22  ? 475 PHE P CZ    1 
ATOM   763  N N     . GLN C 3 35 ? 5.522   1.213   -3.805  1.00 22.16  ? 476 GLN P N     1 
ATOM   764  C CA    . GLN C 3 35 ? 6.598   0.404   -3.287  1.00 18.92  ? 476 GLN P CA    1 
ATOM   765  C C     . GLN C 3 35 ? 6.290   -0.258  -2.011  1.00 23.81  ? 476 GLN P C     1 
ATOM   766  O O     . GLN C 3 35 ? 6.481   -1.463  -1.787  1.00 31.77  ? 476 GLN P O     1 
ATOM   767  C CB    . GLN C 3 35 ? 7.862   1.193   -3.094  1.00 21.62  ? 476 GLN P CB    1 
ATOM   768  C CG    . GLN C 3 35 ? 8.461   1.546   -4.459  1.00 10.52  ? 476 GLN P CG    1 
ATOM   769  C CD    . GLN C 3 35 ? 9.788   2.206   -4.346  1.00 33.43  ? 476 GLN P CD    1 
ATOM   770  O OE1   . GLN C 3 35 ? 10.060  2.996   -3.434  1.00 38.96  ? 476 GLN P OE1   1 
ATOM   771  N NE2   . GLN C 3 35 ? 10.553  2.002   -5.381  1.00 23.82  ? 476 GLN P NE2   1 
ATOM   772  N N     . ILE C 3 36 ? 5.821   0.583   -1.135  1.00 20.83  ? 477 ILE P N     1 
ATOM   773  C CA    . ILE C 3 36 ? 5.433   0.100   0.197   1.00 22.60  ? 477 ILE P CA    1 
ATOM   774  C C     . ILE C 3 36 ? 4.516   -1.141  0.130   1.00 35.55  ? 477 ILE P C     1 
ATOM   775  O O     . ILE C 3 36 ? 4.813   -2.235  0.620   1.00 42.85  ? 477 ILE P O     1 
ATOM   776  C CB    . ILE C 3 36 ? 4.831   1.290   0.874   1.00 23.64  ? 477 ILE P CB    1 
ATOM   777  C CG1   . ILE C 3 36 ? 5.941   2.201   1.326   1.00 23.23  ? 477 ILE P CG1   1 
ATOM   778  C CG2   . ILE C 3 36 ? 3.994   0.950   2.079   1.00 17.22  ? 477 ILE P CG2   1 
ATOM   779  C CD1   . ILE C 3 36 ? 5.308   3.401   2.044   1.00 19.62  ? 477 ILE P CD1   1 
ATOM   780  N N     . SER C 3 37 ? 3.387   -0.987  -0.529  1.00 27.24  ? 478 SER P N     1 
ATOM   781  C CA    . SER C 3 37 ? 2.442   -2.075  -0.691  1.00 28.55  ? 478 SER P CA    1 
ATOM   782  C C     . SER C 3 37 ? 2.862   -3.270  -1.513  1.00 31.52  ? 478 SER P C     1 
ATOM   783  O O     . SER C 3 37 ? 2.285   -4.327  -1.371  1.00 29.26  ? 478 SER P O     1 
ATOM   784  C CB    . SER C 3 37 ? 1.164   -1.584  -1.306  1.00 26.43  ? 478 SER P CB    1 
ATOM   785  O OG    . SER C 3 37 ? 1.127   -0.186  -1.046  1.00 39.20  ? 478 SER P OG    1 
ATOM   786  N N     . GLU C 3 38 ? 3.777   -3.094  -2.433  1.00 30.93  ? 479 GLU P N     1 
ATOM   787  C CA    . GLU C 3 38 ? 4.140   -4.196  -3.274  1.00 27.99  ? 479 GLU P CA    1 
ATOM   788  C C     . GLU C 3 38 ? 5.468   -4.738  -2.923  1.00 41.94  ? 479 GLU P C     1 
ATOM   789  O O     . GLU C 3 38 ? 5.765   -5.843  -3.292  1.00 44.13  ? 479 GLU P O     1 
ATOM   790  C CB    . GLU C 3 38 ? 4.134   -3.832  -4.755  1.00 27.77  ? 479 GLU P CB    1 
ATOM   791  C CG    . GLU C 3 38 ? 2.800   -3.175  -5.113  1.00 45.34  ? 479 GLU P CG    1 
ATOM   792  C CD    . GLU C 3 38 ? 1.652   -3.733  -4.318  1.00 69.18  ? 479 GLU P CD    1 
ATOM   793  O OE1   . GLU C 3 38 ? 1.533   -5.032  -4.384  1.00 100.00 ? 479 GLU P OE1   1 
ATOM   794  O OE2   . GLU C 3 38 ? 0.910   -3.047  -3.665  1.00 90.53  ? 479 GLU P OE2   1 
ATOM   795  N N     . MET C 3 39 ? 6.292   -3.988  -2.242  1.00 34.64  ? 480 MET P N     1 
ATOM   796  C CA    . MET C 3 39 ? 7.562   -4.562  -1.956  1.00 28.52  ? 480 MET P CA    1 
ATOM   797  C C     . MET C 3 39 ? 7.366   -5.815  -1.161  1.00 36.12  ? 480 MET P C     1 
ATOM   798  O O     . MET C 3 39 ? 6.468   -5.968  -0.353  1.00 45.40  ? 480 MET P O     1 
ATOM   799  C CB    . MET C 3 39 ? 8.402   -3.472  -1.265  1.00 32.70  ? 480 MET P CB    1 
ATOM   800  C CG    . MET C 3 39 ? 8.663   -3.725  0.221   1.00 37.06  ? 480 MET P CG    1 
ATOM   801  S SD    . MET C 3 39 ? 9.797   -2.468  0.812   1.00 34.63  ? 480 MET P SD    1 
ATOM   802  C CE    . MET C 3 39 ? 9.109   -1.128  -0.153  1.00 21.46  ? 480 MET P CE    1 
ATOM   803  N N     . SER C 3 40 ? 8.253   -6.743  -1.330  1.00 37.65  ? 481 SER P N     1 
ATOM   804  C CA    . SER C 3 40 ? 8.102   -7.906  -0.482  1.00 37.30  ? 481 SER P CA    1 
ATOM   805  C C     . SER C 3 40 ? 8.429   -7.589  0.987   1.00 40.94  ? 481 SER P C     1 
ATOM   806  O O     . SER C 3 40 ? 9.238   -6.722  1.389   1.00 29.55  ? 481 SER P O     1 
ATOM   807  C CB    . SER C 3 40 ? 8.971   -9.024  -1.021  1.00 25.74  ? 481 SER P CB    1 
ATOM   808  O OG    . SER C 3 40 ? 10.327  -8.893  -0.574  1.00 24.09  ? 481 SER P OG    1 
ATOM   809  N N     . LEU C 3 41 ? 7.771   -8.373  1.792   1.00 39.72  ? 482 LEU P N     1 
ATOM   810  C CA    . LEU C 3 41 ? 7.962   -8.361  3.214   1.00 35.61  ? 482 LEU P CA    1 
ATOM   811  C C     . LEU C 3 41 ? 9.434   -8.332  3.591   1.00 39.63  ? 482 LEU P C     1 
ATOM   812  O O     . LEU C 3 41 ? 9.916   -7.555  4.406   1.00 34.43  ? 482 LEU P O     1 
ATOM   813  C CB    . LEU C 3 41 ? 7.304   -9.555  3.862   1.00 33.06  ? 482 LEU P CB    1 
ATOM   814  C CG    . LEU C 3 41 ? 7.242   -9.529  5.398   1.00 44.11  ? 482 LEU P CG    1 
ATOM   815  C CD1   . LEU C 3 41 ? 6.857   -8.183  6.024   1.00 44.36  ? 482 LEU P CD1   1 
ATOM   816  C CD2   . LEU C 3 41 ? 6.200   -10.511 5.939   1.00 46.98  ? 482 LEU P CD2   1 
ATOM   817  N N     . SER C 3 42 ? 10.207  -9.225  3.034   1.00 30.17  ? 483 SER P N     1 
ATOM   818  C CA    . SER C 3 42 ? 11.564  -9.106  3.460   1.00 27.72  ? 483 SER P CA    1 
ATOM   819  C C     . SER C 3 42 ? 12.162  -7.857  2.911   1.00 32.53  ? 483 SER P C     1 
ATOM   820  O O     . SER C 3 42 ? 13.185  -7.427  3.280   1.00 32.47  ? 483 SER P O     1 
ATOM   821  C CB    . SER C 3 42 ? 12.440  -10.251 3.085   1.00 31.99  ? 483 SER P CB    1 
ATOM   822  O OG    . SER C 3 42 ? 12.320  -10.427 1.698   1.00 52.02  ? 483 SER P OG    1 
ATOM   823  N N     . GLU C 3 43 ? 11.550  -7.290  1.960   1.00 25.39  ? 484 GLU P N     1 
ATOM   824  C CA    . GLU C 3 43 ? 12.190  -6.158  1.459   1.00 21.14  ? 484 GLU P CA    1 
ATOM   825  C C     . GLU C 3 43 ? 11.979  -5.048  2.454   1.00 38.12  ? 484 GLU P C     1 
ATOM   826  O O     . GLU C 3 43 ? 12.902  -4.292  2.858   1.00 37.23  ? 484 GLU P O     1 
ATOM   827  C CB    . GLU C 3 43 ? 11.568  -5.877  0.079   1.00 21.56  ? 484 GLU P CB    1 
ATOM   828  C CG    . GLU C 3 43 ? 12.571  -5.948  -1.097  1.00 24.27  ? 484 GLU P CG    1 
ATOM   829  C CD    . GLU C 3 43 ? 11.896  -6.204  -2.430  1.00 37.37  ? 484 GLU P CD    1 
ATOM   830  O OE1   . GLU C 3 43 ? 10.582  -6.326  -2.305  1.00 43.88  ? 484 GLU P OE1   1 
ATOM   831  O OE2   . GLU C 3 43 ? 12.509  -6.435  -3.467  1.00 29.16  ? 484 GLU P OE2   1 
ATOM   832  N N     . LEU C 3 44 ? 10.699  -4.965  2.797   1.00 36.86  ? 485 LEU P N     1 
ATOM   833  C CA    . LEU C 3 44 ? 10.158  -3.951  3.694   1.00 38.06  ? 485 LEU P CA    1 
ATOM   834  C C     . LEU C 3 44 ? 10.889  -3.916  5.027   1.00 38.62  ? 485 LEU P C     1 
ATOM   835  O O     . LEU C 3 44 ? 11.239  -2.908  5.667   1.00 37.50  ? 485 LEU P O     1 
ATOM   836  C CB    . LEU C 3 44 ? 8.674   -4.224  3.861   1.00 36.30  ? 485 LEU P CB    1 
ATOM   837  C CG    . LEU C 3 44 ? 7.942   -3.216  4.723   1.00 32.47  ? 485 LEU P CG    1 
ATOM   838  C CD1   . LEU C 3 44 ? 7.645   -1.914  3.985   1.00 29.16  ? 485 LEU P CD1   1 
ATOM   839  C CD2   . LEU C 3 44 ? 6.628   -3.846  5.157   1.00 27.40  ? 485 LEU P CD2   1 
ATOM   840  N N     . GLN C 3 45 ? 11.191  -5.103  5.399   1.00 28.73  ? 486 GLN P N     1 
ATOM   841  C CA    . GLN C 3 45 ? 11.912  -5.250  6.593   1.00 31.41  ? 486 GLN P CA    1 
ATOM   842  C C     . GLN C 3 45 ? 13.269  -4.642  6.426   1.00 35.72  ? 486 GLN P C     1 
ATOM   843  O O     . GLN C 3 45 ? 13.741  -4.031  7.359   1.00 39.91  ? 486 GLN P O     1 
ATOM   844  C CB    . GLN C 3 45 ? 11.988  -6.707  7.063   1.00 32.91  ? 486 GLN P CB    1 
ATOM   845  C CG    . GLN C 3 45 ? 10.600  -7.432  7.225   1.00 32.86  ? 486 GLN P CG    1 
ATOM   846  C CD    . GLN C 3 45 ? 10.712  -8.923  7.668   1.00 100.00 ? 486 GLN P CD    1 
ATOM   847  O OE1   . GLN C 3 45 ? 11.547  -9.743  7.183   1.00 92.65  ? 486 GLN P OE1   1 
ATOM   848  N NE2   . GLN C 3 45 ? 9.883   -9.293  8.654   1.00 85.44  ? 486 GLN P NE2   1 
ATOM   849  N N     . GLN C 3 46 ? 13.887  -4.719  5.269   1.00 25.49  ? 487 GLN P N     1 
ATOM   850  C CA    . GLN C 3 46 ? 15.166  -4.045  5.249   1.00 24.11  ? 487 GLN P CA    1 
ATOM   851  C C     . GLN C 3 46 ? 14.922  -2.581  5.435   1.00 31.80  ? 487 GLN P C     1 
ATOM   852  O O     . GLN C 3 46 ? 15.583  -1.869  6.194   1.00 32.02  ? 487 GLN P O     1 
ATOM   853  C CB    . GLN C 3 46 ? 16.029  -4.261  4.006   1.00 25.35  ? 487 GLN P CB    1 
ATOM   854  C CG    . GLN C 3 46 ? 17.032  -5.431  4.071   1.00 29.08  ? 487 GLN P CG    1 
ATOM   855  C CD    . GLN C 3 46 ? 17.789  -5.616  5.376   1.00 48.80  ? 487 GLN P CD    1 
ATOM   856  O OE1   . GLN C 3 46 ? 18.762  -4.902  5.677   1.00 62.25  ? 487 GLN P OE1   1 
ATOM   857  N NE2   . GLN C 3 46 ? 17.316  -6.550  6.202   1.00 44.61  ? 487 GLN P NE2   1 
ATOM   858  N N     . VAL C 3 47 ? 13.932  -2.116  4.711   1.00 24.44  ? 488 VAL P N     1 
ATOM   859  C CA    . VAL C 3 47 ? 13.618  -0.710  4.763   1.00 18.45  ? 488 VAL P CA    1 
ATOM   860  C C     . VAL C 3 47 ? 13.468  -0.223  6.169   1.00 34.68  ? 488 VAL P C     1 
ATOM   861  O O     . VAL C 3 47 ? 13.889  0.850   6.632   1.00 39.68  ? 488 VAL P O     1 
ATOM   862  C CB    . VAL C 3 47 ? 12.373  -0.401  4.011   1.00 16.27  ? 488 VAL P CB    1 
ATOM   863  C CG1   . VAL C 3 47 ? 11.832  0.983   4.282   1.00 20.83  ? 488 VAL P CG1   1 
ATOM   864  C CG2   . VAL C 3 47 ? 12.678  -0.449  2.569   1.00 12.62  ? 488 VAL P CG2   1 
ATOM   865  N N     . LEU C 3 48 ? 12.783  -1.047  6.864   1.00 31.55  ? 489 LEU P N     1 
ATOM   866  C CA    . LEU C 3 48 ? 12.485  -0.636  8.190   1.00 27.33  ? 489 LEU P CA    1 
ATOM   867  C C     . LEU C 3 48 ? 13.632  -0.726  9.158   1.00 29.69  ? 489 LEU P C     1 
ATOM   868  O O     . LEU C 3 48 ? 13.599  0.080   10.070  1.00 30.72  ? 489 LEU P O     1 
ATOM   869  C CB    . LEU C 3 48 ? 11.260  -1.442  8.681   1.00 27.75  ? 489 LEU P CB    1 
ATOM   870  C CG    . LEU C 3 48 ? 9.926   -1.115  7.994   1.00 25.14  ? 489 LEU P CG    1 
ATOM   871  C CD1   . LEU C 3 48 ? 8.897   -2.122  8.468   1.00 17.80  ? 489 LEU P CD1   1 
ATOM   872  C CD2   . LEU C 3 48 ? 9.315   0.282   8.268   1.00 12.28  ? 489 LEU P CD2   1 
ATOM   873  N N     . LYS C 3 49 ? 14.572  -1.686  9.031   1.00 33.83  ? 490 LYS P N     1 
ATOM   874  C CA    . LYS C 3 49 ? 15.753  -1.824  9.900   1.00 29.25  ? 490 LYS P CA    1 
ATOM   875  C C     . LYS C 3 49 ? 16.815  -0.791  9.601   1.00 36.52  ? 490 LYS P C     1 
ATOM   876  O O     . LYS C 3 49 ? 17.754  -0.583  10.334  1.00 48.20  ? 490 LYS P O     1 
ATOM   877  C CB    . LYS C 3 49 ? 16.442  -3.190  9.795   1.00 35.53  ? 490 LYS P CB    1 
ATOM   878  C CG    . LYS C 3 49 ? 17.724  -3.381  10.599  1.00 64.18  ? 490 LYS P CG    1 
ATOM   879  C CD    . LYS C 3 49 ? 17.785  -4.658  11.450  1.00 62.89  ? 490 LYS P CD    1 
ATOM   880  C CE    . LYS C 3 49 ? 19.180  -5.247  11.601  1.00 85.46  ? 490 LYS P CE    1 
ATOM   881  N NZ    . LYS C 3 49 ? 20.067  -4.850  10.497  1.00 100.00 ? 490 LYS P NZ    1 
ATOM   882  N N     . ASN C 3 50 ? 16.742  -0.221  8.407   1.00 34.51  ? 491 ASN P N     1 
ATOM   883  C CA    . ASN C 3 50 ? 17.780  0.703   7.965   1.00 29.29  ? 491 ASN P CA    1 
ATOM   884  C C     . ASN C 3 50 ? 17.485  2.154   7.954   1.00 32.45  ? 491 ASN P C     1 
ATOM   885  O O     . ASN C 3 50 ? 18.424  2.897   7.817   1.00 41.09  ? 491 ASN P O     1 
ATOM   886  C CB    . ASN C 3 50 ? 18.310  0.434   6.528   1.00 20.34  ? 491 ASN P CB    1 
ATOM   887  C CG    . ASN C 3 50 ? 19.001  -0.930  6.419   1.00 52.86  ? 491 ASN P CG    1 
ATOM   888  O OD1   . ASN C 3 50 ? 20.193  -1.022  6.181   1.00 46.23  ? 491 ASN P OD1   1 
ATOM   889  N ND2   . ASN C 3 50 ? 18.264  -2.013  6.661   1.00 74.56  ? 491 ASN P ND2   1 
ATOM   890  N N     . GLU C 3 51 ? 16.206  2.523   8.002   1.00 32.35  ? 492 GLU P N     1 
ATOM   891  C CA    . GLU C 3 51 ? 15.742  3.901   7.909   1.00 31.03  ? 492 GLU P CA    1 
ATOM   892  C C     . GLU C 3 51 ? 15.410  4.528   9.280   1.00 37.56  ? 492 GLU P C     1 
ATOM   893  O O     . GLU C 3 51 ? 15.038  3.832   10.204  1.00 37.04  ? 492 GLU P O     1 
ATOM   894  C CB    . GLU C 3 51 ? 14.499  3.938   6.962   1.00 27.83  ? 492 GLU P CB    1 
ATOM   895  C CG    . GLU C 3 51 ? 14.756  3.498   5.525   1.00 14.45  ? 492 GLU P CG    1 
ATOM   896  C CD    . GLU C 3 51 ? 15.900  4.287   4.903   1.00 54.07  ? 492 GLU P CD    1 
ATOM   897  O OE1   . GLU C 3 51 ? 15.705  5.576   5.009   1.00 61.21  ? 492 GLU P OE1   1 
ATOM   898  O OE2   . GLU C 3 51 ? 16.974  3.817   4.519   1.00 38.87  ? 492 GLU P OE2   1 
ATOM   899  N N     . SER C 3 52 ? 15.517  5.854   9.388   1.00 37.99  ? 493 SER P N     1 
ATOM   900  C CA    . SER C 3 52 ? 15.118  6.659   10.557  1.00 34.74  ? 493 SER P CA    1 
ATOM   901  C C     . SER C 3 52 ? 13.699  7.079   10.268  1.00 42.41  ? 493 SER P C     1 
ATOM   902  O O     . SER C 3 52 ? 13.414  7.828   9.316   1.00 40.17  ? 493 SER P O     1 
ATOM   903  C CB    . SER C 3 52 ? 15.977  7.865   10.835  1.00 35.42  ? 493 SER P CB    1 
ATOM   904  O OG    . SER C 3 52 ? 16.018  8.145   12.213  1.00 48.11  ? 493 SER P OG    1 
ATOM   905  N N     . LEU C 3 53 ? 12.813  6.516   11.042  1.00 38.58  ? 494 LEU P N     1 
ATOM   906  C CA    . LEU C 3 53 ? 11.428  6.701   10.804  1.00 35.71  ? 494 LEU P CA    1 
ATOM   907  C C     . LEU C 3 53 ? 10.639  6.977   12.041  1.00 37.89  ? 494 LEU P C     1 
ATOM   908  O O     . LEU C 3 53 ? 10.391  6.094   12.833  1.00 41.63  ? 494 LEU P O     1 
ATOM   909  C CB    . LEU C 3 53 ? 10.854  5.431   10.103  1.00 33.52  ? 494 LEU P CB    1 
ATOM   910  C CG    . LEU C 3 53 ? 11.433  5.066   8.745   1.00 25.83  ? 494 LEU P CG    1 
ATOM   911  C CD1   . LEU C 3 53 ? 10.983  3.687   8.286   1.00 23.42  ? 494 LEU P CD1   1 
ATOM   912  C CD2   . LEU C 3 53 ? 10.949  6.071   7.735   1.00 24.38  ? 494 LEU P CD2   1 
ATOM   913  N N     . SER C 3 54 ? 10.163  8.175   12.220  1.00 31.61  ? 495 SER P N     1 
ATOM   914  C CA    . SER C 3 54 ? 9.336   8.320   13.381  1.00 24.63  ? 495 SER P CA    1 
ATOM   915  C C     . SER C 3 54 ? 8.321   7.195   13.387  1.00 35.12  ? 495 SER P C     1 
ATOM   916  O O     . SER C 3 54 ? 8.049   6.561   12.365  1.00 40.78  ? 495 SER P O     1 
ATOM   917  C CB    . SER C 3 54 ? 8.648   9.684   13.431  1.00 29.79  ? 495 SER P CB    1 
ATOM   918  O OG    . SER C 3 54 ? 7.392   9.694   12.739  1.00 49.40  ? 495 SER P OG    1 
ATOM   919  N N     . GLU C 3 55 ? 7.751   7.001   14.557  1.00 33.13  ? 496 GLU P N     1 
ATOM   920  C CA    . GLU C 3 55 ? 6.659   6.078   14.824  1.00 36.38  ? 496 GLU P CA    1 
ATOM   921  C C     . GLU C 3 55 ? 5.447   6.388   13.913  1.00 42.94  ? 496 GLU P C     1 
ATOM   922  O O     . GLU C 3 55 ? 4.859   5.533   13.241  1.00 51.99  ? 496 GLU P O     1 
ATOM   923  C CB    . GLU C 3 55 ? 6.324   6.130   16.332  1.00 36.54  ? 496 GLU P CB    1 
ATOM   924  C CG    . GLU C 3 55 ? 7.332   5.374   17.229  1.00 45.94  ? 496 GLU P CG    1 
ATOM   925  C CD    . GLU C 3 55 ? 7.242   3.887   17.070  1.00 53.28  ? 496 GLU P CD    1 
ATOM   926  O OE1   . GLU C 3 55 ? 6.247   3.267   17.428  1.00 63.17  ? 496 GLU P OE1   1 
ATOM   927  O OE2   . GLU C 3 55 ? 8.319   3.355   16.477  1.00 31.80  ? 496 GLU P OE2   1 
ATOM   928  N N     . TYR C 3 56 ? 5.075   7.645   13.859  1.00 24.97  ? 497 TYR P N     1 
ATOM   929  C CA    . TYR C 3 56 ? 4.018   8.078   12.962  1.00 31.63  ? 497 TYR P CA    1 
ATOM   930  C C     . TYR C 3 56 ? 4.353   7.525   11.572  1.00 45.33  ? 497 TYR P C     1 
ATOM   931  O O     . TYR C 3 56 ? 3.561   6.766   11.010  1.00 40.18  ? 497 TYR P O     1 
ATOM   932  C CB    . TYR C 3 56 ? 3.838   9.623   12.944  1.00 32.32  ? 497 TYR P CB    1 
ATOM   933  C CG    . TYR C 3 56 ? 2.759   10.077  12.004  1.00 37.54  ? 497 TYR P CG    1 
ATOM   934  C CD1   . TYR C 3 56 ? 1.464   9.577   12.093  1.00 40.50  ? 497 TYR P CD1   1 
ATOM   935  C CD2   . TYR C 3 56 ? 3.027   11.037  11.028  1.00 43.01  ? 497 TYR P CD2   1 
ATOM   936  C CE1   . TYR C 3 56 ? 0.485   10.032  11.209  1.00 37.16  ? 497 TYR P CE1   1 
ATOM   937  C CE2   . TYR C 3 56 ? 2.073   11.505  10.130  1.00 40.78  ? 497 TYR P CE2   1 
ATOM   938  C CZ    . TYR C 3 56 ? 0.801   10.961  10.220  1.00 38.49  ? 497 TYR P CZ    1 
ATOM   939  O OH    . TYR C 3 56 ? -0.121  11.410  9.333   1.00 62.23  ? 497 TYR P OH    1 
ATOM   940  N N     . GLN C 3 57 ? 5.550   7.871   11.028  1.00 39.57  ? 498 GLN P N     1 
ATOM   941  C CA    . GLN C 3 57 ? 5.970   7.312   9.747   1.00 32.27  ? 498 GLN P CA    1 
ATOM   942  C C     . GLN C 3 57 ? 5.865   5.776   9.707   1.00 30.33  ? 498 GLN P C     1 
ATOM   943  O O     . GLN C 3 57 ? 5.316   5.225   8.761   1.00 29.33  ? 498 GLN P O     1 
ATOM   944  C CB    . GLN C 3 57 ? 7.366   7.770   9.417   1.00 32.88  ? 498 GLN P CB    1 
ATOM   945  C CG    . GLN C 3 57 ? 7.499   9.274   9.169   1.00 17.60  ? 498 GLN P CG    1 
ATOM   946  C CD    . GLN C 3 57 ? 8.998   9.616   9.140   1.00 35.68  ? 498 GLN P CD    1 
ATOM   947  O OE1   . GLN C 3 57 ? 9.812   9.028   9.878   1.00 31.90  ? 498 GLN P OE1   1 
ATOM   948  N NE2   . GLN C 3 57 ? 9.406   10.405  8.159   1.00 33.23  ? 498 GLN P NE2   1 
ATOM   949  N N     . ARG C 3 58 ? 6.259   5.078   10.783  1.00 25.64  ? 499 ARG P N     1 
ATOM   950  C CA    . ARG C 3 58 ? 6.110   3.624   10.832  1.00 24.74  ? 499 ARG P CA    1 
ATOM   951  C C     . ARG C 3 58 ? 4.705   3.140   10.748  1.00 38.35  ? 499 ARG P C     1 
ATOM   952  O O     . ARG C 3 58 ? 4.348   2.160   10.117  1.00 41.18  ? 499 ARG P O     1 
ATOM   953  C CB    . ARG C 3 58 ? 6.681   2.961   12.051  1.00 15.75  ? 499 ARG P CB    1 
ATOM   954  C CG    . ARG C 3 58 ? 8.023   3.560   12.347  1.00 30.57  ? 499 ARG P CG    1 
ATOM   955  C CD    . ARG C 3 58 ? 8.960   2.505   12.856  1.00 31.00  ? 499 ARG P CD    1 
ATOM   956  N NE    . ARG C 3 58 ? 10.334  2.941   12.742  1.00 30.86  ? 499 ARG P NE    1 
ATOM   957  C CZ    . ARG C 3 58 ? 11.276  2.169   12.257  1.00 48.30  ? 499 ARG P CZ    1 
ATOM   958  N NH1   . ARG C 3 58 ? 10.972  0.929   11.903  1.00 25.26  ? 499 ARG P NH1   1 
ATOM   959  N NH2   . ARG C 3 58 ? 12.532  2.614   12.166  1.00 42.55  ? 499 ARG P NH2   1 
ATOM   960  N N     . GLN C 3 59 ? 3.886   3.830   11.453  1.00 42.28  ? 500 GLN P N     1 
ATOM   961  C CA    . GLN C 3 59 ? 2.497   3.473   11.512  1.00 43.79  ? 500 GLN P CA    1 
ATOM   962  C C     . GLN C 3 59 ? 1.945   3.612   10.118  1.00 43.57  ? 500 GLN P C     1 
ATOM   963  O O     . GLN C 3 59 ? 1.385   2.703   9.485   1.00 49.18  ? 500 GLN P O     1 
ATOM   964  C CB    . GLN C 3 59 ? 1.966   4.412   12.622  1.00 46.47  ? 500 GLN P CB    1 
ATOM   965  C CG    . GLN C 3 59 ? 0.454   4.515   12.887  1.00 84.11  ? 500 GLN P CG    1 
ATOM   966  C CD    . GLN C 3 59 ? 0.143   5.635   13.874  1.00 70.99  ? 500 GLN P CD    1 
ATOM   967  O OE1   . GLN C 3 59 ? 0.803   5.758   14.934  1.00 61.74  ? 500 GLN P OE1   1 
ATOM   968  N NE2   . GLN C 3 59 ? -0.826  6.474   13.484  1.00 35.84  ? 500 GLN P NE2   1 
ATOM   969  N N     . LEU C 3 60 ? 2.167   4.805   9.640   1.00 36.19  ? 501 LEU P N     1 
ATOM   970  C CA    . LEU C 3 60 ? 1.785   5.181   8.310   1.00 32.47  ? 501 LEU P CA    1 
ATOM   971  C C     . LEU C 3 60 ? 2.108   4.085   7.342   1.00 37.84  ? 501 LEU P C     1 
ATOM   972  O O     . LEU C 3 60 ? 1.215   3.563   6.701   1.00 41.90  ? 501 LEU P O     1 
ATOM   973  C CB    . LEU C 3 60 ? 2.488   6.456   7.966   1.00 29.82  ? 501 LEU P CB    1 
ATOM   974  C CG    . LEU C 3 60 ? 1.867   7.037   6.733   1.00 39.35  ? 501 LEU P CG    1 
ATOM   975  C CD1   . LEU C 3 60 ? 0.358   6.817   6.777   1.00 42.78  ? 501 LEU P CD1   1 
ATOM   976  C CD2   . LEU C 3 60 ? 2.226   8.539   6.708   1.00 20.92  ? 501 LEU P CD2   1 
ATOM   977  N N     . ILE C 3 61 ? 3.395   3.709   7.290   1.00 25.86  ? 502 ILE P N     1 
ATOM   978  C CA    . ILE C 3 61 ? 3.782   2.689   6.372   1.00 21.56  ? 502 ILE P CA    1 
ATOM   979  C C     . ILE C 3 61 ? 2.926   1.454   6.443   1.00 29.83  ? 502 ILE P C     1 
ATOM   980  O O     . ILE C 3 61 ? 2.621   0.834   5.436   1.00 32.05  ? 502 ILE P O     1 
ATOM   981  C CB    . ILE C 3 61 ? 5.214   2.379   6.568   1.00 25.82  ? 502 ILE P CB    1 
ATOM   982  C CG1   . ILE C 3 61 ? 5.894   3.459   5.765   1.00 25.43  ? 502 ILE P CG1   1 
ATOM   983  C CG2   . ILE C 3 61 ? 5.566   0.964   6.074   1.00 20.62  ? 502 ILE P CG2   1 
ATOM   984  C CD1   . ILE C 3 61 ? 7.275   3.736   6.353   1.00 18.47  ? 502 ILE P CD1   1 
ATOM   985  N N     . ARG C 3 62 ? 2.469   1.124   7.628   1.00 28.55  ? 503 ARG P N     1 
ATOM   986  C CA    . ARG C 3 62 ? 1.636   -0.050  7.772   1.00 27.54  ? 503 ARG P CA    1 
ATOM   987  C C     . ARG C 3 62 ? 0.248   0.166   7.263   1.00 36.88  ? 503 ARG P C     1 
ATOM   988  O O     . ARG C 3 62 ? -0.365  -0.737  6.678   1.00 28.91  ? 503 ARG P O     1 
ATOM   989  C CB    . ARG C 3 62 ? 1.546   -0.577  9.198   1.00 24.31  ? 503 ARG P CB    1 
ATOM   990  C CG    . ARG C 3 62 ? 2.322   -1.903  9.398   1.00 85.26  ? 503 ARG P CG    1 
ATOM   991  C CD    . ARG C 3 62 ? 1.505   -3.211  9.521   1.00 100.00 ? 503 ARG P CD    1 
ATOM   992  N NE    . ARG C 3 62 ? 1.452   -4.237  8.415   1.00 100.00 ? 503 ARG P NE    1 
ATOM   993  C CZ    . ARG C 3 62 ? 0.678   -4.195  7.299   1.00 100.00 ? 503 ARG P CZ    1 
ATOM   994  N NH1   . ARG C 3 62 ? -0.104  -3.136  7.027   1.00 100.00 ? 503 ARG P NH1   1 
ATOM   995  N NH2   . ARG C 3 62 ? 0.700   -5.198  6.390   1.00 69.89  ? 503 ARG P NH2   1 
ATOM   996  N N     . LYS C 3 63 ? -0.268  1.374   7.524   1.00 38.59  ? 504 LYS P N     1 
ATOM   997  C CA    . LYS C 3 63 ? -1.621  1.636   7.031   1.00 41.29  ? 504 LYS P CA    1 
ATOM   998  C C     . LYS C 3 63 ? -1.644  1.660   5.502   1.00 38.29  ? 504 LYS P C     1 
ATOM   999  O O     . LYS C 3 63 ? -2.534  1.179   4.829   1.00 39.81  ? 504 LYS P O     1 
ATOM   1000 C CB    . LYS C 3 63 ? -2.190  2.913   7.639   1.00 49.57  ? 504 LYS P CB    1 
ATOM   1001 C CG    . LYS C 3 63 ? -2.275  2.894   9.168   1.00 68.71  ? 504 LYS P CG    1 
ATOM   1002 C CD    . LYS C 3 63 ? -2.723  4.220   9.791   1.00 70.36  ? 504 LYS P CD    1 
ATOM   1003 C CE    . LYS C 3 63 ? -2.959  4.108   11.299  1.00 88.53  ? 504 LYS P CE    1 
ATOM   1004 N NZ    . LYS C 3 63 ? -3.416  2.767   11.714  1.00 82.49  ? 504 LYS P NZ    1 
ATOM   1005 N N     . ILE C 3 64 ? -0.634  2.248   4.946   1.00 35.80  ? 505 ILE P N     1 
ATOM   1006 C CA    . ILE C 3 64 ? -0.492  2.303   3.537   1.00 35.76  ? 505 ILE P CA    1 
ATOM   1007 C C     . ILE C 3 64 ? -0.470  0.951   2.866   1.00 34.62  ? 505 ILE P C     1 
ATOM   1008 O O     . ILE C 3 64 ? -1.042  0.755   1.803   1.00 35.14  ? 505 ILE P O     1 
ATOM   1009 C CB    . ILE C 3 64 ? 0.783   3.029   3.272   1.00 39.26  ? 505 ILE P CB    1 
ATOM   1010 C CG1   . ILE C 3 64 ? 0.644   4.386   3.902   1.00 31.86  ? 505 ILE P CG1   1 
ATOM   1011 C CG2   . ILE C 3 64 ? 0.981   3.126   1.768   1.00 39.86  ? 505 ILE P CG2   1 
ATOM   1012 C CD1   . ILE C 3 64 ? 1.603   5.322   3.227   1.00 14.05  ? 505 ILE P CD1   1 
ATOM   1013 N N     . ARG C 3 65 ? 0.261   0.043   3.478   1.00 29.86  ? 506 ARG P N     1 
ATOM   1014 C CA    . ARG C 3 65 ? 0.427   -1.294  2.914   1.00 33.39  ? 506 ARG P CA    1 
ATOM   1015 C C     . ARG C 3 65 ? -0.909  -2.045  2.934   1.00 39.16  ? 506 ARG P C     1 
ATOM   1016 O O     . ARG C 3 65 ? -1.321  -2.675  1.932   1.00 35.01  ? 506 ARG P O     1 
ATOM   1017 C CB    . ARG C 3 65 ? 1.592   -1.965  3.659   1.00 24.83  ? 506 ARG P CB    1 
ATOM   1018 C CG    . ARG C 3 65 ? 2.071   -3.244  3.033   1.00 19.30  ? 506 ARG P CG    1 
ATOM   1019 C CD    . ARG C 3 65 ? 3.079   -3.878  3.925   1.00 21.40  ? 506 ARG P CD    1 
ATOM   1020 N NE    . ARG C 3 65 ? 3.483   -5.268  3.565   1.00 36.20  ? 506 ARG P NE    1 
ATOM   1021 C CZ    . ARG C 3 65 ? 4.287   -5.600  2.530   1.00 36.87  ? 506 ARG P CZ    1 
ATOM   1022 N NH1   . ARG C 3 65 ? 4.785   -4.700  1.657   1.00 24.84  ? 506 ARG P NH1   1 
ATOM   1023 N NH2   . ARG C 3 65 ? 4.582   -6.866  2.324   1.00 21.38  ? 506 ARG P NH2   1 
ATOM   1024 N N     . ARG C 3 66 ? -1.588  -1.917  4.082   1.00 30.00  ? 507 ARG P N     1 
ATOM   1025 C CA    . ARG C 3 66 ? -2.939  -2.439  4.334   1.00 33.60  ? 507 ARG P CA    1 
ATOM   1026 C C     . ARG C 3 66 ? -3.879  -2.047  3.172   1.00 41.58  ? 507 ARG P C     1 
ATOM   1027 O O     . ARG C 3 66 ? -4.453  -2.864  2.418   1.00 42.53  ? 507 ARG P O     1 
ATOM   1028 C CB    . ARG C 3 66 ? -3.433  -1.885  5.687   1.00 37.32  ? 507 ARG P CB    1 
ATOM   1029 C CG    . ARG C 3 66 ? -4.418  -2.710  6.522   1.00 37.83  ? 507 ARG P CG    1 
ATOM   1030 C CD    . ARG C 3 66 ? -5.588  -1.862  6.975   1.00 68.15  ? 507 ARG P CD    1 
ATOM   1031 N NE    . ARG C 3 66 ? -6.441  -1.503  5.821   1.00 100.00 ? 507 ARG P NE    1 
ATOM   1032 C CZ    . ARG C 3 66 ? -7.518  -0.673  5.752   1.00 100.00 ? 507 ARG P CZ    1 
ATOM   1033 N NH1   . ARG C 3 66 ? -8.044  0.029   6.776   1.00 100.00 ? 507 ARG P NH1   1 
ATOM   1034 N NH2   . ARG C 3 66 ? -8.095  -0.549  4.560   1.00 100.00 ? 507 ARG P NH2   1 
ATOM   1035 N N     . ARG C 3 67 ? -4.033  -0.735  3.038   1.00 26.46  ? 508 ARG P N     1 
ATOM   1036 C CA    . ARG C 3 67 ? -4.878  -0.220  2.007   1.00 29.12  ? 508 ARG P CA    1 
ATOM   1037 C C     . ARG C 3 67 ? -4.442  -0.707  0.676   1.00 34.00  ? 508 ARG P C     1 
ATOM   1038 O O     . ARG C 3 67 ? -5.186  -1.186  -0.161  1.00 35.80  ? 508 ARG P O     1 
ATOM   1039 C CB    . ARG C 3 67 ? -4.897  1.288   2.029   1.00 25.03  ? 508 ARG P CB    1 
ATOM   1040 C CG    . ARG C 3 67 ? -5.641  1.819   3.230   1.00 24.48  ? 508 ARG P CG    1 
ATOM   1041 C CD    . ARG C 3 67 ? -5.893  3.283   3.010   1.00 26.94  ? 508 ARG P CD    1 
ATOM   1042 N NE    . ARG C 3 67 ? -4.656  4.004   3.180   1.00 43.17  ? 508 ARG P NE    1 
ATOM   1043 C CZ    . ARG C 3 67 ? -4.372  4.468   4.370   1.00 64.72  ? 508 ARG P CZ    1 
ATOM   1044 N NH1   . ARG C 3 67 ? -5.234  4.272   5.364   1.00 46.65  ? 508 ARG P NH1   1 
ATOM   1045 N NH2   . ARG C 3 67 ? -3.237  5.135   4.553   1.00 33.26  ? 508 ARG P NH2   1 
ATOM   1046 N N     . GLY C 3 68 ? -3.167  -0.536  0.519   1.00 30.35  ? 509 GLY P N     1 
ATOM   1047 C CA    . GLY C 3 68 ? -2.546  -0.859  -0.705  1.00 28.87  ? 509 GLY P CA    1 
ATOM   1048 C C     . GLY C 3 68 ? -2.866  -2.267  -1.111  1.00 36.62  ? 509 GLY P C     1 
ATOM   1049 O O     . GLY C 3 68 ? -3.135  -2.493  -2.301  1.00 41.39  ? 509 GLY P O     1 
ATOM   1050 N N     . LYS C 3 69 ? -2.768  -3.220  -0.151  1.00 33.51  ? 510 LYS P N     1 
ATOM   1051 C CA    . LYS C 3 69 ? -3.063  -4.645  -0.501  1.00 32.47  ? 510 LYS P CA    1 
ATOM   1052 C C     . LYS C 3 69 ? -4.566  -4.888  -0.598  1.00 42.99  ? 510 LYS P C     1 
ATOM   1053 O O     . LYS C 3 69 ? -5.089  -5.644  -1.418  1.00 50.18  ? 510 LYS P O     1 
ATOM   1054 C CB    . LYS C 3 69 ? -2.449  -5.699  0.418   1.00 31.12  ? 510 LYS P CB    1 
ATOM   1055 C CG    . LYS C 3 69 ? -0.926  -5.593  0.566   1.00 40.85  ? 510 LYS P CG    1 
ATOM   1056 C CD    . LYS C 3 69 ? -0.197  -6.736  1.263   1.00 43.66  ? 510 LYS P CD    1 
ATOM   1057 C CE    . LYS C 3 69 ? 1.255   -6.873  0.787   1.00 45.21  ? 510 LYS P CE    1 
ATOM   1058 N NZ    . LYS C 3 69 ? 1.413   -6.887  -0.692  1.00 44.96  ? 510 LYS P NZ    1 
ATOM   1059 N N     . ASN C 3 70 ? -5.292  -4.167  0.219   1.00 39.56  ? 511 ASN P N     1 
ATOM   1060 C CA    . ASN C 3 70 ? -6.707  -4.321  0.186   1.00 38.44  ? 511 ASN P CA    1 
ATOM   1061 C C     . ASN C 3 70 ? -7.317  -3.733  -1.082  1.00 43.56  ? 511 ASN P C     1 
ATOM   1062 O O     . ASN C 3 70 ? -8.408  -4.063  -1.575  1.00 47.28  ? 511 ASN P O     1 
ATOM   1063 C CB    . ASN C 3 70 ? -7.256  -3.713  1.486   1.00 15.03  ? 511 ASN P CB    1 
ATOM   1064 C CG    . ASN C 3 70 ? -8.747  -3.896  1.688   1.00 36.90  ? 511 ASN P CG    1 
ATOM   1065 O OD1   . ASN C 3 70 ? -9.541  -2.946  1.658   1.00 32.98  ? 511 ASN P OD1   1 
ATOM   1066 N ND2   . ASN C 3 70 ? -9.147  -5.126  1.957   1.00 37.39  ? 511 ASN P ND2   1 
ATOM   1067 N N     . LYS C 3 71 ? -6.683  -2.807  -1.689  1.00 34.26  ? 512 LYS P N     1 
ATOM   1068 C CA    . LYS C 3 71 ? -7.545  -2.382  -2.751  1.00 35.07  ? 512 LYS P CA    1 
ATOM   1069 C C     . LYS C 3 71 ? -7.505  -3.404  -3.837  1.00 42.43  ? 512 LYS P C     1 
ATOM   1070 O O     . LYS C 3 71 ? -8.498  -3.749  -4.468  1.00 39.93  ? 512 LYS P O     1 
ATOM   1071 C CB    . LYS C 3 71 ? -7.209  -0.971  -3.158  1.00 30.99  ? 512 LYS P CB    1 
ATOM   1072 C CG    . LYS C 3 71 ? -6.123  -0.842  -4.185  1.00 30.61  ? 512 LYS P CG    1 
ATOM   1073 C CD    . LYS C 3 71 ? -5.600  0.586   -4.109  1.00 25.76  ? 512 LYS P CD    1 
ATOM   1074 C CE    . LYS C 3 71 ? -4.193  0.788   -4.659  1.00 31.56  ? 512 LYS P CE    1 
ATOM   1075 N NZ    . LYS C 3 71 ? -3.810  2.214   -4.610  1.00 64.08  ? 512 LYS P NZ    1 
ATOM   1076 N N     . VAL C 3 72 ? -6.341  -3.954  -3.970  1.00 32.84  ? 513 VAL P N     1 
ATOM   1077 C CA    . VAL C 3 72 ? -6.222  -4.968  -4.941  1.00 23.61  ? 513 VAL P CA    1 
ATOM   1078 C C     . VAL C 3 72 ? -7.183  -6.045  -4.647  1.00 43.93  ? 513 VAL P C     1 
ATOM   1079 O O     . VAL C 3 72 ? -7.719  -6.793  -5.475  1.00 47.47  ? 513 VAL P O     1 
ATOM   1080 C CB    . VAL C 3 72 ? -4.847  -5.478  -4.904  1.00 31.86  ? 513 VAL P CB    1 
ATOM   1081 C CG1   . VAL C 3 72 ? -4.833  -6.919  -5.340  1.00 34.28  ? 513 VAL P CG1   1 
ATOM   1082 C CG2   . VAL C 3 72 ? -4.042  -4.640  -5.848  1.00 39.14  ? 513 VAL P CG2   1 
ATOM   1083 N N     . ALA C 3 73 ? -7.308  -6.193  -3.369  1.00 45.72  ? 514 ALA P N     1 
ATOM   1084 C CA    . ALA C 3 73 ? -8.142  -7.284  -3.007  1.00 45.45  ? 514 ALA P CA    1 
ATOM   1085 C C     . ALA C 3 73 ? -9.562  -6.920  -3.363  1.00 50.56  ? 514 ALA P C     1 
ATOM   1086 O O     . ALA C 3 73 ? -10.231 -7.701  -4.023  1.00 53.76  ? 514 ALA P O     1 
ATOM   1087 C CB    . ALA C 3 73 ? -7.854  -7.580  -1.558  1.00 44.44  ? 514 ALA P CB    1 
ATOM   1088 N N     . ALA C 3 74 ? -9.983  -5.724  -2.944  1.00 43.88  ? 515 ALA P N     1 
ATOM   1089 C CA    . ALA C 3 74 ? -11.317 -5.265  -3.256  1.00 42.88  ? 515 ALA P CA    1 
ATOM   1090 C C     . ALA C 3 74 ? -11.580 -5.673  -4.670  1.00 49.03  ? 515 ALA P C     1 
ATOM   1091 O O     . ALA C 3 74 ? -12.522 -6.398  -4.926  1.00 48.68  ? 515 ALA P O     1 
ATOM   1092 C CB    . ALA C 3 74 ? -11.478 -3.776  -3.010  1.00 44.23  ? 515 ALA P CB    1 
ATOM   1093 N N     . ARG C 3 75 ? -10.677 -5.283  -5.571  1.00 54.23  ? 516 ARG P N     1 
ATOM   1094 C CA    . ARG C 3 75 ? -10.779 -5.655  -6.977  1.00 54.86  ? 516 ARG P CA    1 
ATOM   1095 C C     . ARG C 3 75 ? -11.338 -7.036  -7.142  1.00 63.98  ? 516 ARG P C     1 
ATOM   1096 O O     . ARG C 3 75 ? -12.535 -7.274  -7.045  1.00 67.32  ? 516 ARG P O     1 
ATOM   1097 C CB    . ARG C 3 75 ? -9.464  -5.595  -7.729  1.00 50.55  ? 516 ARG P CB    1 
ATOM   1098 C CG    . ARG C 3 75 ? -9.378  -4.435  -8.696  1.00 51.63  ? 516 ARG P CG    1 
ATOM   1099 C CD    . ARG C 3 75 ? -8.606  -3.253  -8.120  1.00 76.78  ? 516 ARG P CD    1 
ATOM   1100 N NE    . ARG C 3 75 ? -7.233  -3.113  -8.634  1.00 70.20  ? 516 ARG P NE    1 
ATOM   1101 C CZ    . ARG C 3 75 ? -6.377  -2.207  -8.140  1.00 83.12  ? 516 ARG P CZ    1 
ATOM   1102 N NH1   . ARG C 3 75 ? -6.759  -1.417  -7.139  1.00 64.90  ? 516 ARG P NH1   1 
ATOM   1103 N NH2   . ARG C 3 75 ? -5.131  -2.071  -8.640  1.00 36.25  ? 516 ARG P NH2   1 
ATOM   1104 N N     . THR C 3 76 ? -10.428 -7.964  -7.361  1.00 62.02  ? 517 THR P N     1 
ATOM   1105 C CA    . THR C 3 76 ? -10.807 -9.360  -7.495  1.00 61.42  ? 517 THR P CA    1 
ATOM   1106 C C     . THR C 3 76 ? -12.239 -9.609  -6.988  1.00 54.51  ? 517 THR P C     1 
ATOM   1107 O O     . THR C 3 76 ? -13.190 -9.824  -7.780  1.00 47.76  ? 517 THR P O     1 
ATOM   1108 C CB    . THR C 3 76 ? -9.728  -10.200 -6.773  1.00 62.75  ? 517 THR P CB    1 
ATOM   1109 O OG1   . THR C 3 76 ? -9.947  -10.333 -5.384  1.00 73.32  ? 517 THR P OG1   1 
ATOM   1110 C CG2   . THR C 3 76 ? -8.404  -9.498  -7.006  1.00 61.71  ? 517 THR P CG2   1 
ATOM   1111 N N     . CYS C 3 77 ? -12.381 -9.586  -5.665  1.00 42.19  ? 518 CYS P N     1 
ATOM   1112 C CA    . CYS C 3 77 ? -13.671 -9.782  -5.059  1.00 51.21  ? 518 CYS P CA    1 
ATOM   1113 C C     . CYS C 3 77 ? -14.784 -9.582  -6.062  1.00 62.87  ? 518 CYS P C     1 
ATOM   1114 O O     . CYS C 3 77 ? -15.493 -10.489 -6.506  1.00 59.14  ? 518 CYS P O     1 
ATOM   1115 C CB    . CYS C 3 77 ? -13.837 -8.804  -3.890  1.00 57.75  ? 518 CYS P CB    1 
ATOM   1116 S SG    . CYS C 3 77 ? -15.120 -9.215  -2.670  1.00 66.36  ? 518 CYS P SG    1 
ATOM   1117 N N     . ARG C 3 78 ? -14.863 -8.297  -6.394  1.00 63.10  ? 519 ARG P N     1 
ATOM   1118 C CA    . ARG C 3 78 ? -15.791 -7.701  -7.317  1.00 58.73  ? 519 ARG P CA    1 
ATOM   1119 C C     . ARG C 3 78 ? -15.810 -8.360  -8.639  1.00 64.34  ? 519 ARG P C     1 
ATOM   1120 O O     . ARG C 3 78 ? -16.871 -8.594  -9.175  1.00 63.90  ? 519 ARG P O     1 
ATOM   1121 C CB    . ARG C 3 78 ? -15.528 -6.253  -7.512  1.00 42.36  ? 519 ARG P CB    1 
ATOM   1122 C CG    . ARG C 3 78 ? -16.172 -5.467  -6.391  1.00 38.07  ? 519 ARG P CG    1 
ATOM   1123 C CD    . ARG C 3 78 ? -15.550 -4.086  -6.329  1.00 49.08  ? 519 ARG P CD    1 
ATOM   1124 N NE    . ARG C 3 78 ? -16.052 -3.328  -5.197  1.00 66.75  ? 519 ARG P NE    1 
ATOM   1125 C CZ    . ARG C 3 78 ? -15.315 -2.366  -4.688  1.00 84.01  ? 519 ARG P CZ    1 
ATOM   1126 N NH1   . ARG C 3 78 ? -14.104 -2.142  -5.256  1.00 41.98  ? 519 ARG P NH1   1 
ATOM   1127 N NH2   . ARG C 3 78 ? -15.787 -1.660  -3.640  1.00 32.77  ? 519 ARG P NH2   1 
ATOM   1128 N N     . GLN C 3 79 ? -14.620 -8.646  -9.134  1.00 63.65  ? 520 GLN P N     1 
ATOM   1129 C CA    . GLN C 3 79 ? -14.530 -9.356  -10.370 1.00 65.06  ? 520 GLN P CA    1 
ATOM   1130 C C     . GLN C 3 79 ? -15.202 -10.681 -10.150 1.00 73.20  ? 520 GLN P C     1 
ATOM   1131 O O     . GLN C 3 79 ? -16.128 -10.990 -10.888 1.00 73.89  ? 520 GLN P O     1 
ATOM   1132 C CB    . GLN C 3 79 ? -13.123 -9.556  -10.937 1.00 67.72  ? 520 GLN P CB    1 
ATOM   1133 C CG    . GLN C 3 79 ? -13.168 -10.495 -12.170 1.00 99.79  ? 520 GLN P CG    1 
ATOM   1134 C CD    . GLN C 3 79 ? -13.718 -9.863  -13.464 1.00 100.00 ? 520 GLN P CD    1 
ATOM   1135 O OE1   . GLN C 3 79 ? -14.828 -9.275  -13.484 1.00 100.00 ? 520 GLN P OE1   1 
ATOM   1136 N NE2   . GLN C 3 79 ? -13.012 -10.086 -14.590 1.00 100.00 ? 520 GLN P NE2   1 
ATOM   1137 N N     . ARG C 3 80 ? -14.761 -11.423 -9.110  1.00 63.16  ? 521 ARG P N     1 
ATOM   1138 C CA    . ARG C 3 80 ? -15.405 -12.686 -8.789  1.00 59.29  ? 521 ARG P CA    1 
ATOM   1139 C C     . ARG C 3 80 ? -16.899 -12.467 -8.556  1.00 57.74  ? 521 ARG P C     1 
ATOM   1140 O O     . ARG C 3 80 ? -17.753 -13.261 -8.950  1.00 47.37  ? 521 ARG P O     1 
ATOM   1141 C CB    . ARG C 3 80 ? -14.841 -13.433 -7.584  1.00 60.40  ? 521 ARG P CB    1 
ATOM   1142 C CG    . ARG C 3 80 ? -13.319 -13.428 -7.398  1.00 100.00 ? 521 ARG P CG    1 
ATOM   1143 C CD    . ARG C 3 80 ? -12.820 -14.309 -6.229  1.00 100.00 ? 521 ARG P CD    1 
ATOM   1144 N NE    . ARG C 3 80 ? -12.931 -13.678 -4.914  1.00 72.74  ? 521 ARG P NE    1 
ATOM   1145 C CZ    . ARG C 3 80 ? -12.342 -12.520 -4.652  1.00 77.35  ? 521 ARG P CZ    1 
ATOM   1146 N NH1   . ARG C 3 80 ? -11.593 -11.917 -5.563  1.00 62.11  ? 521 ARG P NH1   1 
ATOM   1147 N NH2   . ARG C 3 80 ? -12.487 -11.959 -3.453  1.00 63.51  ? 521 ARG P NH2   1 
ATOM   1148 N N     . ARG C 3 81 ? -17.203 -11.378 -7.851  1.00 54.83  ? 522 ARG P N     1 
ATOM   1149 C CA    . ARG C 3 81 ? -18.572 -11.036 -7.550  1.00 54.49  ? 522 ARG P CA    1 
ATOM   1150 C C     . ARG C 3 81 ? -19.335 -10.983 -8.819  1.00 71.97  ? 522 ARG P C     1 
ATOM   1151 O O     . ARG C 3 81 ? -20.228 -11.778 -9.062  1.00 80.02  ? 522 ARG P O     1 
ATOM   1152 C CB    . ARG C 3 81 ? -18.696 -9.718  -6.806  1.00 47.38  ? 522 ARG P CB    1 
ATOM   1153 C CG    . ARG C 3 81 ? -20.110 -9.268  -6.457  1.00 37.21  ? 522 ARG P CG    1 
ATOM   1154 C CD    . ARG C 3 81 ? -20.041 -7.845  -5.864  1.00 100.00 ? 522 ARG P CD    1 
ATOM   1155 N NE    . ARG C 3 81 ? -20.656 -7.572  -4.536  1.00 100.00 ? 522 ARG P NE    1 
ATOM   1156 C CZ    . ARG C 3 81 ? -20.074 -7.167  -3.373  1.00 100.00 ? 522 ARG P CZ    1 
ATOM   1157 N NH1   . ARG C 3 81 ? -18.754 -6.982  -3.196  1.00 94.36  ? 522 ARG P NH1   1 
ATOM   1158 N NH2   . ARG C 3 81 ? -20.878 -6.966  -2.319  1.00 100.00 ? 522 ARG P NH2   1 
ATOM   1159 N N     . THR C 3 82 ? -18.869 -10.030 -9.599  1.00 71.09  ? 523 THR P N     1 
ATOM   1160 C CA    . THR C 3 82 ? -19.337 -9.652  -10.902 1.00 74.99  ? 523 THR P CA    1 
ATOM   1161 C C     . THR C 3 82 ? -19.147 -10.689 -11.989 1.00 92.76  ? 523 THR P C     1 
ATOM   1162 O O     . THR C 3 82 ? -19.827 -10.695 -13.018 1.00 99.93  ? 523 THR P O     1 
ATOM   1163 C CB    . THR C 3 82 ? -18.641 -8.359  -11.315 1.00 90.07  ? 523 THR P CB    1 
ATOM   1164 O OG1   . THR C 3 82 ? -18.857 -7.355  -10.334 1.00 83.34  ? 523 THR P OG1   1 
ATOM   1165 C CG2   . THR C 3 82 ? -19.177 -7.988  -12.691 1.00 100.00 ? 523 THR P CG2   1 
ATOM   1166 N N     . ASP C 3 83 ? -18.156 -11.526 -11.803 1.00 86.49  ? 524 ASP P N     1 
ATOM   1167 C CA    . ASP C 3 83 ? -17.946 -12.533 -12.781 1.00 85.06  ? 524 ASP P CA    1 
ATOM   1168 C C     . ASP C 3 83 ? -18.961 -13.620 -12.590 1.00 98.74  ? 524 ASP P C     1 
ATOM   1169 O O     . ASP C 3 83 ? -19.845 -13.880 -13.416 1.00 99.40  ? 524 ASP P O     1 
ATOM   1170 C CB    . ASP C 3 83 ? -16.541 -13.068 -12.712 1.00 85.55  ? 524 ASP P CB    1 
ATOM   1171 C CG    . ASP C 3 83 ? -15.935 -12.715 -14.007 1.00 100.00 ? 524 ASP P CG    1 
ATOM   1172 O OD1   . ASP C 3 83 ? -16.594 -12.115 -14.861 1.00 100.00 ? 524 ASP P OD1   1 
ATOM   1173 O OD2   . ASP C 3 83 ? -14.669 -13.097 -14.082 1.00 100.00 ? 524 ASP P OD2   1 
ATOM   1174 N N     . ARG C 3 84 ? -18.793 -14.228 -11.427 1.00 100.00 ? 525 ARG P N     1 
ATOM   1175 C CA    . ARG C 3 84 ? -19.609 -15.327 -10.947 1.00 100.00 ? 525 ARG P CA    1 
ATOM   1176 C C     . ARG C 3 84 ? -21.129 -15.108 -11.090 1.00 100.00 ? 525 ARG P C     1 
ATOM   1177 O O     . ARG C 3 84 ? -21.861 -16.033 -11.420 1.00 100.00 ? 525 ARG P O     1 
ATOM   1178 C CB    . ARG C 3 84 ? -19.219 -15.643 -9.506  1.00 100.00 ? 525 ARG P CB    1 
ATOM   1179 C CG    . ARG C 3 84 ? -17.752 -16.040 -9.252  1.00 100.00 ? 525 ARG P CG    1 
ATOM   1180 C CD    . ARG C 3 84 ? -17.691 -16.641 -7.845  1.00 100.00 ? 525 ARG P CD    1 
ATOM   1181 N NE    . ARG C 3 84 ? -19.049 -16.505 -7.326  1.00 100.00 ? 525 ARG P NE    1 
ATOM   1182 C CZ    . ARG C 3 84 ? -19.475 -15.606 -6.439  1.00 100.00 ? 525 ARG P CZ    1 
ATOM   1183 N NH1   . ARG C 3 84 ? -18.643 -14.768 -5.797  1.00 77.79  ? 525 ARG P NH1   1 
ATOM   1184 N NH2   . ARG C 3 84 ? -20.786 -15.586 -6.172  1.00 100.00 ? 525 ARG P NH2   1 
ATOM   1185 N N     . HIS C 3 85 ? -21.670 -13.920 -10.853 1.00 97.19  ? 526 HIS P N     1 
ATOM   1186 C CA    . HIS C 3 85 ? -23.099 -13.854 -11.091 1.00 96.21  ? 526 HIS P CA    1 
ATOM   1187 C C     . HIS C 3 85 ? -23.398 -13.228 -12.416 1.00 95.95  ? 526 HIS P C     1 
ATOM   1188 O O     . HIS C 3 85 ? -23.677 -13.988 -13.317 1.00 98.54  ? 526 HIS P O     1 
ATOM   1189 C CB    . HIS C 3 85 ? -24.026 -13.180 -10.082 1.00 97.68  ? 526 HIS P CB    1 
ATOM   1190 C CG    . HIS C 3 85 ? -25.298 -13.977 -9.887  1.00 100.00 ? 526 HIS P CG    1 
ATOM   1191 N ND1   . HIS C 3 85 ? -25.370 -15.374 -10.101 1.00 100.00 ? 526 HIS P ND1   1 
ATOM   1192 C CD2   . HIS C 3 85 ? -26.543 -13.555 -9.488  1.00 100.00 ? 526 HIS P CD2   1 
ATOM   1193 C CE1   . HIS C 3 85 ? -26.624 -15.762 -9.809  1.00 100.00 ? 526 HIS P CE1   1 
ATOM   1194 N NE2   . HIS C 3 85 ? -27.353 -14.689 -9.448  1.00 100.00 ? 526 HIS P NE2   1 
ATOM   1195 N N     . ASP C 3 86 ? -23.347 -11.898 -12.541 1.00 88.79  ? 527 ASP P N     1 
ATOM   1196 C CA    . ASP C 3 86 ? -23.600 -11.271 -13.828 1.00 91.63  ? 527 ASP P CA    1 
ATOM   1197 C C     . ASP C 3 86 ? -23.779 -12.326 -14.924 1.00 100.00 ? 527 ASP P C     1 
ATOM   1198 O O     . ASP C 3 86 ? -24.859 -12.387 -15.525 1.00 100.00 ? 527 ASP P O     1 
ATOM   1199 C CB    . ASP C 3 86 ? -22.487 -10.244 -14.168 1.00 94.74  ? 527 ASP P CB    1 
ATOM   1200 C CG    . ASP C 3 86 ? -21.693 -10.413 -15.452 1.00 100.00 ? 527 ASP P CG    1 
ATOM   1201 O OD1   . ASP C 3 86 ? -20.748 -11.177 -15.595 1.00 100.00 ? 527 ASP P OD1   1 
ATOM   1202 O OD2   . ASP C 3 86 ? -21.872 -9.411  -16.270 1.00 100.00 ? 527 ASP P OD2   1 
ATOM   1203 N N     . LYS C 3 87 ? -22.751 -13.156 -15.209 1.00 94.44  ? 528 LYS P N     1 
ATOM   1204 C CA    . LYS C 3 87 ? -22.913 -14.185 -16.239 1.00 94.75  ? 528 LYS P CA    1 
ATOM   1205 C C     . LYS C 3 87 ? -23.094 -15.602 -15.746 1.00 98.89  ? 528 LYS P C     1 
ATOM   1206 O O     . LYS C 3 87 ? -24.241 -16.076 -15.696 1.00 100.00 ? 528 LYS P O     1 
ATOM   1207 C CB    . LYS C 3 87 ? -21.839 -14.321 -17.317 1.00 100.00 ? 528 LYS P CB    1 
ATOM   1208 C CG    . LYS C 3 87 ? -22.465 -14.644 -18.696 1.00 100.00 ? 528 LYS P CG    1 
ATOM   1209 C CD    . LYS C 3 87 ? -22.103 -15.983 -19.394 1.00 100.00 ? 528 LYS P CD    1 
ATOM   1210 C CE    . LYS C 3 87 ? -23.304 -16.798 -19.947 1.00 100.00 ? 528 LYS P CE    1 
ATOM   1211 N NZ    . LYS C 3 87 ? -23.539 -16.682 -21.408 1.00 100.00 ? 528 LYS P NZ    1 
ATOM   1212 N N     . MET C 3 88 ? -21.959 -16.261 -15.454 1.00 91.94  ? 529 MET P N     1 
ATOM   1213 C CA    . MET C 3 88 ? -21.966 -17.647 -15.002 1.00 86.59  ? 529 MET P CA    1 
ATOM   1214 C C     . MET C 3 88 ? -22.636 -17.728 -13.618 1.00 100.00 ? 529 MET P C     1 
ATOM   1215 O O     . MET C 3 88 ? -23.872 -17.698 -13.432 1.00 100.00 ? 529 MET P O     1 
ATOM   1216 C CB    . MET C 3 88 ? -20.532 -18.251 -15.030 1.00 90.54  ? 529 MET P CB    1 
ATOM   1217 C CG    . MET C 3 88 ? -20.543 -19.771 -14.808 1.00 97.95  ? 529 MET P CG    1 
ATOM   1218 S SD    . MET C 3 88 ? -19.649 -20.807 -16.014 1.00 100.00 ? 529 MET P SD    1 
ATOM   1219 C CE    . MET C 3 88 ? -20.991 -21.278 -17.162 1.00 98.50  ? 529 MET P CE    1 
HETATM 1220 N N1    . LDA D 4 .  ? 18.222  5.972   2.043   0.50 51.99  ? 16  LDA P N1    1 
HETATM 1221 O O1    . LDA D 4 .  ? 18.959  7.043   1.482   0.50 49.30  ? 16  LDA P O1    1 
HETATM 1222 C CM1   . LDA D 4 .  ? 19.007  4.708   1.955   0.50 52.75  ? 16  LDA P CM1   1 
HETATM 1223 C CM2   . LDA D 4 .  ? 18.010  6.296   3.525   0.50 50.14  ? 16  LDA P CM2   1 
HETATM 1224 C C1    . LDA D 4 .  ? 16.939  5.840   1.327   0.50 51.06  ? 16  LDA P C1    1 
HETATM 1225 C C2    . LDA D 4 .  ? 16.927  4.701   0.291   0.50 49.62  ? 16  LDA P C2    1 
HETATM 1226 C C3    . LDA D 4 .  ? 15.571  4.020   0.094   0.50 49.06  ? 16  LDA P C3    1 
HETATM 1227 C C4    . LDA D 4 .  ? 15.697  2.646   -0.521  0.50 47.95  ? 16  LDA P C4    1 
HETATM 1228 C C5    . LDA D 4 .  ? 14.353  1.967   -0.706  0.50 49.96  ? 16  LDA P C5    1 
HETATM 1229 C C6    . LDA D 4 .  ? 14.327  1.009   -1.879  0.50 45.50  ? 16  LDA P C6    1 
HETATM 1230 C C7    . LDA D 4 .  ? 13.546  -0.243  -1.578  0.50 38.51  ? 16  LDA P C7    1 
HETATM 1231 C C8    . LDA D 4 .  ? 12.560  -0.456  -2.698  0.50 32.77  ? 16  LDA P C8    1 
HETATM 1232 C C9    . LDA D 4 .  ? 11.777  -1.745  -2.557  0.50 28.67  ? 16  LDA P C9    1 
HETATM 1233 C C10   . LDA D 4 .  ? 10.688  -1.731  -3.596  0.50 22.89  ? 16  LDA P C10   1 
HETATM 1234 C C11   . LDA D 4 .  ? 10.946  -2.544  -4.837  0.50 19.51  ? 16  LDA P C11   1 
HETATM 1235 C C12   . LDA D 4 .  ? 9.604   -3.128  -5.246  0.50 13.39  ? 16  LDA P C12   1 
HETATM 1236 O O     . HOH E 5 .  ? -7.357  0.654   -0.134  1.00 31.02  ? 101 HOH A O     1 
HETATM 1237 O O     . HOH E 5 .  ? -24.028 9.127   -16.806 1.00 36.36  ? 105 HOH A O     1 
HETATM 1238 O O     . HOH E 5 .  ? -4.369  5.831   -1.519  1.00 35.27  ? 108 HOH A O     1 
HETATM 1239 O O     . HOH E 5 .  ? -13.287 5.525   -9.701  1.00 40.10  ? 109 HOH A O     1 
HETATM 1240 O O     . HOH E 5 .  ? -8.946  -0.479  -9.953  1.00 52.39  ? 117 HOH A O     1 
HETATM 1241 O O     . HOH E 5 .  ? -9.766  -1.754  -5.849  1.00 57.09  ? 121 HOH A O     1 
HETATM 1242 O O     . HOH E 5 .  ? -24.455 0.221   -16.725 1.00 41.62  ? 123 HOH A O     1 
HETATM 1243 O O     . HOH F 5 .  ? -13.284 5.790   -0.828  1.00 49.18  ? 106 HOH B O     1 
HETATM 1244 O O     . HOH F 5 .  ? -6.228  -6.740  5.843   1.00 36.07  ? 110 HOH B O     1 
HETATM 1245 O O     . HOH F 5 .  ? -10.922 12.475  -13.167 1.00 57.84  ? 116 HOH B O     1 
HETATM 1246 O O     . HOH F 5 .  ? -4.377  -16.681 13.225  1.00 50.56  ? 125 HOH B O     1 
HETATM 1247 O O     . HOH G 5 .  ? -0.565  2.562   -2.277  1.00 32.78  ? 102 HOH P O     1 
HETATM 1248 O O     . HOH G 5 .  ? 9.059   1.044   16.459  1.00 25.91  ? 103 HOH P O     1 
HETATM 1249 O O     . HOH G 5 .  ? -1.944  2.032   0.099   1.00 34.43  ? 104 HOH P O     1 
HETATM 1250 O O     . HOH G 5 .  ? -12.773 -2.680  -7.072  1.00 51.02  ? 107 HOH P O     1 
HETATM 1251 O O     . HOH G 5 .  ? 6.264   -11.339 1.219   1.00 44.65  ? 111 HOH P O     1 
HETATM 1252 O O     . HOH G 5 .  ? 11.744  -11.840 5.859   1.00 34.38  ? 112 HOH P O     1 
HETATM 1253 O O     . HOH G 5 .  ? 10.342  -11.655 1.904   1.00 54.31  ? 113 HOH P O     1 
HETATM 1254 O O     . HOH G 5 .  ? 13.263  -4.679  9.811   1.00 39.83  ? 114 HOH P O     1 
HETATM 1255 O O     . HOH G 5 .  ? 10.448  5.126   15.528  1.00 50.84  ? 115 HOH P O     1 
HETATM 1256 O O     . HOH G 5 .  ? -8.848  -0.810  2.163   1.00 39.15  ? 118 HOH P O     1 
HETATM 1257 O O     . HOH G 5 .  ? 17.149  7.354   7.484   1.00 57.39  ? 119 HOH P O     1 
HETATM 1258 O O     . HOH G 5 .  ? -0.486  0.377   -4.699  1.00 52.57  ? 120 HOH P O     1 
HETATM 1259 O O     . HOH G 5 .  ? -0.337  0.961   12.259  1.00 46.08  ? 122 HOH P O     1 
HETATM 1260 O O     . HOH G 5 .  ? 14.979  -8.644  5.590   1.00 58.25  ? 124 HOH P O     1 
HETATM 1261 O O     . HOH G 5 .  ? 4.574   8.642   -3.460  1.00 56.59  ? 126 HOH P O     1 
HETATM 1262 O O     . HOH G 5 .  ? 6.268   0.468   10.256  1.00 47.19  ? 127 HOH P O     1 
HETATM 1263 O O     . HOH G 5 .  ? 11.816  11.122  10.516  1.00 52.62  ? 128 HOH P O     1 
# 
